data_8XVB
#
_entry.id   8XVB
#
_cell.length_a   1.00
_cell.length_b   1.00
_cell.length_c   1.00
_cell.angle_alpha   90.00
_cell.angle_beta   90.00
_cell.angle_gamma   90.00
#
_symmetry.space_group_name_H-M   'P 1'
#
loop_
_entity.id
_entity.type
_entity.pdbx_description
1 polymer "DNA (5'-D(P*AP*AP*AP*AP*AP*AP*AP*AP*AP*AP*AP*AP*AP*AP*AP*AP*AP*AP*AP*AP*AP*AP*AP*A)-3')"
2 polymer 'ATP-dependent target DNA activator B'
3 polymer "DNA (5'-D(P*TP*TP*TP*TP*TP*TP*TP*TP*TP*TP*TP*TP*TP*TP*TP*TP*TP*TP*TP*TP*TP*TP*TP*T)-3')"
4 non-polymer "ADENOSINE-5'-TRIPHOSPHATE"
#
loop_
_entity_poly.entity_id
_entity_poly.type
_entity_poly.pdbx_seq_one_letter_code
_entity_poly.pdbx_strand_id
1 'polydeoxyribonucleotide'
;(DA)(DA)(DA)(DA)(DA)(DA)(DA)(DA)(DA)(DA)(DA)(DA)(DA)(DA)(DA)(DA)(DA)(DA)(DA)(DA)
(DA)(DA)(DA)(DA)
;
I
2 'polypeptide(L)'
;MNISDIRAGLRTLVENEETTFKQIALESGLSTGTISSFINDKYNGDNERVSQMLQRWLEKYHAVAELPEPPRFVETQTVK
QIWTSMRFASLTESIAVVCGNPGVGKTEAAREYRRTNNNVWMITITPSCASVLECLTELAFELGMNDAPRRKGPLSRALR
RRLEGTQGLVIIDEADHLGAEVLEELRLLQESTRIGLVLMGNHRVYSNMTGGNRTVEFARLFSRIAKRTAINKTKKADVK
AIADAWQINGEKELELLQQIAQKPGALRILNHSLRLAAMTAHGKGERVNEDYLRQAFRELDLDVDISTLLRN
;
A,B,C,D,E,F,G,H
3 'polydeoxyribonucleotide'
;(DT)(DT)(DT)(DT)(DT)(DT)(DT)(DT)(DT)(DT)(DT)(DT)(DT)(DT)(DT)(DT)(DT)(DT)(DT)(DT)
(DT)(DT)(DT)(DT)
;
J
#
# COMPACT_ATOMS: atom_id res chain seq x y z
N LEU B 67 -13.11 -19.43 -57.93
CA LEU B 67 -12.46 -20.73 -58.02
C LEU B 67 -10.97 -20.72 -57.61
N PRO B 68 -10.17 -19.77 -58.13
CA PRO B 68 -8.77 -19.71 -57.70
C PRO B 68 -8.66 -19.27 -56.23
N GLU B 69 -7.56 -19.67 -55.61
CA GLU B 69 -7.32 -19.34 -54.22
C GLU B 69 -7.12 -17.83 -54.06
N PRO B 70 -7.57 -17.27 -52.93
CA PRO B 70 -7.40 -15.84 -52.72
C PRO B 70 -5.94 -15.47 -52.61
N PRO B 71 -5.54 -14.28 -53.06
CA PRO B 71 -4.15 -13.84 -52.91
C PRO B 71 -3.89 -13.40 -51.46
N ARG B 72 -2.87 -14.00 -50.84
CA ARG B 72 -2.56 -13.67 -49.46
C ARG B 72 -2.10 -12.22 -49.32
N PHE B 73 -1.31 -11.74 -50.27
CA PHE B 73 -0.77 -10.38 -50.22
C PHE B 73 -0.59 -9.85 -51.62
N VAL B 74 -0.99 -8.61 -51.83
CA VAL B 74 -0.84 -7.92 -53.11
C VAL B 74 -0.09 -6.62 -52.88
N GLU B 75 0.91 -6.37 -53.72
CA GLU B 75 1.79 -5.21 -53.58
C GLU B 75 1.06 -3.98 -54.10
N THR B 76 0.34 -3.31 -53.20
CA THR B 76 -0.40 -2.10 -53.56
C THR B 76 0.52 -0.88 -53.53
N GLN B 77 -0.03 0.26 -53.96
CA GLN B 77 0.75 1.50 -53.94
C GLN B 77 1.07 1.93 -52.52
N THR B 78 0.10 1.78 -51.61
CA THR B 78 0.36 2.09 -50.20
C THR B 78 1.44 1.16 -49.64
N VAL B 79 1.39 -0.11 -50.01
CA VAL B 79 2.42 -1.05 -49.59
C VAL B 79 3.78 -0.62 -50.12
N LYS B 80 3.83 -0.16 -51.38
CA LYS B 80 5.10 0.29 -51.95
C LYS B 80 5.64 1.51 -51.21
N GLN B 81 4.78 2.48 -50.89
CA GLN B 81 5.23 3.65 -50.15
C GLN B 81 5.72 3.28 -48.76
N ILE B 82 4.98 2.40 -48.08
CA ILE B 82 5.40 1.96 -46.75
C ILE B 82 6.74 1.25 -46.82
N TRP B 83 6.91 0.37 -47.81
CA TRP B 83 8.17 -0.35 -47.97
C TRP B 83 9.32 0.61 -48.28
N THR B 84 9.05 1.64 -49.08
CA THR B 84 10.08 2.66 -49.31
C THR B 84 10.48 3.32 -48.00
N SER B 85 9.50 3.61 -47.14
CA SER B 85 9.82 4.17 -45.83
C SER B 85 10.66 3.20 -45.01
N MET B 86 10.33 1.91 -45.05
CA MET B 86 11.11 0.92 -44.29
C MET B 86 12.54 0.84 -44.79
N ARG B 87 12.72 0.83 -46.11
CA ARG B 87 14.08 0.79 -46.67
C ARG B 87 14.85 2.04 -46.31
N PHE B 88 14.19 3.21 -46.34
CA PHE B 88 14.85 4.44 -45.95
C PHE B 88 15.26 4.41 -44.49
N ALA B 89 14.41 3.88 -43.62
CA ALA B 89 14.74 3.78 -42.21
C ALA B 89 15.90 2.83 -41.98
N SER B 90 15.93 1.72 -42.72
CA SER B 90 17.01 0.74 -42.54
C SER B 90 18.32 1.25 -43.12
N LEU B 91 18.27 2.08 -44.16
CA LEU B 91 19.49 2.59 -44.79
C LEU B 91 20.04 3.78 -44.02
N THR B 92 19.22 4.82 -43.83
CA THR B 92 19.64 6.00 -43.07
C THR B 92 19.89 5.68 -41.61
N GLU B 93 19.39 4.54 -41.12
CA GLU B 93 19.58 4.12 -39.72
C GLU B 93 19.01 5.17 -38.76
N SER B 94 17.84 5.69 -39.09
CA SER B 94 17.16 6.66 -38.26
C SER B 94 15.69 6.29 -38.14
N ILE B 95 15.06 6.78 -37.07
CA ILE B 95 13.68 6.40 -36.76
C ILE B 95 12.74 6.92 -37.84
N ALA B 96 11.79 6.09 -38.25
CA ALA B 96 10.76 6.45 -39.22
C ALA B 96 9.39 6.15 -38.63
N VAL B 97 8.41 6.94 -39.04
CA VAL B 97 7.03 6.81 -38.56
C VAL B 97 6.13 6.51 -39.74
N VAL B 98 5.33 5.45 -39.63
CA VAL B 98 4.33 5.10 -40.64
C VAL B 98 3.00 4.98 -39.90
N CYS B 99 2.27 6.09 -39.80
CA CYS B 99 1.01 6.13 -39.07
C CYS B 99 -0.11 6.52 -40.02
N GLY B 100 -1.23 5.81 -39.92
CA GLY B 100 -2.36 6.05 -40.80
C GLY B 100 -3.66 5.61 -40.16
N ASN B 101 -4.75 5.81 -40.89
CA ASN B 101 -6.06 5.44 -40.42
C ASN B 101 -6.19 3.92 -40.36
N PRO B 102 -7.14 3.41 -39.58
CA PRO B 102 -7.32 1.95 -39.49
C PRO B 102 -7.65 1.33 -40.84
N GLY B 103 -7.17 0.11 -41.04
CA GLY B 103 -7.46 -0.64 -42.25
C GLY B 103 -6.91 -0.05 -43.53
N VAL B 104 -5.64 0.35 -43.52
CA VAL B 104 -4.99 0.87 -44.71
C VAL B 104 -3.85 0.00 -45.21
N GLY B 105 -3.43 -1.00 -44.44
CA GLY B 105 -2.40 -1.93 -44.88
C GLY B 105 -1.06 -1.80 -44.21
N LYS B 106 -0.94 -1.06 -43.11
CA LYS B 106 0.36 -0.86 -42.47
C LYS B 106 0.87 -2.15 -41.83
N THR B 107 0.01 -2.83 -41.07
CA THR B 107 0.45 -4.03 -40.36
C THR B 107 0.83 -5.15 -41.33
N GLU B 108 0.01 -5.35 -42.38
CA GLU B 108 0.33 -6.38 -43.35
C GLU B 108 1.57 -6.02 -44.17
N ALA B 109 1.75 -4.74 -44.47
CA ALA B 109 2.98 -4.33 -45.15
C ALA B 109 4.20 -4.62 -44.30
N ALA B 110 4.13 -4.34 -43.00
CA ALA B 110 5.23 -4.65 -42.10
C ALA B 110 5.48 -6.16 -42.03
N ARG B 111 4.40 -6.95 -41.96
CA ARG B 111 4.56 -8.40 -41.90
C ARG B 111 5.20 -8.93 -43.17
N GLU B 112 4.78 -8.45 -44.33
CA GLU B 112 5.36 -8.91 -45.58
C GLU B 112 6.82 -8.46 -45.72
N TYR B 113 7.13 -7.26 -45.24
CA TYR B 113 8.52 -6.81 -45.24
C TYR B 113 9.38 -7.69 -44.34
N ARG B 114 8.85 -8.08 -43.17
CA ARG B 114 9.58 -8.98 -42.29
C ARG B 114 9.78 -10.34 -42.94
N ARG B 115 8.75 -10.83 -43.66
CA ARG B 115 8.85 -12.14 -44.30
C ARG B 115 9.86 -12.13 -45.44
N THR B 116 9.87 -11.07 -46.25
CA THR B 116 10.67 -11.05 -47.47
C THR B 116 12.07 -10.48 -47.27
N ASN B 117 12.38 -9.90 -46.11
CA ASN B 117 13.68 -9.29 -45.88
C ASN B 117 14.34 -9.91 -44.66
N ASN B 118 15.63 -10.20 -44.78
CA ASN B 118 16.40 -10.74 -43.67
C ASN B 118 16.81 -9.62 -42.72
N ASN B 119 17.13 -10.01 -41.48
CA ASN B 119 17.53 -9.08 -40.43
C ASN B 119 16.49 -7.98 -40.23
N VAL B 120 15.22 -8.36 -40.25
CA VAL B 120 14.12 -7.43 -40.00
C VAL B 120 13.24 -8.05 -38.91
N TRP B 121 13.03 -7.30 -37.84
CA TRP B 121 12.30 -7.79 -36.67
C TRP B 121 11.11 -6.89 -36.41
N MET B 122 9.94 -7.50 -36.21
CA MET B 122 8.69 -6.79 -36.01
C MET B 122 8.03 -7.25 -34.72
N ILE B 123 7.60 -6.28 -33.91
CA ILE B 123 6.83 -6.57 -32.71
C ILE B 123 5.61 -5.65 -32.70
N THR B 124 4.59 -6.06 -31.96
CA THR B 124 3.40 -5.26 -31.75
C THR B 124 3.31 -4.85 -30.29
N ILE B 125 2.71 -3.69 -30.04
CA ILE B 125 2.67 -3.14 -28.70
C ILE B 125 1.26 -3.19 -28.15
N THR B 126 0.94 -4.26 -27.42
CA THR B 126 -0.29 -4.33 -26.66
C THR B 126 -0.17 -3.47 -25.41
N PRO B 127 -1.29 -3.05 -24.83
CA PRO B 127 -1.23 -2.28 -23.57
C PRO B 127 -0.54 -3.02 -22.44
N SER B 128 -0.47 -4.35 -22.49
CA SER B 128 0.31 -5.09 -21.50
C SER B 128 1.81 -4.97 -21.76
N CYS B 129 2.21 -4.87 -23.03
CA CYS B 129 3.61 -4.72 -23.41
C CYS B 129 3.99 -3.26 -23.63
N ALA B 130 3.37 -2.34 -22.89
CA ALA B 130 3.63 -0.92 -23.02
C ALA B 130 4.60 -0.41 -21.96
N SER B 131 5.27 -1.30 -21.23
CA SER B 131 6.31 -0.93 -20.29
C SER B 131 7.66 -1.37 -20.84
N VAL B 132 8.72 -0.78 -20.28
CA VAL B 132 10.07 -0.98 -20.82
C VAL B 132 10.45 -2.45 -20.76
N LEU B 133 10.23 -3.09 -19.61
CA LEU B 133 10.62 -4.49 -19.46
C LEU B 133 9.85 -5.38 -20.42
N GLU B 134 8.54 -5.20 -20.51
CA GLU B 134 7.73 -6.06 -21.36
C GLU B 134 7.99 -5.80 -22.84
N CYS B 135 8.18 -4.53 -23.22
CA CYS B 135 8.50 -4.22 -24.61
C CYS B 135 9.85 -4.81 -25.01
N LEU B 136 10.85 -4.69 -24.13
CA LEU B 136 12.15 -5.28 -24.43
C LEU B 136 12.06 -6.80 -24.49
N THR B 137 11.25 -7.42 -23.63
CA THR B 137 11.05 -8.86 -23.69
C THR B 137 10.37 -9.27 -25.00
N GLU B 138 9.40 -8.49 -25.46
CA GLU B 138 8.77 -8.76 -26.75
C GLU B 138 9.79 -8.68 -27.87
N LEU B 139 10.64 -7.65 -27.85
CA LEU B 139 11.66 -7.52 -28.88
C LEU B 139 12.64 -8.67 -28.84
N ALA B 140 13.03 -9.11 -27.64
CA ALA B 140 13.94 -10.24 -27.52
C ALA B 140 13.31 -11.52 -28.03
N PHE B 141 12.03 -11.74 -27.71
CA PHE B 141 11.33 -12.92 -28.20
C PHE B 141 11.22 -12.91 -29.73
N GLU B 142 11.04 -11.72 -30.30
CA GLU B 142 11.08 -11.60 -31.76
C GLU B 142 12.46 -11.93 -32.29
N LEU B 143 13.52 -11.56 -31.56
CA LEU B 143 14.88 -11.85 -31.96
C LEU B 143 15.24 -13.33 -31.85
N GLY B 144 14.38 -14.13 -31.24
CA GLY B 144 14.68 -15.53 -30.98
C GLY B 144 15.44 -15.78 -29.70
N MET B 145 15.66 -14.75 -28.89
CA MET B 145 16.37 -14.89 -27.61
C MET B 145 15.37 -15.36 -26.54
N ASN B 146 15.02 -16.64 -26.64
CA ASN B 146 14.04 -17.23 -25.72
C ASN B 146 14.56 -17.32 -24.29
N ASP B 147 15.87 -17.15 -24.07
CA ASP B 147 16.47 -17.17 -22.74
C ASP B 147 16.94 -15.80 -22.30
N ALA B 148 16.23 -14.75 -22.71
CA ALA B 148 16.62 -13.39 -22.38
C ALA B 148 16.44 -13.12 -20.89
N PRO B 149 17.28 -12.27 -20.31
CA PRO B 149 17.11 -11.92 -18.89
C PRO B 149 15.82 -11.17 -18.64
N ARG B 150 15.29 -11.33 -17.44
CA ARG B 150 14.00 -10.76 -17.06
C ARG B 150 14.13 -9.41 -16.37
N ARG B 151 15.34 -8.87 -16.25
CA ARG B 151 15.55 -7.54 -15.68
C ARG B 151 15.71 -6.52 -16.80
N LYS B 152 15.51 -5.25 -16.44
CA LYS B 152 15.58 -4.18 -17.44
C LYS B 152 16.97 -4.05 -18.03
N GLY B 153 17.99 -3.92 -17.17
CA GLY B 153 19.33 -3.65 -17.61
C GLY B 153 19.99 -4.77 -18.39
N PRO B 154 20.00 -5.99 -17.83
CA PRO B 154 20.55 -7.12 -18.59
C PRO B 154 19.84 -7.36 -19.90
N LEU B 155 18.51 -7.19 -19.94
CA LEU B 155 17.80 -7.36 -21.19
C LEU B 155 18.17 -6.28 -22.20
N SER B 156 18.32 -5.03 -21.73
CA SER B 156 18.74 -3.97 -22.63
C SER B 156 20.13 -4.23 -23.20
N ARG B 157 21.05 -4.71 -22.36
CA ARG B 157 22.40 -5.00 -22.83
C ARG B 157 22.41 -6.18 -23.79
N ALA B 158 21.59 -7.20 -23.52
CA ALA B 158 21.49 -8.32 -24.43
C ALA B 158 20.93 -7.90 -25.79
N LEU B 159 19.92 -7.03 -25.78
CA LEU B 159 19.39 -6.51 -27.03
C LEU B 159 20.42 -5.67 -27.76
N ARG B 160 21.19 -4.87 -27.02
CA ARG B 160 22.26 -4.08 -27.64
C ARG B 160 23.28 -4.98 -28.32
N ARG B 161 23.65 -6.08 -27.65
CA ARG B 161 24.65 -6.98 -28.22
C ARG B 161 24.11 -7.74 -29.43
N ARG B 162 22.85 -8.20 -29.34
CA ARG B 162 22.30 -9.02 -30.41
C ARG B 162 21.96 -8.20 -31.64
N LEU B 163 21.36 -7.01 -31.45
CA LEU B 163 20.94 -6.18 -32.56
C LEU B 163 22.09 -5.45 -33.24
N GLU B 164 23.21 -5.29 -32.57
CA GLU B 164 24.32 -4.51 -33.11
C GLU B 164 25.01 -5.25 -34.24
N GLY B 165 25.48 -4.49 -35.22
CA GLY B 165 26.21 -5.05 -36.35
C GLY B 165 25.35 -5.70 -37.40
N THR B 166 24.02 -5.53 -37.34
CA THR B 166 23.12 -6.13 -38.30
C THR B 166 22.50 -5.14 -39.26
N GLN B 167 22.48 -3.85 -38.93
CA GLN B 167 21.79 -2.82 -39.72
C GLN B 167 20.34 -3.22 -39.95
N GLY B 168 19.71 -3.76 -38.91
CA GLY B 168 18.38 -4.31 -39.03
C GLY B 168 17.31 -3.25 -39.08
N LEU B 169 16.09 -3.67 -38.74
CA LEU B 169 14.93 -2.79 -38.76
C LEU B 169 13.93 -3.28 -37.73
N VAL B 170 13.89 -2.64 -36.57
CA VAL B 170 12.96 -3.00 -35.52
C VAL B 170 11.64 -2.27 -35.78
N ILE B 171 10.62 -3.04 -36.15
CA ILE B 171 9.34 -2.49 -36.58
C ILE B 171 8.41 -2.48 -35.38
N ILE B 172 8.11 -1.29 -34.86
CA ILE B 172 7.27 -1.16 -33.67
C ILE B 172 5.85 -0.90 -34.16
N ASP B 173 5.09 -1.98 -34.31
CA ASP B 173 3.68 -1.85 -34.64
C ASP B 173 2.89 -1.37 -33.43
N GLU B 174 1.84 -0.60 -33.70
CA GLU B 174 1.00 -0.02 -32.64
C GLU B 174 1.83 0.80 -31.66
N ALA B 175 2.74 1.62 -32.19
CA ALA B 175 3.66 2.38 -31.35
C ALA B 175 2.97 3.50 -30.59
N ASP B 176 1.71 3.82 -30.88
CA ASP B 176 0.99 4.83 -30.14
C ASP B 176 0.72 4.43 -28.69
N HIS B 177 0.82 3.15 -28.36
CA HIS B 177 0.63 2.70 -26.98
C HIS B 177 1.85 2.95 -26.11
N LEU B 178 3.00 3.19 -26.72
CA LEU B 178 4.22 3.39 -25.96
C LEU B 178 4.17 4.73 -25.21
N GLY B 179 4.61 4.72 -23.97
CA GLY B 179 4.74 5.94 -23.20
C GLY B 179 6.02 6.66 -23.51
N ALA B 180 6.29 7.71 -22.73
CA ALA B 180 7.54 8.44 -22.89
C ALA B 180 8.75 7.57 -22.56
N GLU B 181 8.64 6.79 -21.49
CA GLU B 181 9.76 5.97 -21.04
C GLU B 181 10.13 4.91 -22.08
N VAL B 182 9.14 4.20 -22.61
CA VAL B 182 9.42 3.09 -23.51
C VAL B 182 9.91 3.61 -24.86
N LEU B 183 9.28 4.66 -25.38
CA LEU B 183 9.76 5.27 -26.63
C LEU B 183 11.16 5.81 -26.45
N GLU B 184 11.45 6.38 -25.29
CA GLU B 184 12.79 6.89 -25.00
C GLU B 184 13.81 5.76 -24.98
N GLU B 185 13.46 4.64 -24.34
CA GLU B 185 14.36 3.49 -24.31
C GLU B 185 14.60 2.94 -25.71
N LEU B 186 13.54 2.84 -26.52
CA LEU B 186 13.69 2.35 -27.88
C LEU B 186 14.55 3.28 -28.72
N ARG B 187 14.37 4.60 -28.53
CA ARG B 187 15.20 5.57 -29.24
C ARG B 187 16.67 5.42 -28.88
N LEU B 188 16.96 5.27 -27.59
CA LEU B 188 18.35 5.09 -27.17
C LEU B 188 18.92 3.76 -27.65
N LEU B 189 18.09 2.73 -27.68
CA LEU B 189 18.53 1.44 -28.23
C LEU B 189 18.89 1.56 -29.70
N GLN B 190 18.06 2.26 -30.48
CA GLN B 190 18.36 2.48 -31.88
C GLN B 190 19.63 3.31 -32.05
N GLU B 191 19.80 4.33 -31.21
CA GLU B 191 20.97 5.19 -31.33
C GLU B 191 22.26 4.44 -31.02
N SER B 192 22.26 3.65 -29.95
CA SER B 192 23.44 2.92 -29.55
C SER B 192 23.60 1.60 -30.30
N THR B 193 22.65 1.25 -31.16
CA THR B 193 22.72 0.02 -31.94
C THR B 193 22.91 0.27 -33.43
N ARG B 194 22.55 1.47 -33.92
CA ARG B 194 22.68 1.83 -35.34
C ARG B 194 21.80 0.92 -36.20
N ILE B 195 20.49 1.01 -35.97
CA ILE B 195 19.48 0.29 -36.73
C ILE B 195 18.38 1.26 -37.12
N GLY B 196 17.35 0.73 -37.77
CA GLY B 196 16.21 1.53 -38.15
C GLY B 196 14.96 1.19 -37.37
N LEU B 197 14.41 2.16 -36.65
CA LEU B 197 13.21 1.96 -35.84
C LEU B 197 12.02 2.54 -36.59
N VAL B 198 11.03 1.69 -36.87
CA VAL B 198 9.83 2.10 -37.59
C VAL B 198 8.65 2.00 -36.64
N LEU B 199 7.98 3.12 -36.42
CA LEU B 199 6.84 3.20 -35.51
C LEU B 199 5.56 3.35 -36.33
N MET B 200 4.59 2.46 -36.08
CA MET B 200 3.28 2.53 -36.73
C MET B 200 2.18 2.76 -35.68
N GLY B 201 0.95 2.81 -36.17
CA GLY B 201 -0.19 3.12 -35.33
C GLY B 201 -1.18 4.03 -36.02
N ASN B 202 -1.72 5.00 -35.28
CA ASN B 202 -2.64 6.00 -35.81
C ASN B 202 -2.02 7.38 -35.64
N HIS B 203 -2.83 8.42 -35.86
CA HIS B 203 -2.36 9.79 -35.75
C HIS B 203 -1.81 10.11 -34.36
N ARG B 204 -2.19 9.33 -33.34
CA ARG B 204 -1.71 9.58 -31.99
C ARG B 204 -0.21 9.32 -31.86
N VAL B 205 0.39 8.60 -32.81
CA VAL B 205 1.84 8.39 -32.78
C VAL B 205 2.57 9.72 -32.84
N TYR B 206 2.15 10.59 -33.76
CA TYR B 206 2.74 11.92 -33.86
C TYR B 206 2.13 12.87 -32.85
N SER B 207 0.83 12.74 -32.56
CA SER B 207 0.18 13.61 -31.60
C SER B 207 0.74 13.44 -30.19
N ASN B 208 1.38 12.31 -29.91
CA ASN B 208 2.02 12.13 -28.61
C ASN B 208 3.30 12.93 -28.49
N MET B 209 3.93 13.29 -29.61
CA MET B 209 5.20 14.01 -29.60
C MET B 209 5.04 15.49 -29.89
N THR B 210 3.81 16.02 -29.80
CA THR B 210 3.55 17.42 -30.12
C THR B 210 2.31 17.86 -29.38
N GLY B 211 2.26 19.14 -29.01
CA GLY B 211 1.08 19.68 -28.38
C GLY B 211 1.29 20.34 -27.03
N GLY B 212 2.49 20.85 -26.77
CA GLY B 212 2.75 21.55 -25.53
C GLY B 212 3.98 21.05 -24.80
N ASN B 213 3.79 20.50 -23.60
CA ASN B 213 4.89 19.90 -22.87
C ASN B 213 5.44 18.67 -23.55
N ARG B 214 4.67 18.09 -24.48
CA ARG B 214 5.11 16.88 -25.16
C ARG B 214 6.10 17.13 -26.29
N THR B 215 6.27 18.38 -26.73
CA THR B 215 7.26 18.69 -27.75
C THR B 215 8.63 19.01 -27.18
N VAL B 216 8.74 19.17 -25.85
CA VAL B 216 10.04 19.35 -25.21
C VAL B 216 10.50 18.10 -24.48
N GLU B 217 9.59 17.26 -23.99
CA GLU B 217 9.99 15.97 -23.44
C GLU B 217 10.37 15.00 -24.55
N PHE B 218 9.60 14.99 -25.64
CA PHE B 218 9.88 14.15 -26.79
C PHE B 218 10.75 14.86 -27.83
N ALA B 219 11.52 15.87 -27.43
CA ALA B 219 12.28 16.66 -28.39
C ALA B 219 13.32 15.81 -29.11
N ARG B 220 14.09 15.02 -28.36
CA ARG B 220 15.12 14.19 -28.97
C ARG B 220 14.50 13.13 -29.88
N LEU B 221 13.43 12.47 -29.42
CA LEU B 221 12.78 11.44 -30.23
C LEU B 221 12.21 12.03 -31.51
N PHE B 222 11.61 13.22 -31.42
CA PHE B 222 11.13 13.92 -32.60
C PHE B 222 12.28 14.25 -33.54
N SER B 223 13.42 14.65 -32.98
CA SER B 223 14.58 14.96 -33.81
C SER B 223 15.11 13.72 -34.52
N ARG B 224 14.96 12.54 -33.90
CA ARG B 224 15.49 11.33 -34.52
C ARG B 224 14.71 10.96 -35.78
N ILE B 225 13.44 11.37 -35.85
CA ILE B 225 12.53 10.92 -36.90
C ILE B 225 13.04 11.36 -38.27
N ALA B 226 13.42 10.41 -39.10
CA ALA B 226 13.94 10.73 -40.43
C ALA B 226 12.81 10.96 -41.43
N LYS B 227 12.00 9.93 -41.68
CA LYS B 227 10.92 10.01 -42.64
C LYS B 227 9.61 9.59 -41.98
N ARG B 228 8.57 10.40 -42.18
CA ARG B 228 7.23 10.11 -41.66
C ARG B 228 6.26 10.03 -42.83
N THR B 229 5.47 8.96 -42.87
CA THR B 229 4.57 8.69 -43.98
C THR B 229 3.14 8.67 -43.47
N ALA B 230 2.26 9.38 -44.17
CA ALA B 230 0.85 9.47 -43.82
C ALA B 230 0.04 8.62 -44.78
N ILE B 231 -0.79 7.74 -44.23
CA ILE B 231 -1.72 6.92 -45.03
C ILE B 231 -3.12 7.28 -44.55
N ASN B 232 -3.74 8.26 -45.19
CA ASN B 232 -5.08 8.66 -44.79
C ASN B 232 -6.11 7.61 -45.17
N LYS B 233 -6.23 7.34 -46.47
CA LYS B 233 -7.14 6.33 -46.98
C LYS B 233 -6.47 5.58 -48.11
N THR B 234 -6.94 4.36 -48.35
CA THR B 234 -6.41 3.56 -49.44
C THR B 234 -6.69 4.24 -50.77
N LYS B 235 -5.65 4.31 -51.62
CA LYS B 235 -5.77 5.00 -52.89
C LYS B 235 -6.47 4.13 -53.92
N LYS B 236 -6.83 4.75 -55.04
CA LYS B 236 -7.47 4.01 -56.13
C LYS B 236 -6.53 2.96 -56.71
N ALA B 237 -5.23 3.24 -56.74
CA ALA B 237 -4.27 2.24 -57.22
C ALA B 237 -4.27 1.00 -56.34
N ASP B 238 -4.46 1.19 -55.03
CA ASP B 238 -4.48 0.05 -54.12
C ASP B 238 -5.63 -0.90 -54.46
N VAL B 239 -6.85 -0.38 -54.56
CA VAL B 239 -8.00 -1.22 -54.86
C VAL B 239 -7.91 -1.75 -56.27
N LYS B 240 -7.30 -1.00 -57.20
CA LYS B 240 -7.11 -1.51 -58.56
C LYS B 240 -6.19 -2.73 -58.55
N ALA B 241 -5.09 -2.66 -57.82
CA ALA B 241 -4.18 -3.80 -57.73
C ALA B 241 -4.86 -4.98 -57.04
N ILE B 242 -5.64 -4.71 -56.01
CA ILE B 242 -6.34 -5.78 -55.30
C ILE B 242 -7.34 -6.46 -56.23
N ALA B 243 -8.09 -5.68 -57.01
CA ALA B 243 -9.02 -6.27 -57.97
C ALA B 243 -8.29 -7.07 -59.03
N ASP B 244 -7.15 -6.56 -59.50
CA ASP B 244 -6.37 -7.31 -60.49
C ASP B 244 -5.88 -8.64 -59.93
N ALA B 245 -5.44 -8.64 -58.67
CA ALA B 245 -5.05 -9.89 -58.03
C ALA B 245 -6.24 -10.79 -57.73
N TRP B 246 -7.45 -10.22 -57.64
CA TRP B 246 -8.66 -10.98 -57.37
C TRP B 246 -9.40 -11.38 -58.64
N GLN B 247 -8.86 -11.06 -59.81
CA GLN B 247 -9.47 -11.36 -61.10
C GLN B 247 -10.86 -10.70 -61.21
N ILE B 248 -10.87 -9.38 -61.07
CA ILE B 248 -12.08 -8.58 -61.18
C ILE B 248 -11.85 -7.55 -62.27
N ASN B 249 -12.76 -7.53 -63.26
CA ASN B 249 -12.64 -6.64 -64.41
C ASN B 249 -13.83 -5.73 -64.62
N GLY B 250 -15.01 -6.09 -64.12
CA GLY B 250 -16.20 -5.28 -64.31
C GLY B 250 -16.07 -3.88 -63.74
N GLU B 251 -16.48 -2.88 -64.53
CA GLU B 251 -16.42 -1.49 -64.07
C GLU B 251 -17.32 -1.27 -62.86
N LYS B 252 -18.51 -1.87 -62.86
CA LYS B 252 -19.39 -1.77 -61.71
C LYS B 252 -18.77 -2.40 -60.48
N GLU B 253 -18.10 -3.56 -60.65
CA GLU B 253 -17.42 -4.19 -59.53
C GLU B 253 -16.29 -3.31 -59.01
N LEU B 254 -15.54 -2.68 -59.91
CA LEU B 254 -14.46 -1.78 -59.48
C LEU B 254 -15.01 -0.58 -58.72
N GLU B 255 -16.11 -0.01 -59.21
CA GLU B 255 -16.72 1.11 -58.51
C GLU B 255 -17.23 0.69 -57.13
N LEU B 256 -17.83 -0.50 -57.03
CA LEU B 256 -18.29 -0.99 -55.74
C LEU B 256 -17.13 -1.19 -54.78
N LEU B 257 -16.01 -1.76 -55.27
CA LEU B 257 -14.84 -1.93 -54.42
C LEU B 257 -14.29 -0.59 -53.95
N GLN B 258 -14.27 0.40 -54.86
CA GLN B 258 -13.79 1.73 -54.49
C GLN B 258 -14.68 2.36 -53.43
N GLN B 259 -16.01 2.19 -53.57
CA GLN B 259 -16.92 2.70 -52.55
C GLN B 259 -16.73 1.98 -51.22
N ILE B 260 -16.48 0.68 -51.27
CA ILE B 260 -16.20 -0.08 -50.04
C ILE B 260 -14.94 0.44 -49.37
N ALA B 261 -13.95 0.82 -50.17
CA ALA B 261 -12.69 1.30 -49.60
C ALA B 261 -12.89 2.56 -48.76
N GLN B 262 -13.71 3.49 -49.22
CA GLN B 262 -13.87 4.75 -48.51
C GLN B 262 -14.56 4.59 -47.15
N LYS B 263 -15.14 3.42 -46.87
CA LYS B 263 -15.75 3.17 -45.58
C LYS B 263 -14.69 3.09 -44.49
N PRO B 264 -15.05 3.36 -43.23
CA PRO B 264 -14.09 3.22 -42.14
C PRO B 264 -13.57 1.79 -42.06
N GLY B 265 -12.29 1.67 -41.72
CA GLY B 265 -11.62 0.39 -41.81
C GLY B 265 -11.53 -0.04 -43.25
N ALA B 266 -10.94 0.83 -44.07
CA ALA B 266 -10.96 0.72 -45.53
C ALA B 266 -10.65 -0.68 -46.04
N LEU B 267 -9.42 -1.13 -45.80
CA LEU B 267 -8.99 -2.38 -46.39
C LEU B 267 -9.45 -3.59 -45.59
N ARG B 268 -9.71 -3.44 -44.29
CA ARG B 268 -10.33 -4.51 -43.54
C ARG B 268 -11.70 -4.86 -44.13
N ILE B 269 -12.52 -3.84 -44.36
CA ILE B 269 -13.84 -4.05 -44.95
C ILE B 269 -13.70 -4.55 -46.39
N LEU B 270 -12.74 -4.01 -47.14
CA LEU B 270 -12.54 -4.47 -48.51
C LEU B 270 -12.21 -5.96 -48.55
N ASN B 271 -11.27 -6.40 -47.70
CA ASN B 271 -10.88 -7.80 -47.66
C ASN B 271 -12.03 -8.68 -47.19
N HIS B 272 -12.76 -8.23 -46.16
CA HIS B 272 -13.88 -9.02 -45.66
C HIS B 272 -14.94 -9.22 -46.74
N SER B 273 -15.29 -8.13 -47.44
CA SER B 273 -16.30 -8.23 -48.50
C SER B 273 -15.81 -9.13 -49.63
N LEU B 274 -14.56 -8.98 -50.05
CA LEU B 274 -14.04 -9.81 -51.13
C LEU B 274 -14.04 -11.28 -50.75
N ARG B 275 -13.59 -11.60 -49.52
CA ARG B 275 -13.54 -12.99 -49.09
C ARG B 275 -14.95 -13.58 -48.97
N LEU B 276 -15.90 -12.82 -48.42
CA LEU B 276 -17.26 -13.33 -48.31
C LEU B 276 -17.88 -13.56 -49.68
N ALA B 277 -17.68 -12.62 -50.62
CA ALA B 277 -18.22 -12.79 -51.96
C ALA B 277 -17.60 -14.00 -52.65
N ALA B 278 -16.29 -14.18 -52.51
CA ALA B 278 -15.64 -15.34 -53.11
C ALA B 278 -16.14 -16.64 -52.51
N MET B 279 -16.32 -16.68 -51.18
CA MET B 279 -16.81 -17.88 -50.54
C MET B 279 -18.23 -18.20 -50.99
N THR B 280 -19.09 -17.19 -51.08
CA THR B 280 -20.46 -17.42 -51.52
C THR B 280 -20.50 -17.88 -52.98
N ALA B 281 -19.68 -17.29 -53.84
CA ALA B 281 -19.63 -17.71 -55.24
C ALA B 281 -19.12 -19.13 -55.37
N HIS B 282 -18.09 -19.50 -54.59
CA HIS B 282 -17.58 -20.86 -54.63
C HIS B 282 -18.62 -21.85 -54.12
N GLY B 283 -19.36 -21.48 -53.08
CA GLY B 283 -20.45 -22.34 -52.61
C GLY B 283 -21.53 -22.53 -53.65
N LYS B 284 -21.89 -21.45 -54.34
CA LYS B 284 -22.89 -21.53 -55.40
C LYS B 284 -22.30 -21.96 -56.75
N GLY B 285 -20.98 -22.06 -56.86
CA GLY B 285 -20.36 -22.50 -58.08
C GLY B 285 -20.34 -21.48 -59.20
N GLU B 286 -20.49 -20.20 -58.89
CA GLU B 286 -20.49 -19.14 -59.88
C GLU B 286 -19.27 -18.26 -59.72
N ARG B 287 -19.11 -17.33 -60.66
CA ARG B 287 -18.02 -16.36 -60.61
C ARG B 287 -18.42 -15.14 -59.80
N VAL B 288 -17.43 -14.50 -59.19
CA VAL B 288 -17.69 -13.32 -58.38
C VAL B 288 -18.04 -12.15 -59.29
N ASN B 289 -19.15 -11.49 -58.98
CA ASN B 289 -19.62 -10.34 -59.75
C ASN B 289 -20.05 -9.25 -58.78
N GLU B 290 -20.72 -8.22 -59.31
CA GLU B 290 -21.14 -7.10 -58.49
C GLU B 290 -22.20 -7.51 -57.47
N ASP B 291 -23.02 -8.51 -57.79
CA ASP B 291 -24.09 -8.92 -56.88
C ASP B 291 -23.53 -9.49 -55.58
N TYR B 292 -22.51 -10.35 -55.69
CA TYR B 292 -21.94 -10.96 -54.49
C TYR B 292 -21.21 -9.92 -53.63
N LEU B 293 -20.48 -9.00 -54.28
CA LEU B 293 -19.82 -7.93 -53.53
C LEU B 293 -20.84 -7.05 -52.83
N ARG B 294 -21.94 -6.71 -53.52
CA ARG B 294 -22.98 -5.89 -52.90
C ARG B 294 -23.62 -6.62 -51.72
N GLN B 295 -23.87 -7.92 -51.86
CA GLN B 295 -24.44 -8.68 -50.76
C GLN B 295 -23.49 -8.72 -49.57
N ALA B 296 -22.20 -8.94 -49.83
CA ALA B 296 -21.23 -8.95 -48.75
C ALA B 296 -21.14 -7.60 -48.05
N PHE B 297 -21.18 -6.51 -48.82
CA PHE B 297 -21.07 -5.18 -48.23
C PHE B 297 -22.33 -4.81 -47.46
N ARG B 298 -23.50 -5.22 -47.95
CA ARG B 298 -24.72 -5.03 -47.17
C ARG B 298 -24.72 -5.88 -45.92
N GLU B 299 -24.00 -7.00 -45.94
CA GLU B 299 -23.72 -7.73 -44.71
C GLU B 299 -22.69 -6.95 -43.88
N LEU B 300 -22.27 -7.56 -42.77
CA LEU B 300 -21.31 -6.98 -41.82
C LEU B 300 -21.94 -5.85 -41.02
N ASP B 301 -23.17 -5.45 -41.41
CA ASP B 301 -23.96 -4.48 -40.67
C ASP B 301 -23.16 -3.21 -40.35
N LEU B 302 -22.42 -2.73 -41.36
CA LEU B 302 -21.59 -1.54 -41.17
C LEU B 302 -22.43 -0.31 -40.87
N ASP B 303 -23.55 -0.14 -41.59
CA ASP B 303 -24.39 1.04 -41.45
C ASP B 303 -25.53 0.82 -40.46
N VAL B 304 -25.34 -0.04 -39.46
CA VAL B 304 -26.35 -0.32 -38.45
C VAL B 304 -26.07 0.56 -37.24
N ASP B 305 -27.00 1.46 -36.92
CA ASP B 305 -26.90 2.29 -35.73
C ASP B 305 -27.44 1.49 -34.53
N ILE B 306 -26.65 0.49 -34.14
CA ILE B 306 -27.08 -0.48 -33.14
C ILE B 306 -27.26 0.13 -31.75
N SER B 307 -26.77 1.36 -31.54
CA SER B 307 -27.06 2.07 -30.31
C SER B 307 -28.45 2.70 -30.31
N THR B 308 -29.10 2.77 -31.48
CA THR B 308 -30.47 3.26 -31.59
C THR B 308 -31.49 2.17 -31.86
N LEU B 309 -31.07 1.02 -32.37
CA LEU B 309 -31.99 -0.10 -32.54
C LEU B 309 -32.52 -0.60 -31.20
N LEU B 310 -31.71 -0.49 -30.15
CA LEU B 310 -32.17 -0.90 -28.82
C LEU B 310 -33.13 0.14 -28.24
N ARG B 311 -32.85 1.43 -28.45
CA ARG B 311 -33.73 2.47 -27.94
C ARG B 311 -35.10 2.42 -28.62
N ASN B 312 -35.12 2.27 -29.94
CA ASN B 312 -36.37 2.28 -30.70
C ASN B 312 -36.92 0.88 -30.89
N LEU C 67 31.74 12.55 -54.71
CA LEU C 67 32.69 11.50 -55.06
C LEU C 67 33.60 11.09 -53.88
N PRO C 68 34.19 12.04 -53.16
CA PRO C 68 34.99 11.66 -51.99
C PRO C 68 34.12 11.07 -50.88
N GLU C 69 34.76 10.25 -50.06
CA GLU C 69 34.04 9.62 -48.96
C GLU C 69 33.59 10.66 -47.95
N PRO C 70 32.42 10.47 -47.33
CA PRO C 70 31.93 11.47 -46.37
C PRO C 70 32.84 11.54 -45.15
N PRO C 71 32.99 12.72 -44.55
CA PRO C 71 33.79 12.83 -43.31
C PRO C 71 33.01 12.31 -42.13
N ARG C 72 33.58 11.34 -41.43
CA ARG C 72 32.88 10.76 -40.28
C ARG C 72 32.70 11.76 -39.16
N PHE C 73 33.71 12.59 -38.91
CA PHE C 73 33.65 13.57 -37.83
C PHE C 73 34.45 14.80 -38.22
N VAL C 74 33.90 15.98 -37.96
CA VAL C 74 34.56 17.25 -38.23
C VAL C 74 34.54 18.08 -36.96
N GLU C 75 35.70 18.66 -36.63
CA GLU C 75 35.88 19.41 -35.38
C GLU C 75 35.24 20.78 -35.54
N THR C 76 33.96 20.88 -35.18
CA THR C 76 33.25 22.14 -35.24
C THR C 76 33.54 22.98 -34.00
N GLN C 77 32.98 24.21 -34.00
CA GLN C 77 33.15 25.09 -32.86
C GLN C 77 32.44 24.53 -31.62
N THR C 78 31.25 23.97 -31.80
CA THR C 78 30.55 23.33 -30.69
C THR C 78 31.35 22.16 -30.15
N VAL C 79 31.96 21.37 -31.05
CA VAL C 79 32.82 20.28 -30.61
C VAL C 79 34.01 20.81 -29.82
N LYS C 80 34.59 21.93 -30.27
CA LYS C 80 35.71 22.52 -29.54
C LYS C 80 35.29 22.98 -28.15
N GLN C 81 34.12 23.61 -28.03
CA GLN C 81 33.64 24.04 -26.72
C GLN C 81 33.37 22.85 -25.81
N ILE C 82 32.75 21.81 -26.34
CA ILE C 82 32.46 20.63 -25.54
C ILE C 82 33.75 19.94 -25.10
N TRP C 83 34.75 19.90 -25.98
CA TRP C 83 36.04 19.31 -25.61
C TRP C 83 36.75 20.15 -24.57
N THR C 84 36.63 21.48 -24.65
CA THR C 84 37.18 22.33 -23.61
C THR C 84 36.51 22.05 -22.27
N SER C 85 35.18 21.88 -22.27
CA SER C 85 34.48 21.53 -21.04
C SER C 85 34.95 20.17 -20.50
N MET C 86 35.16 19.21 -21.40
CA MET C 86 35.63 17.88 -20.98
C MET C 86 37.02 17.96 -20.37
N ARG C 87 37.93 18.69 -21.01
CA ARG C 87 39.27 18.85 -20.47
C ARG C 87 39.23 19.54 -19.11
N PHE C 88 38.38 20.57 -18.97
CA PHE C 88 38.26 21.24 -17.68
C PHE C 88 37.73 20.29 -16.61
N ALA C 89 36.74 19.46 -16.97
CA ALA C 89 36.21 18.51 -16.00
C ALA C 89 37.24 17.47 -15.60
N SER C 90 38.06 17.01 -16.55
CA SER C 90 39.07 16.01 -16.24
C SER C 90 40.23 16.60 -15.45
N LEU C 91 40.55 17.88 -15.67
CA LEU C 91 41.65 18.51 -14.96
C LEU C 91 41.24 18.92 -13.55
N THR C 92 40.16 19.71 -13.44
CA THR C 92 39.67 20.16 -12.14
C THR C 92 39.14 18.99 -11.31
N GLU C 93 38.84 17.85 -11.94
CA GLU C 93 38.28 16.69 -11.27
C GLU C 93 36.97 17.02 -10.57
N SER C 94 36.11 17.77 -11.28
CA SER C 94 34.81 18.15 -10.77
C SER C 94 33.77 17.93 -11.85
N ILE C 95 32.52 17.75 -11.42
CA ILE C 95 31.43 17.42 -12.33
C ILE C 95 31.17 18.58 -13.28
N ALA C 96 30.94 18.26 -14.56
CA ALA C 96 30.59 19.25 -15.57
C ALA C 96 29.31 18.82 -16.27
N VAL C 97 28.50 19.81 -16.65
CA VAL C 97 27.23 19.57 -17.32
C VAL C 97 27.31 20.17 -18.72
N VAL C 98 26.98 19.37 -19.72
CA VAL C 98 26.93 19.81 -21.11
C VAL C 98 25.53 19.46 -21.62
N CYS C 99 24.58 20.36 -21.47
CA CYS C 99 23.20 20.12 -21.86
C CYS C 99 22.80 21.08 -22.97
N GLY C 100 22.22 20.54 -24.04
CA GLY C 100 21.84 21.35 -25.18
C GLY C 100 20.63 20.76 -25.86
N ASN C 101 20.15 21.48 -26.87
CA ASN C 101 19.00 21.04 -27.65
C ASN C 101 19.37 19.81 -28.47
N PRO C 102 18.37 19.02 -28.88
CA PRO C 102 18.67 17.82 -29.67
C PRO C 102 19.37 18.16 -30.98
N GLY C 103 20.26 17.26 -31.40
CA GLY C 103 20.96 17.41 -32.65
C GLY C 103 21.92 18.58 -32.73
N VAL C 104 22.73 18.78 -31.70
CA VAL C 104 23.73 19.85 -31.70
C VAL C 104 25.16 19.34 -31.69
N GLY C 105 25.37 18.03 -31.53
CA GLY C 105 26.71 17.47 -31.60
C GLY C 105 27.29 16.99 -30.29
N LYS C 106 26.51 16.88 -29.22
CA LYS C 106 27.05 16.49 -27.92
C LYS C 106 27.50 15.03 -27.92
N THR C 107 26.65 14.13 -28.41
CA THR C 107 26.96 12.70 -28.35
C THR C 107 28.16 12.37 -29.22
N GLU C 108 28.23 12.92 -30.43
CA GLU C 108 29.36 12.63 -31.31
C GLU C 108 30.64 13.27 -30.79
N ALA C 109 30.55 14.46 -30.19
CA ALA C 109 31.73 15.04 -29.55
C ALA C 109 32.23 14.15 -28.43
N ALA C 110 31.32 13.62 -27.62
CA ALA C 110 31.72 12.71 -26.55
C ALA C 110 32.37 11.44 -27.10
N ARG C 111 31.78 10.89 -28.17
CA ARG C 111 32.35 9.68 -28.76
C ARG C 111 33.74 9.93 -29.33
N GLU C 112 33.93 11.06 -30.01
CA GLU C 112 35.24 11.36 -30.56
C GLU C 112 36.26 11.64 -29.46
N TYR C 113 35.83 12.29 -28.38
CA TYR C 113 36.72 12.49 -27.24
C TYR C 113 37.14 11.17 -26.62
N ARG C 114 36.19 10.24 -26.48
CA ARG C 114 36.52 8.92 -25.96
C ARG C 114 37.48 8.19 -26.88
N ARG C 115 37.28 8.31 -28.19
CA ARG C 115 38.15 7.63 -29.14
C ARG C 115 39.57 8.21 -29.13
N THR C 116 39.69 9.53 -29.06
CA THR C 116 40.99 10.19 -29.22
C THR C 116 41.74 10.39 -27.91
N ASN C 117 41.13 10.12 -26.76
CA ASN C 117 41.77 10.33 -25.47
C ASN C 117 41.76 9.06 -24.66
N ASN C 118 42.89 8.77 -24.03
CA ASN C 118 43.02 7.61 -23.16
C ASN C 118 42.41 7.88 -21.79
N ASN C 119 42.08 6.81 -21.08
CA ASN C 119 41.48 6.88 -19.75
C ASN C 119 40.21 7.73 -19.75
N VAL C 120 39.40 7.57 -20.80
CA VAL C 120 38.12 8.28 -20.92
C VAL C 120 37.04 7.23 -21.17
N TRP C 121 36.01 7.23 -20.33
CA TRP C 121 34.95 6.23 -20.40
C TRP C 121 33.61 6.93 -20.56
N MET C 122 32.80 6.44 -21.50
CA MET C 122 31.52 7.03 -21.82
C MET C 122 30.43 5.98 -21.76
N ILE C 123 29.34 6.29 -21.06
CA ILE C 123 28.16 5.43 -21.02
C ILE C 123 26.94 6.29 -21.33
N THR C 124 25.88 5.62 -21.76
CA THR C 124 24.60 6.25 -22.01
C THR C 124 23.56 5.72 -21.03
N ILE C 125 22.59 6.56 -20.68
CA ILE C 125 21.62 6.21 -19.67
C ILE C 125 20.25 5.99 -20.31
N THR C 126 19.96 4.74 -20.64
CA THR C 126 18.62 4.36 -21.06
C THR C 126 17.69 4.28 -19.85
N PRO C 127 16.38 4.38 -20.06
CA PRO C 127 15.45 4.23 -18.93
C PRO C 127 15.57 2.89 -18.22
N SER C 128 16.07 1.85 -18.91
CA SER C 128 16.35 0.58 -18.24
C SER C 128 17.60 0.66 -17.38
N CYS C 129 18.59 1.45 -17.79
CA CYS C 129 19.83 1.64 -17.04
C CYS C 129 19.80 2.91 -16.20
N ALA C 130 18.62 3.29 -15.70
CA ALA C 130 18.45 4.50 -14.91
C ALA C 130 18.42 4.22 -13.42
N SER C 131 18.74 3.01 -12.99
CA SER C 131 18.86 2.65 -11.58
C SER C 131 20.33 2.50 -11.22
N VAL C 132 20.60 2.47 -9.91
CA VAL C 132 21.97 2.48 -9.43
C VAL C 132 22.73 1.24 -9.92
N LEU C 133 22.12 0.06 -9.75
CA LEU C 133 22.81 -1.18 -10.13
C LEU C 133 23.06 -1.22 -11.63
N GLU C 134 22.05 -0.87 -12.44
CA GLU C 134 22.20 -0.95 -13.88
C GLU C 134 23.16 0.11 -14.41
N CYS C 135 23.11 1.33 -13.86
CA CYS C 135 24.05 2.35 -14.27
C CYS C 135 25.48 1.97 -13.91
N LEU C 136 25.69 1.43 -12.71
CA LEU C 136 27.02 0.99 -12.33
C LEU C 136 27.50 -0.16 -13.20
N THR C 137 26.59 -1.06 -13.58
CA THR C 137 26.97 -2.15 -14.49
C THR C 137 27.33 -1.61 -15.87
N GLU C 138 26.60 -0.60 -16.34
CA GLU C 138 26.95 0.04 -17.61
C GLU C 138 28.35 0.65 -17.53
N LEU C 139 28.65 1.33 -16.43
CA LEU C 139 29.97 1.94 -16.26
C LEU C 139 31.05 0.86 -16.21
N ALA C 140 30.79 -0.25 -15.51
CA ALA C 140 31.76 -1.32 -15.42
C ALA C 140 32.01 -1.96 -16.78
N PHE C 141 30.94 -2.18 -17.55
CA PHE C 141 31.09 -2.73 -18.89
C PHE C 141 31.87 -1.79 -19.79
N GLU C 142 31.68 -0.48 -19.62
CA GLU C 142 32.51 0.49 -20.33
C GLU C 142 33.96 0.39 -19.91
N LEU C 143 34.21 0.16 -18.62
CA LEU C 143 35.57 0.00 -18.11
C LEU C 143 36.25 -1.27 -18.58
N GLY C 144 35.50 -2.20 -19.18
CA GLY C 144 36.05 -3.49 -19.55
C GLY C 144 35.93 -4.55 -18.49
N MET C 145 35.30 -4.25 -17.36
CA MET C 145 35.13 -5.22 -16.27
C MET C 145 33.92 -6.09 -16.59
N ASN C 146 34.13 -7.02 -17.52
CA ASN C 146 33.05 -7.93 -17.93
C ASN C 146 32.67 -8.92 -16.84
N ASP C 147 33.46 -9.05 -15.78
CA ASP C 147 33.17 -9.93 -14.66
C ASP C 147 32.78 -9.14 -13.42
N ALA C 148 32.05 -8.04 -13.61
CA ALA C 148 31.68 -7.18 -12.50
C ALA C 148 30.66 -7.87 -11.60
N PRO C 149 30.68 -7.56 -10.30
CA PRO C 149 29.69 -8.15 -9.39
C PRO C 149 28.29 -7.64 -9.67
N ARG C 150 27.31 -8.43 -9.26
CA ARG C 150 25.90 -8.18 -9.52
C ARG C 150 25.17 -7.59 -8.32
N ARG C 151 25.86 -6.85 -7.46
CA ARG C 151 25.25 -6.17 -6.33
C ARG C 151 25.67 -4.70 -6.34
N LYS C 152 24.93 -3.88 -5.59
CA LYS C 152 25.27 -2.46 -5.53
C LYS C 152 26.63 -2.25 -4.89
N GLY C 153 26.85 -2.82 -3.72
CA GLY C 153 28.05 -2.57 -2.94
C GLY C 153 29.34 -3.06 -3.56
N PRO C 154 29.41 -4.37 -3.86
CA PRO C 154 30.62 -4.88 -4.52
C PRO C 154 30.91 -4.21 -5.85
N LEU C 155 29.89 -3.92 -6.65
CA LEU C 155 30.13 -3.23 -7.91
C LEU C 155 30.64 -1.80 -7.68
N SER C 156 30.07 -1.11 -6.70
CA SER C 156 30.56 0.24 -6.39
C SER C 156 32.00 0.20 -5.94
N ARG C 157 32.37 -0.78 -5.11
CA ARG C 157 33.75 -0.88 -4.65
C ARG C 157 34.70 -1.25 -5.78
N ALA C 158 34.25 -2.13 -6.68
CA ALA C 158 35.08 -2.47 -7.84
C ALA C 158 35.29 -1.26 -8.74
N LEU C 159 34.24 -0.47 -8.96
CA LEU C 159 34.39 0.76 -9.74
C LEU C 159 35.32 1.74 -9.04
N ARG C 160 35.21 1.85 -7.72
CA ARG C 160 36.10 2.74 -6.97
C ARG C 160 37.55 2.31 -7.13
N ARG C 161 37.81 1.00 -7.08
CA ARG C 161 39.18 0.51 -7.23
C ARG C 161 39.69 0.72 -8.66
N ARG C 162 38.84 0.45 -9.66
CA ARG C 162 39.31 0.48 -11.04
C ARG C 162 39.50 1.92 -11.53
N LEU C 163 38.57 2.82 -11.21
CA LEU C 163 38.64 4.18 -11.71
C LEU C 163 39.64 5.05 -10.93
N GLU C 164 40.05 4.61 -9.73
CA GLU C 164 40.95 5.40 -8.91
C GLU C 164 42.36 5.42 -9.49
N GLY C 165 43.02 6.56 -9.35
CA GLY C 165 44.38 6.72 -9.81
C GLY C 165 44.54 6.96 -11.28
N THR C 166 43.45 7.10 -12.03
CA THR C 166 43.52 7.31 -13.47
C THR C 166 43.28 8.75 -13.87
N GLN C 167 42.65 9.55 -13.02
CA GLN C 167 42.26 10.93 -13.35
C GLN C 167 41.45 10.96 -14.65
N GLY C 168 40.54 9.99 -14.77
CA GLY C 168 39.80 9.80 -16.00
C GLY C 168 38.67 10.79 -16.18
N LEU C 169 37.71 10.40 -17.03
CA LEU C 169 36.57 11.24 -17.34
C LEU C 169 35.40 10.32 -17.67
N VAL C 170 34.50 10.14 -16.71
CA VAL C 170 33.31 9.31 -16.90
C VAL C 170 32.23 10.19 -17.53
N ILE C 171 31.97 9.97 -18.80
CA ILE C 171 31.00 10.76 -19.55
C ILE C 171 29.64 10.07 -19.46
N ILE C 172 28.68 10.75 -18.84
CA ILE C 172 27.34 10.21 -18.66
C ILE C 172 26.46 10.86 -19.71
N ASP C 173 26.36 10.22 -20.88
CA ASP C 173 25.45 10.69 -21.91
C ASP C 173 24.01 10.42 -21.52
N GLU C 174 23.12 11.32 -21.94
CA GLU C 174 21.70 11.24 -21.60
C GLU C 174 21.51 11.18 -20.09
N ALA C 175 22.19 12.07 -19.39
CA ALA C 175 22.22 12.04 -17.92
C ALA C 175 20.96 12.59 -17.28
N ASP C 176 20.03 13.16 -18.06
CA ASP C 176 18.80 13.67 -17.46
C ASP C 176 17.86 12.55 -17.03
N HIS C 177 18.16 11.30 -17.41
CA HIS C 177 17.32 10.17 -17.02
C HIS C 177 17.66 9.66 -15.63
N LEU C 178 18.80 10.07 -15.09
CA LEU C 178 19.20 9.61 -13.76
C LEU C 178 18.31 10.24 -12.70
N GLY C 179 17.90 9.42 -11.74
CA GLY C 179 17.13 9.90 -10.61
C GLY C 179 18.02 10.56 -9.57
N ALA C 180 17.41 10.90 -8.44
CA ALA C 180 18.18 11.47 -7.34
C ALA C 180 19.18 10.46 -6.79
N GLU C 181 18.75 9.21 -6.63
CA GLU C 181 19.61 8.18 -6.06
C GLU C 181 20.82 7.91 -6.94
N VAL C 182 20.60 7.75 -8.25
CA VAL C 182 21.69 7.40 -9.15
C VAL C 182 22.64 8.56 -9.33
N LEU C 183 22.10 9.77 -9.47
CA LEU C 183 22.96 10.95 -9.58
C LEU C 183 23.78 11.14 -8.32
N GLU C 184 23.17 10.92 -7.15
CA GLU C 184 23.90 11.02 -5.90
C GLU C 184 25.01 9.98 -5.81
N GLU C 185 24.72 8.74 -6.24
CA GLU C 185 25.75 7.70 -6.23
C GLU C 185 26.90 8.03 -7.17
N LEU C 186 26.58 8.53 -8.37
CA LEU C 186 27.63 8.92 -9.31
C LEU C 186 28.46 10.07 -8.77
N ARG C 187 27.80 11.04 -8.12
CA ARG C 187 28.52 12.14 -7.50
C ARG C 187 29.48 11.64 -6.43
N LEU C 188 29.02 10.72 -5.59
CA LEU C 188 29.88 10.19 -4.54
C LEU C 188 31.03 9.37 -5.12
N LEU C 189 30.77 8.64 -6.21
CA LEU C 189 31.83 7.90 -6.88
C LEU C 189 32.89 8.85 -7.42
N GLN C 190 32.47 9.95 -8.04
CA GLN C 190 33.41 10.95 -8.53
C GLN C 190 34.20 11.56 -7.38
N GLU C 191 33.53 11.87 -6.27
CA GLU C 191 34.21 12.49 -5.13
C GLU C 191 35.24 11.56 -4.52
N SER C 192 34.89 10.29 -4.32
CA SER C 192 35.80 9.33 -3.71
C SER C 192 36.77 8.73 -4.72
N THR C 193 36.65 9.07 -6.00
CA THR C 193 37.55 8.56 -7.03
C THR C 193 38.44 9.63 -7.63
N ARG C 194 38.07 10.91 -7.51
CA ARG C 194 38.84 12.03 -8.04
C ARG C 194 38.98 11.92 -9.57
N ILE C 195 37.82 11.95 -10.23
CA ILE C 195 37.71 11.89 -11.67
C ILE C 195 36.79 13.02 -12.13
N GLY C 196 36.55 13.07 -13.44
CA GLY C 196 35.66 14.06 -14.01
C GLY C 196 34.38 13.47 -14.55
N LEU C 197 33.24 13.88 -14.01
CA LEU C 197 31.93 13.41 -14.43
C LEU C 197 31.31 14.46 -15.35
N VAL C 198 30.97 14.04 -16.57
CA VAL C 198 30.35 14.92 -17.55
C VAL C 198 28.92 14.44 -17.79
N LEU C 199 27.96 15.31 -17.55
CA LEU C 199 26.54 14.98 -17.65
C LEU C 199 25.94 15.71 -18.84
N MET C 200 25.25 14.98 -19.72
CA MET C 200 24.53 15.61 -20.81
C MET C 200 23.08 15.18 -20.94
N GLY C 201 22.44 15.59 -22.03
CA GLY C 201 21.03 15.37 -22.24
C GLY C 201 20.37 16.61 -22.81
N ASN C 202 19.26 17.02 -22.22
CA ASN C 202 18.57 18.24 -22.59
C ASN C 202 18.53 19.18 -21.39
N HIS C 203 17.75 20.25 -21.51
CA HIS C 203 17.61 21.22 -20.43
C HIS C 203 17.18 20.59 -19.11
N ARG C 204 16.63 19.37 -19.15
CA ARG C 204 16.17 18.72 -17.93
C ARG C 204 17.31 18.34 -17.00
N VAL C 205 18.55 18.33 -17.49
CA VAL C 205 19.69 18.03 -16.63
C VAL C 205 19.80 19.07 -15.53
N TYR C 206 19.70 20.35 -15.90
CA TYR C 206 19.72 21.41 -14.90
C TYR C 206 18.37 21.57 -14.21
N SER C 207 17.28 21.41 -14.96
CA SER C 207 15.95 21.55 -14.37
C SER C 207 15.68 20.49 -13.30
N ASN C 208 16.40 19.38 -13.32
CA ASN C 208 16.26 18.38 -12.27
C ASN C 208 16.80 18.89 -10.94
N MET C 209 17.86 19.71 -10.97
CA MET C 209 18.51 20.22 -9.77
C MET C 209 18.10 21.65 -9.45
N THR C 210 16.87 22.03 -9.77
CA THR C 210 16.41 23.40 -9.56
C THR C 210 14.88 23.41 -9.65
N GLY C 211 14.24 24.23 -8.81
CA GLY C 211 12.80 24.39 -8.90
C GLY C 211 12.04 24.13 -7.61
N GLY C 212 12.69 24.29 -6.46
CA GLY C 212 12.01 24.13 -5.20
C GLY C 212 12.67 23.13 -4.27
N ASN C 213 11.97 22.04 -3.97
CA ASN C 213 12.55 20.98 -3.16
C ASN C 213 13.71 20.29 -3.88
N ARG C 214 13.80 20.42 -5.19
CA ARG C 214 14.87 19.78 -5.94
C ARG C 214 16.22 20.48 -5.78
N THR C 215 16.24 21.71 -5.30
CA THR C 215 17.50 22.42 -5.12
C THR C 215 18.09 22.22 -3.73
N VAL C 216 17.38 21.57 -2.81
CA VAL C 216 17.91 21.26 -1.50
C VAL C 216 18.25 19.78 -1.43
N GLU C 217 17.53 18.97 -2.22
CA GLU C 217 17.89 17.56 -2.34
C GLU C 217 19.14 17.39 -3.20
N PHE C 218 19.21 18.12 -4.31
CA PHE C 218 20.37 18.10 -5.19
C PHE C 218 21.38 19.18 -4.85
N ALA C 219 21.40 19.65 -3.61
CA ALA C 219 22.27 20.77 -3.25
C ALA C 219 23.74 20.40 -3.41
N ARG C 220 24.14 19.24 -2.87
CA ARG C 220 25.54 18.83 -2.97
C ARG C 220 25.94 18.58 -4.42
N LEU C 221 25.08 17.91 -5.20
CA LEU C 221 25.40 17.64 -6.59
C LEU C 221 25.53 18.93 -7.39
N PHE C 222 24.61 19.88 -7.15
CA PHE C 222 24.70 21.18 -7.82
C PHE C 222 25.94 21.94 -7.38
N SER C 223 26.40 21.73 -6.14
CA SER C 223 27.64 22.35 -5.69
C SER C 223 28.86 21.72 -6.36
N ARG C 224 28.77 20.43 -6.69
CA ARG C 224 29.91 19.77 -7.34
C ARG C 224 30.20 20.37 -8.70
N ILE C 225 29.18 20.89 -9.38
CA ILE C 225 29.24 21.22 -10.80
C ILE C 225 30.23 22.36 -10.99
N ALA C 226 31.36 22.07 -11.65
CA ALA C 226 32.36 23.09 -11.89
C ALA C 226 31.97 23.98 -13.07
N LYS C 227 31.84 23.40 -14.26
CA LYS C 227 31.55 24.14 -15.48
C LYS C 227 30.31 23.56 -16.15
N ARG C 228 29.42 24.43 -16.59
CA ARG C 228 28.22 24.03 -17.33
C ARG C 228 28.19 24.76 -18.67
N THR C 229 27.95 24.01 -19.75
CA THR C 229 27.99 24.55 -21.10
C THR C 229 26.64 24.35 -21.77
N ALA C 230 26.13 25.40 -22.40
CA ALA C 230 24.84 25.38 -23.09
C ALA C 230 25.07 25.38 -24.58
N ILE C 231 24.40 24.47 -25.28
CA ILE C 231 24.40 24.43 -26.75
C ILE C 231 22.96 24.60 -27.17
N ASN C 232 22.54 25.85 -27.40
CA ASN C 232 21.17 26.11 -27.81
C ASN C 232 20.94 25.63 -29.24
N LYS C 233 21.68 26.19 -30.19
CA LYS C 233 21.60 25.79 -31.59
C LYS C 233 23.00 25.77 -32.17
N THR C 234 23.18 24.98 -33.23
CA THR C 234 24.48 24.91 -33.88
C THR C 234 24.85 26.28 -34.45
N LYS C 235 26.08 26.71 -34.18
CA LYS C 235 26.53 28.01 -34.62
C LYS C 235 26.87 27.99 -36.10
N LYS C 236 27.05 29.20 -36.67
CA LYS C 236 27.43 29.31 -38.08
C LYS C 236 28.79 28.69 -38.33
N ALA C 237 29.69 28.73 -37.34
CA ALA C 237 30.99 28.09 -37.50
C ALA C 237 30.86 26.58 -37.65
N ASP C 238 29.90 25.97 -36.96
CA ASP C 238 29.70 24.52 -37.07
C ASP C 238 29.32 24.12 -38.49
N VAL C 239 28.31 24.78 -39.06
CA VAL C 239 27.89 24.44 -40.42
C VAL C 239 28.96 24.84 -41.42
N LYS C 240 29.70 25.91 -41.15
CA LYS C 240 30.80 26.28 -42.04
C LYS C 240 31.87 25.18 -42.07
N ALA C 241 32.24 24.67 -40.90
CA ALA C 241 33.23 23.60 -40.85
C ALA C 241 32.71 22.33 -41.51
N ILE C 242 31.42 22.01 -41.31
CA ILE C 242 30.84 20.83 -41.94
C ILE C 242 30.86 20.98 -43.46
N ALA C 243 30.49 22.15 -43.96
CA ALA C 243 30.52 22.38 -45.40
C ALA C 243 31.95 22.29 -45.95
N ASP C 244 32.92 22.84 -45.21
CA ASP C 244 34.30 22.75 -45.65
C ASP C 244 34.77 21.30 -45.71
N ALA C 245 34.38 20.49 -44.72
CA ALA C 245 34.72 19.07 -44.73
C ALA C 245 33.97 18.34 -45.84
N TRP C 246 32.83 18.87 -46.26
CA TRP C 246 32.03 18.27 -47.33
C TRP C 246 32.36 18.84 -48.70
N GLN C 247 33.35 19.74 -48.79
CA GLN C 247 33.74 20.38 -50.04
C GLN C 247 32.56 21.10 -50.70
N ILE C 248 31.99 22.04 -49.95
CA ILE C 248 30.88 22.86 -50.41
C ILE C 248 31.32 24.32 -50.37
N ASN C 249 31.20 25.00 -51.52
CA ASN C 249 31.65 26.38 -51.64
C ASN C 249 30.57 27.36 -52.06
N GLY C 250 29.50 26.89 -52.69
CA GLY C 250 28.43 27.76 -53.15
C GLY C 250 27.76 28.55 -52.04
N GLU C 251 27.58 29.86 -52.26
CA GLU C 251 26.93 30.69 -51.25
C GLU C 251 25.48 30.25 -51.03
N LYS C 252 24.77 29.91 -52.10
CA LYS C 252 23.42 29.40 -51.96
C LYS C 252 23.41 28.08 -51.18
N GLU C 253 24.38 27.21 -51.45
CA GLU C 253 24.47 25.96 -50.70
C GLU C 253 24.72 26.21 -49.22
N LEU C 254 25.61 27.16 -48.90
CA LEU C 254 25.87 27.49 -47.51
C LEU C 254 24.63 28.06 -46.83
N GLU C 255 23.89 28.93 -47.54
CA GLU C 255 22.66 29.50 -46.99
C GLU C 255 21.64 28.40 -46.73
N LEU C 256 21.52 27.45 -47.66
CA LEU C 256 20.60 26.34 -47.49
C LEU C 256 21.00 25.47 -46.30
N LEU C 257 22.30 25.20 -46.14
CA LEU C 257 22.76 24.42 -45.00
C LEU C 257 22.47 25.15 -43.69
N GLN C 258 22.65 26.47 -43.67
CA GLN C 258 22.31 27.24 -42.48
C GLN C 258 20.82 27.15 -42.17
N GLN C 259 19.98 27.21 -43.20
CA GLN C 259 18.54 27.07 -43.00
C GLN C 259 18.20 25.69 -42.45
N ILE C 260 18.86 24.65 -42.99
CA ILE C 260 18.64 23.29 -42.50
C ILE C 260 19.04 23.16 -41.04
N ALA C 261 20.12 23.86 -40.65
CA ALA C 261 20.60 23.77 -39.27
C ALA C 261 19.56 24.29 -38.29
N GLN C 262 18.89 25.40 -38.61
CA GLN C 262 17.96 26.00 -37.67
C GLN C 262 16.72 25.14 -37.42
N LYS C 263 16.49 24.10 -38.24
CA LYS C 263 15.37 23.21 -38.02
C LYS C 263 15.58 22.38 -36.75
N PRO C 264 14.50 21.88 -36.14
CA PRO C 264 14.66 21.02 -34.96
C PRO C 264 15.48 19.79 -35.28
N GLY C 265 16.27 19.36 -34.31
CA GLY C 265 17.25 18.31 -34.55
C GLY C 265 18.30 18.79 -35.52
N ALA C 266 18.92 19.93 -35.18
CA ALA C 266 19.77 20.69 -36.08
C ALA C 266 20.77 19.84 -36.86
N LEU C 267 21.70 19.22 -36.16
CA LEU C 267 22.82 18.60 -36.86
C LEU C 267 22.45 17.22 -37.38
N ARG C 268 21.50 16.53 -36.75
CA ARG C 268 20.98 15.30 -37.32
C ARG C 268 20.32 15.55 -38.67
N ILE C 269 19.49 16.59 -38.75
CA ILE C 269 18.85 16.94 -40.01
C ILE C 269 19.88 17.36 -41.03
N LEU C 270 20.88 18.15 -40.59
CA LEU C 270 21.93 18.58 -41.51
C LEU C 270 22.68 17.39 -42.09
N ASN C 271 23.07 16.44 -41.22
CA ASN C 271 23.80 15.26 -41.68
C ASN C 271 22.94 14.39 -42.59
N HIS C 272 21.67 14.21 -42.25
CA HIS C 272 20.79 13.41 -43.10
C HIS C 272 20.65 14.03 -44.48
N SER C 273 20.42 15.34 -44.53
CA SER C 273 20.29 16.02 -45.82
C SER C 273 21.58 15.91 -46.63
N LEU C 274 22.73 16.13 -45.99
CA LEU C 274 24.00 16.06 -46.70
C LEU C 274 24.25 14.66 -47.23
N ARG C 275 24.00 13.63 -46.42
CA ARG C 275 24.25 12.26 -46.86
C ARG C 275 23.31 11.86 -47.99
N LEU C 276 22.03 12.25 -47.89
CA LEU C 276 21.10 11.94 -48.97
C LEU C 276 21.50 12.64 -50.26
N ALA C 277 21.90 13.91 -50.17
CA ALA C 277 22.31 14.64 -51.37
C ALA C 277 23.56 14.00 -51.98
N ALA C 278 24.54 13.63 -51.15
CA ALA C 278 25.74 13.00 -51.65
C ALA C 278 25.44 11.66 -52.31
N MET C 279 24.57 10.86 -51.69
CA MET C 279 24.20 9.58 -52.27
C MET C 279 23.49 9.75 -53.61
N THR C 280 22.56 10.71 -53.69
CA THR C 280 21.86 10.96 -54.95
C THR C 280 22.81 11.45 -56.03
N ALA C 281 23.73 12.35 -55.67
CA ALA C 281 24.69 12.85 -56.65
C ALA C 281 25.61 11.74 -57.14
N HIS C 282 26.07 10.88 -56.23
CA HIS C 282 26.92 9.77 -56.63
C HIS C 282 26.17 8.78 -57.52
N GLY C 283 24.90 8.53 -57.21
CA GLY C 283 24.10 7.68 -58.07
C GLY C 283 23.90 8.26 -59.46
N LYS C 284 23.66 9.57 -59.52
CA LYS C 284 23.49 10.24 -60.81
C LYS C 284 24.83 10.62 -61.45
N GLY C 285 25.94 10.44 -60.75
CA GLY C 285 27.24 10.74 -61.32
C GLY C 285 27.57 12.22 -61.42
N GLU C 286 26.90 13.06 -60.64
CA GLU C 286 27.13 14.50 -60.65
C GLU C 286 27.67 14.95 -59.29
N ARG C 287 28.03 16.23 -59.23
CA ARG C 287 28.52 16.83 -57.99
C ARG C 287 27.38 17.39 -57.17
N VAL C 288 27.59 17.44 -55.86
CA VAL C 288 26.56 17.95 -54.96
C VAL C 288 26.45 19.47 -55.12
N ASN C 289 25.22 19.94 -55.31
CA ASN C 289 24.96 21.37 -55.45
C ASN C 289 23.71 21.70 -54.63
N GLU C 290 23.20 22.92 -54.81
CA GLU C 290 22.06 23.37 -54.03
C GLU C 290 20.79 22.59 -54.38
N ASP C 291 20.71 22.05 -55.60
CA ASP C 291 19.52 21.31 -56.00
C ASP C 291 19.36 20.03 -55.18
N TYR C 292 20.44 19.27 -55.03
CA TYR C 292 20.37 18.03 -54.24
C TYR C 292 20.10 18.32 -52.77
N LEU C 293 20.71 19.38 -52.23
CA LEU C 293 20.44 19.77 -50.85
C LEU C 293 18.99 20.15 -50.66
N ARG C 294 18.42 20.91 -51.60
CA ARG C 294 17.01 21.28 -51.51
C ARG C 294 16.11 20.07 -51.62
N GLN C 295 16.43 19.14 -52.52
CA GLN C 295 15.63 17.92 -52.64
C GLN C 295 15.66 17.11 -51.35
N ALA C 296 16.85 16.96 -50.76
CA ALA C 296 16.97 16.21 -49.52
C ALA C 296 16.21 16.89 -48.38
N PHE C 297 16.28 18.22 -48.30
CA PHE C 297 15.61 18.93 -47.23
C PHE C 297 14.10 18.90 -47.40
N ARG C 298 13.62 18.97 -48.65
CA ARG C 298 12.19 18.80 -48.89
C ARG C 298 11.75 17.38 -48.60
N GLU C 299 12.65 16.42 -48.73
CA GLU C 299 12.42 15.08 -48.20
C GLU C 299 12.53 15.13 -46.68
N LEU C 300 12.47 13.96 -46.04
CA LEU C 300 12.52 13.80 -44.59
C LEU C 300 11.23 14.29 -43.94
N ASP C 301 10.36 14.91 -44.73
CA ASP C 301 9.00 15.24 -44.31
C ASP C 301 8.97 15.97 -42.96
N LEU C 302 9.89 16.91 -42.77
CA LEU C 302 9.94 17.66 -41.53
C LEU C 302 8.71 18.55 -41.36
N ASP C 303 8.28 19.21 -42.44
CA ASP C 303 7.16 20.13 -42.39
C ASP C 303 5.82 19.45 -42.68
N VAL C 304 5.73 18.15 -42.44
CA VAL C 304 4.50 17.39 -42.67
C VAL C 304 3.73 17.36 -41.35
N ASP C 305 2.58 18.04 -41.32
CA ASP C 305 1.69 17.99 -40.16
C ASP C 305 0.84 16.73 -40.26
N ILE C 306 1.50 15.60 -40.04
CA ILE C 306 0.89 14.28 -40.25
C ILE C 306 -0.24 14.01 -39.27
N SER C 307 -0.35 14.78 -38.19
CA SER C 307 -1.51 14.67 -37.31
C SER C 307 -2.76 15.31 -37.91
N THR C 308 -2.60 16.14 -38.94
CA THR C 308 -3.73 16.72 -39.66
C THR C 308 -3.95 16.13 -41.04
N LEU C 309 -2.92 15.49 -41.62
CA LEU C 309 -3.10 14.82 -42.90
C LEU C 309 -4.09 13.67 -42.78
N LEU C 310 -4.17 13.03 -41.61
CA LEU C 310 -5.15 11.96 -41.42
C LEU C 310 -6.55 12.54 -41.21
N ARG C 311 -6.64 13.67 -40.51
CA ARG C 311 -7.95 14.30 -40.30
C ARG C 311 -8.54 14.80 -41.60
N ASN C 312 -7.74 15.48 -42.42
CA ASN C 312 -8.23 16.09 -43.65
C ASN C 312 -7.98 15.21 -44.87
N LEU D 67 53.36 30.93 -7.67
CA LEU D 67 54.66 30.26 -7.67
C LEU D 67 54.79 29.18 -6.58
N PRO D 68 54.42 29.48 -5.32
CA PRO D 68 54.48 28.43 -4.30
C PRO D 68 53.43 27.35 -4.55
N GLU D 69 53.72 26.16 -4.04
CA GLU D 69 52.80 25.05 -4.20
C GLU D 69 51.51 25.31 -3.42
N PRO D 70 50.36 24.91 -3.97
CA PRO D 70 49.10 25.15 -3.27
C PRO D 70 49.04 24.38 -1.97
N PRO D 71 48.41 24.92 -0.94
CA PRO D 71 48.25 24.18 0.33
C PRO D 71 47.15 23.13 0.20
N ARG D 72 47.51 21.87 0.44
CA ARG D 72 46.52 20.79 0.32
C ARG D 72 45.44 20.89 1.39
N PHE D 73 45.78 21.41 2.57
CA PHE D 73 44.81 21.54 3.65
C PHE D 73 45.29 22.64 4.60
N VAL D 74 44.34 23.42 5.11
CA VAL D 74 44.63 24.48 6.07
C VAL D 74 43.65 24.38 7.24
N GLU D 75 44.18 24.52 8.45
CA GLU D 75 43.38 24.43 9.66
C GLU D 75 42.66 25.75 9.88
N THR D 76 41.33 25.73 9.81
CA THR D 76 40.51 26.93 9.89
C THR D 76 39.53 26.83 11.05
N GLN D 77 38.66 27.85 11.16
CA GLN D 77 37.70 27.89 12.25
C GLN D 77 36.66 26.77 12.13
N THR D 78 36.12 26.57 10.92
CA THR D 78 35.19 25.47 10.72
C THR D 78 35.87 24.12 10.94
N VAL D 79 37.10 23.98 10.45
CA VAL D 79 37.85 22.74 10.67
C VAL D 79 38.11 22.54 12.16
N LYS D 80 38.45 23.62 12.88
CA LYS D 80 38.70 23.50 14.31
C LYS D 80 37.43 23.08 15.05
N GLN D 81 36.28 23.66 14.70
CA GLN D 81 35.03 23.28 15.35
C GLN D 81 34.67 21.83 15.06
N ILE D 82 34.85 21.40 13.80
CA ILE D 82 34.53 20.02 13.44
C ILE D 82 35.47 19.06 14.18
N TRP D 83 36.75 19.42 14.28
CA TRP D 83 37.70 18.57 14.99
C TRP D 83 37.38 18.52 16.49
N THR D 84 36.90 19.63 17.06
CA THR D 84 36.45 19.62 18.44
C THR D 84 35.27 18.67 18.61
N SER D 85 34.33 18.70 17.65
CA SER D 85 33.19 17.79 17.70
C SER D 85 33.65 16.32 17.63
N MET D 86 34.58 16.02 16.74
CA MET D 86 35.09 14.64 16.63
C MET D 86 35.84 14.21 17.88
N ARG D 87 36.64 15.11 18.46
CA ARG D 87 37.34 14.78 19.70
C ARG D 87 36.36 14.52 20.82
N PHE D 88 35.31 15.34 20.91
CA PHE D 88 34.27 15.12 21.92
C PHE D 88 33.57 13.80 21.72
N ALA D 89 33.28 13.45 20.46
CA ALA D 89 32.63 12.17 20.18
C ALA D 89 33.53 11.00 20.56
N SER D 90 34.83 11.11 20.29
CA SER D 90 35.75 10.03 20.61
C SER D 90 35.95 9.90 22.11
N LEU D 91 35.96 11.03 22.83
CA LEU D 91 36.19 10.99 24.27
C LEU D 91 34.94 10.51 25.01
N THR D 92 33.81 11.18 24.80
CA THR D 92 32.56 10.81 25.48
C THR D 92 32.04 9.46 25.00
N GLU D 93 32.55 8.95 23.87
CA GLU D 93 32.10 7.68 23.30
C GLU D 93 30.59 7.71 23.02
N SER D 94 30.14 8.81 22.44
CA SER D 94 28.74 8.99 22.10
C SER D 94 28.63 9.56 20.69
N ILE D 95 27.49 9.30 20.06
CA ILE D 95 27.28 9.70 18.66
C ILE D 95 27.25 11.21 18.55
N ALA D 96 27.91 11.74 17.52
CA ALA D 96 27.92 13.16 17.22
C ALA D 96 27.45 13.38 15.79
N VAL D 97 26.87 14.54 15.54
CA VAL D 97 26.35 14.91 14.23
C VAL D 97 27.07 16.16 13.75
N VAL D 98 27.64 16.09 12.55
CA VAL D 98 28.27 17.23 11.90
C VAL D 98 27.60 17.38 10.53
N CYS D 99 26.55 18.19 10.47
CA CYS D 99 25.78 18.39 9.25
C CYS D 99 25.81 19.86 8.87
N GLY D 100 26.12 20.13 7.60
CA GLY D 100 26.19 21.50 7.13
C GLY D 100 25.82 21.59 5.65
N ASN D 101 25.78 22.82 5.17
CA ASN D 101 25.48 23.07 3.77
C ASN D 101 26.63 22.56 2.90
N PRO D 102 26.36 22.27 1.62
CA PRO D 102 27.41 21.75 0.75
C PRO D 102 28.58 22.71 0.63
N GLY D 103 29.78 22.14 0.54
CA GLY D 103 30.98 22.93 0.33
C GLY D 103 31.34 23.88 1.45
N VAL D 104 31.30 23.41 2.69
CA VAL D 104 31.68 24.24 3.84
C VAL D 104 32.94 23.75 4.53
N GLY D 105 33.49 22.60 4.15
CA GLY D 105 34.73 22.12 4.74
C GLY D 105 34.55 21.01 5.74
N LYS D 106 33.66 20.07 5.44
CA LYS D 106 33.37 18.95 6.34
C LYS D 106 34.09 17.67 5.95
N THR D 107 33.96 17.23 4.69
CA THR D 107 34.59 15.98 4.27
C THR D 107 36.10 16.06 4.34
N GLU D 108 36.68 17.19 3.93
CA GLU D 108 38.12 17.35 4.04
C GLU D 108 38.58 17.43 5.48
N ALA D 109 37.77 18.04 6.35
CA ALA D 109 38.09 18.04 7.78
C ALA D 109 38.11 16.63 8.34
N ALA D 110 37.13 15.81 7.97
CA ALA D 110 37.11 14.42 8.42
C ALA D 110 38.31 13.64 7.86
N ARG D 111 38.65 13.87 6.60
CA ARG D 111 39.80 13.18 6.01
C ARG D 111 41.09 13.57 6.72
N GLU D 112 41.28 14.85 7.01
CA GLU D 112 42.48 15.27 7.70
C GLU D 112 42.53 14.75 9.14
N TYR D 113 41.37 14.70 9.80
CA TYR D 113 41.32 14.11 11.14
C TYR D 113 41.70 12.65 11.10
N ARG D 114 41.22 11.91 10.09
CA ARG D 114 41.62 10.52 9.94
C ARG D 114 43.11 10.39 9.68
N ARG D 115 43.66 11.30 8.87
CA ARG D 115 45.08 11.23 8.54
C ARG D 115 45.96 11.51 9.76
N THR D 116 45.62 12.51 10.55
CA THR D 116 46.49 12.95 11.64
C THR D 116 46.20 12.24 12.97
N ASN D 117 45.15 11.43 13.05
CA ASN D 117 44.82 10.75 14.29
C ASN D 117 44.75 9.25 14.06
N ASN D 118 45.39 8.50 14.95
CA ASN D 118 45.37 7.04 14.88
C ASN D 118 44.06 6.50 15.45
N ASN D 119 43.75 5.26 15.06
CA ASN D 119 42.52 4.59 15.50
C ASN D 119 41.28 5.41 15.13
N VAL D 120 41.31 6.01 13.95
CA VAL D 120 40.16 6.76 13.43
C VAL D 120 39.85 6.23 12.05
N TRP D 121 38.62 5.77 11.85
CA TRP D 121 38.19 5.14 10.61
C TRP D 121 37.02 5.90 10.03
N MET D 122 37.13 6.30 8.76
CA MET D 122 36.13 7.11 8.10
C MET D 122 35.65 6.41 6.84
N ILE D 123 34.33 6.35 6.65
CA ILE D 123 33.73 5.80 5.45
C ILE D 123 32.70 6.80 4.92
N THR D 124 32.39 6.67 3.64
CA THR D 124 31.34 7.44 3.01
C THR D 124 30.19 6.51 2.62
N ILE D 125 28.97 7.03 2.71
CA ILE D 125 27.77 6.23 2.50
C ILE D 125 27.19 6.63 1.15
N THR D 126 27.54 5.86 0.12
CA THR D 126 26.89 5.97 -1.17
C THR D 126 25.52 5.31 -1.13
N PRO D 127 24.62 5.68 -2.05
CA PRO D 127 23.33 4.98 -2.12
C PRO D 127 23.47 3.49 -2.42
N SER D 128 24.60 3.07 -2.97
CA SER D 128 24.84 1.64 -3.15
C SER D 128 25.23 0.98 -1.82
N CYS D 129 25.91 1.72 -0.94
CA CYS D 129 26.31 1.23 0.38
C CYS D 129 25.38 1.74 1.47
N ALA D 130 24.09 1.87 1.16
CA ALA D 130 23.11 2.39 2.11
C ALA D 130 22.34 1.27 2.83
N SER D 131 22.74 0.02 2.65
CA SER D 131 22.14 -1.10 3.36
C SER D 131 23.09 -1.60 4.44
N VAL D 132 22.55 -2.43 5.33
CA VAL D 132 23.32 -2.86 6.50
C VAL D 132 24.56 -3.64 6.08
N LEU D 133 24.38 -4.61 5.19
CA LEU D 133 25.51 -5.46 4.78
C LEU D 133 26.58 -4.64 4.07
N GLU D 134 26.17 -3.78 3.14
CA GLU D 134 27.16 -3.01 2.38
C GLU D 134 27.83 -1.95 3.24
N CYS D 135 27.08 -1.31 4.13
CA CYS D 135 27.70 -0.33 5.04
C CYS D 135 28.69 -1.01 5.98
N LEU D 136 28.33 -2.17 6.52
CA LEU D 136 29.26 -2.90 7.39
C LEU D 136 30.49 -3.35 6.61
N THR D 137 30.30 -3.76 5.36
CA THR D 137 31.45 -4.13 4.53
C THR D 137 32.35 -2.94 4.27
N GLU D 138 31.77 -1.76 4.02
CA GLU D 138 32.56 -0.55 3.84
C GLU D 138 33.37 -0.24 5.11
N LEU D 139 32.72 -0.36 6.27
CA LEU D 139 33.42 -0.11 7.52
C LEU D 139 34.54 -1.11 7.74
N ALA D 140 34.31 -2.39 7.40
CA ALA D 140 35.35 -3.39 7.54
C ALA D 140 36.52 -3.12 6.60
N PHE D 141 36.22 -2.73 5.36
CA PHE D 141 37.28 -2.43 4.40
C PHE D 141 38.10 -1.23 4.86
N GLU D 142 37.44 -0.23 5.46
CA GLU D 142 38.18 0.87 6.06
C GLU D 142 39.06 0.38 7.20
N LEU D 143 38.58 -0.60 7.97
CA LEU D 143 39.34 -1.17 9.07
C LEU D 143 40.53 -1.98 8.60
N GLY D 144 40.64 -2.28 7.31
CA GLY D 144 41.66 -3.18 6.81
C GLY D 144 41.27 -4.63 6.81
N MET D 145 40.06 -4.97 7.22
CA MET D 145 39.58 -6.35 7.25
C MET D 145 39.10 -6.74 5.85
N ASN D 146 40.08 -6.91 4.96
CA ASN D 146 39.77 -7.28 3.58
C ASN D 146 39.20 -8.69 3.45
N ASP D 147 39.31 -9.50 4.49
CA ASP D 147 38.75 -10.86 4.50
C ASP D 147 37.49 -10.91 5.36
N ALA D 148 36.70 -9.84 5.33
CA ALA D 148 35.51 -9.77 6.15
C ALA D 148 34.44 -10.75 5.66
N PRO D 149 33.64 -11.30 6.57
CA PRO D 149 32.56 -12.19 6.16
C PRO D 149 31.51 -11.45 5.34
N ARG D 150 30.83 -12.20 4.47
CA ARG D 150 29.87 -11.64 3.53
C ARG D 150 28.44 -11.68 4.06
N ARG D 151 28.22 -12.14 5.28
CA ARG D 151 26.90 -12.15 5.89
C ARG D 151 26.77 -11.01 6.88
N LYS D 152 25.52 -10.69 7.24
CA LYS D 152 25.28 -9.58 8.16
C LYS D 152 25.81 -9.88 9.56
N GLY D 153 25.46 -11.04 10.10
CA GLY D 153 25.79 -11.39 11.47
C GLY D 153 27.27 -11.58 11.73
N PRO D 154 27.93 -12.46 10.97
CA PRO D 154 29.38 -12.62 11.13
C PRO D 154 30.15 -11.33 10.91
N LEU D 155 29.74 -10.50 9.94
CA LEU D 155 30.41 -9.22 9.74
C LEU D 155 30.21 -8.29 10.93
N SER D 156 28.99 -8.26 11.48
CA SER D 156 28.74 -7.42 12.65
C SER D 156 29.58 -7.88 13.83
N ARG D 157 29.69 -9.19 14.03
CA ARG D 157 30.49 -9.70 15.15
C ARG D 157 31.98 -9.43 14.93
N ALA D 158 32.45 -9.55 13.68
CA ALA D 158 33.84 -9.24 13.39
C ALA D 158 34.14 -7.76 13.63
N LEU D 159 33.22 -6.88 13.25
CA LEU D 159 33.38 -5.46 13.52
C LEU D 159 33.37 -5.18 15.01
N ARG D 160 32.50 -5.87 15.75
CA ARG D 160 32.47 -5.72 17.20
C ARG D 160 33.80 -6.13 17.82
N ARG D 161 34.39 -7.23 17.33
CA ARG D 161 35.66 -7.69 17.86
C ARG D 161 36.80 -6.74 17.51
N ARG D 162 36.83 -6.26 16.26
CA ARG D 162 37.96 -5.45 15.81
C ARG D 162 37.89 -4.04 16.39
N LEU D 163 36.71 -3.43 16.42
CA LEU D 163 36.58 -2.06 16.88
C LEU D 163 36.65 -1.95 18.40
N GLU D 164 36.43 -3.03 19.13
CA GLU D 164 36.39 -2.97 20.59
C GLU D 164 37.79 -2.78 21.16
N GLY D 165 37.86 -2.03 22.26
CA GLY D 165 39.12 -1.79 22.95
C GLY D 165 40.01 -0.75 22.31
N THR D 166 39.53 -0.05 21.28
CA THR D 166 40.34 0.95 20.60
C THR D 166 39.94 2.38 20.94
N GLN D 167 38.73 2.59 21.47
CA GLN D 167 38.20 3.93 21.70
C GLN D 167 38.28 4.77 20.43
N GLY D 168 37.94 4.16 19.31
CA GLY D 168 38.11 4.77 18.01
C GLY D 168 37.06 5.82 17.70
N LEU D 169 36.94 6.12 16.42
CA LEU D 169 36.02 7.16 15.95
C LEU D 169 35.61 6.81 14.53
N VAL D 170 34.41 6.26 14.37
CA VAL D 170 33.89 5.90 13.06
C VAL D 170 33.13 7.10 12.52
N ILE D 171 33.69 7.75 11.51
CA ILE D 171 33.12 8.95 10.92
C ILE D 171 32.29 8.53 9.72
N ILE D 172 30.97 8.62 9.86
CA ILE D 172 30.05 8.21 8.79
C ILE D 172 29.78 9.44 7.94
N ASP D 173 30.61 9.64 6.93
CA ASP D 173 30.37 10.72 5.98
C ASP D 173 29.15 10.42 5.13
N GLU D 174 28.42 11.48 4.77
CA GLU D 174 27.18 11.36 3.98
C GLU D 174 26.19 10.42 4.67
N ALA D 175 26.02 10.62 5.98
CA ALA D 175 25.15 9.75 6.77
C ALA D 175 23.68 9.96 6.50
N ASP D 176 23.31 11.01 5.74
CA ASP D 176 21.91 11.23 5.41
C ASP D 176 21.32 10.13 4.55
N HIS D 177 22.17 9.36 3.84
CA HIS D 177 21.69 8.27 3.00
C HIS D 177 21.26 7.05 3.81
N LEU D 178 21.73 6.92 5.04
CA LEU D 178 21.39 5.77 5.87
C LEU D 178 19.90 5.77 6.20
N GLY D 179 19.29 4.59 6.13
CA GLY D 179 17.92 4.41 6.54
C GLY D 179 17.80 4.20 8.04
N ALA D 180 16.61 3.79 8.45
CA ALA D 180 16.39 3.49 9.86
C ALA D 180 17.15 2.24 10.28
N GLU D 181 17.16 1.20 9.43
CA GLU D 181 17.79 -0.05 9.78
C GLU D 181 19.29 0.10 9.94
N VAL D 182 19.95 0.77 8.99
CA VAL D 182 21.40 0.90 9.03
C VAL D 182 21.83 1.81 10.16
N LEU D 183 21.09 2.91 10.38
CA LEU D 183 21.42 3.81 11.48
C LEU D 183 21.24 3.12 12.82
N GLU D 184 20.19 2.30 12.95
CA GLU D 184 19.98 1.55 14.18
C GLU D 184 21.10 0.54 14.40
N GLU D 185 21.53 -0.15 13.34
CA GLU D 185 22.65 -1.07 13.45
C GLU D 185 23.92 -0.34 13.86
N LEU D 186 24.16 0.84 13.30
CA LEU D 186 25.37 1.59 13.62
C LEU D 186 25.36 2.09 15.06
N ARG D 187 24.21 2.56 15.54
CA ARG D 187 24.14 3.01 16.92
C ARG D 187 24.27 1.84 17.90
N LEU D 188 23.72 0.67 17.55
CA LEU D 188 23.92 -0.49 18.40
C LEU D 188 25.38 -0.94 18.41
N LEU D 189 26.05 -0.87 17.25
CA LEU D 189 27.47 -1.18 17.19
C LEU D 189 28.27 -0.22 18.06
N GLN D 190 27.94 1.08 18.00
CA GLN D 190 28.63 2.06 18.83
C GLN D 190 28.40 1.79 20.31
N GLU D 191 27.17 1.45 20.70
CA GLU D 191 26.89 1.17 22.10
C GLU D 191 27.64 -0.07 22.58
N SER D 192 27.61 -1.14 21.80
CA SER D 192 28.25 -2.38 22.20
C SER D 192 29.76 -2.36 22.00
N THR D 193 30.30 -1.31 21.38
CA THR D 193 31.73 -1.22 21.12
C THR D 193 32.42 -0.10 21.90
N ARG D 194 31.67 0.92 22.34
CA ARG D 194 32.22 2.06 23.07
C ARG D 194 33.22 2.83 22.21
N ILE D 195 32.72 3.33 21.08
CA ILE D 195 33.49 4.16 20.16
C ILE D 195 32.68 5.43 19.88
N GLY D 196 33.28 6.32 19.10
CA GLY D 196 32.62 7.54 18.69
C GLY D 196 32.10 7.41 17.26
N LEU D 197 30.84 7.74 17.08
CA LEU D 197 30.19 7.71 15.77
C LEU D 197 29.85 9.13 15.38
N VAL D 198 30.36 9.59 14.25
CA VAL D 198 30.11 10.93 13.74
C VAL D 198 29.31 10.81 12.46
N LEU D 199 28.03 11.15 12.53
CA LEU D 199 27.17 11.20 11.36
C LEU D 199 27.32 12.55 10.67
N MET D 200 27.51 12.51 9.36
CA MET D 200 27.87 13.70 8.59
C MET D 200 26.94 13.84 7.39
N GLY D 201 26.95 15.02 6.79
CA GLY D 201 26.14 15.26 5.63
C GLY D 201 25.47 16.62 5.61
N ASN D 202 24.18 16.64 5.32
CA ASN D 202 23.40 17.87 5.18
C ASN D 202 22.29 17.88 6.25
N HIS D 203 21.36 18.83 6.10
CA HIS D 203 20.28 18.99 7.07
C HIS D 203 19.45 17.71 7.22
N ARG D 204 19.42 16.87 6.18
CA ARG D 204 18.62 15.65 6.24
C ARG D 204 19.11 14.67 7.31
N VAL D 205 20.36 14.81 7.75
CA VAL D 205 20.88 13.93 8.80
C VAL D 205 20.05 14.06 10.06
N TYR D 206 19.69 15.29 10.43
CA TYR D 206 18.84 15.54 11.58
C TYR D 206 17.36 15.50 11.21
N SER D 207 17.00 16.00 10.03
CA SER D 207 15.60 15.99 9.62
C SER D 207 15.04 14.59 9.44
N ASN D 208 15.92 13.58 9.29
CA ASN D 208 15.45 12.20 9.23
C ASN D 208 14.99 11.70 10.59
N MET D 209 15.47 12.28 11.68
CA MET D 209 15.17 11.83 13.02
C MET D 209 14.14 12.71 13.72
N THR D 210 13.38 13.50 12.97
CA THR D 210 12.40 14.41 13.56
C THR D 210 11.33 14.72 12.52
N GLY D 211 10.10 14.93 12.99
CA GLY D 211 9.03 15.31 12.12
C GLY D 211 7.80 14.42 12.15
N GLY D 212 7.57 13.74 13.26
CA GLY D 212 6.38 12.92 13.40
C GLY D 212 6.68 11.50 13.86
N ASN D 213 6.36 10.52 13.02
CA ASN D 213 6.68 9.14 13.33
C ASN D 213 8.17 8.88 13.40
N ARG D 214 8.98 9.76 12.81
CA ARG D 214 10.42 9.58 12.80
C ARG D 214 11.10 10.02 14.09
N THR D 215 10.37 10.70 14.99
CA THR D 215 10.93 11.07 16.27
C THR D 215 10.70 10.02 17.34
N VAL D 216 9.89 9.00 17.07
CA VAL D 216 9.72 7.89 17.97
C VAL D 216 10.39 6.62 17.48
N GLU D 217 10.55 6.44 16.17
CA GLU D 217 11.35 5.34 15.66
C GLU D 217 12.83 5.59 15.86
N PHE D 218 13.28 6.82 15.64
CA PHE D 218 14.66 7.21 15.85
C PHE D 218 14.91 7.76 17.25
N ALA D 219 14.07 7.40 18.23
CA ALA D 219 14.18 8.01 19.55
C ALA D 219 15.48 7.64 20.24
N ARG D 220 15.86 6.36 20.21
CA ARG D 220 17.10 5.93 20.85
C ARG D 220 18.31 6.54 20.17
N LEU D 221 18.32 6.56 18.83
CA LEU D 221 19.44 7.16 18.10
C LEU D 221 19.54 8.65 18.38
N PHE D 222 18.41 9.34 18.46
CA PHE D 222 18.41 10.76 18.79
C PHE D 222 18.93 11.00 20.21
N SER D 223 18.60 10.09 21.13
CA SER D 223 19.13 10.19 22.48
C SER D 223 20.63 9.91 22.53
N ARG D 224 21.13 9.10 21.59
CA ARG D 224 22.57 8.83 21.55
C ARG D 224 23.36 10.09 21.19
N ILE D 225 22.76 11.01 20.45
CA ILE D 225 23.48 12.15 19.87
C ILE D 225 23.96 13.04 21.01
N ALA D 226 25.27 13.06 21.25
CA ALA D 226 25.82 13.89 22.31
C ALA D 226 25.96 15.34 21.87
N LYS D 227 26.78 15.59 20.85
CA LYS D 227 27.04 16.94 20.37
C LYS D 227 26.73 17.02 18.89
N ARG D 228 25.98 18.04 18.49
CA ARG D 228 25.64 18.29 17.09
C ARG D 228 26.15 19.67 16.69
N THR D 229 26.82 19.74 15.54
CA THR D 229 27.45 20.97 15.07
C THR D 229 26.86 21.37 13.72
N ALA D 230 26.48 22.63 13.60
CA ALA D 230 25.90 23.17 12.37
C ALA D 230 26.92 24.05 11.67
N ILE D 231 27.15 23.80 10.39
CA ILE D 231 28.00 24.64 9.56
C ILE D 231 27.09 25.19 8.46
N ASN D 232 26.50 26.36 8.71
CA ASN D 232 25.57 26.94 7.74
C ASN D 232 26.34 27.46 6.52
N LYS D 233 27.21 28.44 6.72
CA LYS D 233 28.03 28.99 5.65
C LYS D 233 29.46 29.15 6.15
N THR D 234 30.39 29.20 5.20
CA THR D 234 31.79 29.38 5.54
C THR D 234 32.00 30.74 6.22
N LYS D 235 32.65 30.72 7.38
CA LYS D 235 32.84 31.94 8.15
C LYS D 235 33.98 32.77 7.57
N LYS D 236 34.05 34.03 8.02
CA LYS D 236 35.08 34.95 7.53
C LYS D 236 36.46 34.49 7.95
N ALA D 237 36.60 33.94 9.16
CA ALA D 237 37.90 33.45 9.61
C ALA D 237 38.40 32.30 8.74
N ASP D 238 37.47 31.46 8.25
CA ASP D 238 37.87 30.34 7.40
C ASP D 238 38.50 30.83 6.10
N VAL D 239 37.83 31.74 5.41
CA VAL D 239 38.38 32.26 4.16
C VAL D 239 39.61 33.11 4.42
N LYS D 240 39.68 33.78 5.57
CA LYS D 240 40.88 34.52 5.92
C LYS D 240 42.08 33.59 6.07
N ALA D 241 41.89 32.46 6.76
CA ALA D 241 42.97 31.50 6.93
C ALA D 241 43.36 30.89 5.60
N ILE D 242 42.39 30.60 4.74
CA ILE D 242 42.70 30.04 3.42
C ILE D 242 43.50 31.05 2.59
N ALA D 243 43.11 32.33 2.64
CA ALA D 243 43.85 33.35 1.91
C ALA D 243 45.26 33.48 2.45
N ASP D 244 45.43 33.42 3.78
CA ASP D 244 46.76 33.47 4.36
C ASP D 244 47.61 32.29 3.92
N ALA D 245 47.01 31.10 3.86
CA ALA D 245 47.72 29.94 3.35
C ALA D 245 48.03 30.06 1.86
N TRP D 246 47.23 30.83 1.12
CA TRP D 246 47.46 31.07 -0.29
C TRP D 246 48.32 32.29 -0.56
N GLN D 247 48.80 32.96 0.49
CA GLN D 247 49.61 34.17 0.38
C GLN D 247 48.87 35.26 -0.41
N ILE D 248 47.73 35.67 0.15
CA ILE D 248 46.90 36.72 -0.42
C ILE D 248 46.78 37.83 0.61
N ASN D 249 47.14 39.05 0.21
CA ASN D 249 47.14 40.19 1.12
C ASN D 249 46.23 41.33 0.69
N GLY D 250 45.94 41.47 -0.60
CA GLY D 250 45.10 42.55 -1.10
C GLY D 250 43.71 42.58 -0.50
N GLU D 251 43.27 43.77 -0.08
CA GLU D 251 41.93 43.89 0.49
C GLU D 251 40.85 43.56 -0.55
N LYS D 252 41.06 43.98 -1.79
CA LYS D 252 40.12 43.64 -2.85
C LYS D 252 40.08 42.14 -3.08
N GLU D 253 41.24 41.48 -3.03
CA GLU D 253 41.27 40.03 -3.18
C GLU D 253 40.53 39.34 -2.04
N LEU D 254 40.70 39.83 -0.80
CA LEU D 254 39.98 39.26 0.32
C LEU D 254 38.48 39.47 0.17
N GLU D 255 38.07 40.65 -0.30
CA GLU D 255 36.65 40.92 -0.49
C GLU D 255 36.07 39.98 -1.55
N LEU D 256 36.82 39.78 -2.65
CA LEU D 256 36.37 38.88 -3.69
C LEU D 256 36.28 37.44 -3.19
N LEU D 257 37.25 37.01 -2.38
CA LEU D 257 37.20 35.68 -1.81
C LEU D 257 35.98 35.51 -0.91
N GLN D 258 35.68 36.53 -0.10
CA GLN D 258 34.50 36.47 0.77
C GLN D 258 33.23 36.40 -0.06
N GLN D 259 33.15 37.18 -1.14
CA GLN D 259 32.00 37.10 -2.02
C GLN D 259 31.86 35.73 -2.66
N ILE D 260 32.98 35.15 -3.08
CA ILE D 260 32.98 33.81 -3.67
C ILE D 260 32.49 32.78 -2.66
N ALA D 261 32.86 32.97 -1.40
CA ALA D 261 32.49 32.02 -0.35
C ALA D 261 30.98 31.92 -0.20
N GLN D 262 30.27 33.06 -0.23
CA GLN D 262 28.84 33.01 0.02
C GLN D 262 28.05 32.35 -1.10
N LYS D 263 28.68 32.05 -2.24
CA LYS D 263 28.02 31.32 -3.31
C LYS D 263 27.73 29.89 -2.88
N PRO D 264 26.74 29.24 -3.50
CA PRO D 264 26.47 27.83 -3.19
C PRO D 264 27.68 26.96 -3.50
N GLY D 265 27.86 25.93 -2.69
CA GLY D 265 29.09 25.14 -2.75
C GLY D 265 30.26 25.98 -2.33
N ALA D 266 30.10 26.65 -1.18
CA ALA D 266 30.97 27.73 -0.72
C ALA D 266 32.46 27.44 -0.89
N LEU D 267 32.96 26.43 -0.17
CA LEU D 267 34.40 26.25 -0.12
C LEU D 267 34.91 25.52 -1.36
N ARG D 268 34.06 24.71 -1.99
CA ARG D 268 34.43 24.12 -3.27
C ARG D 268 34.62 25.20 -4.33
N ILE D 269 33.71 26.17 -4.39
CA ILE D 269 33.86 27.27 -5.33
C ILE D 269 35.10 28.10 -4.99
N LEU D 270 35.34 28.33 -3.69
CA LEU D 270 36.54 29.06 -3.29
C LEU D 270 37.80 28.35 -3.76
N ASN D 271 37.88 27.04 -3.53
CA ASN D 271 39.05 26.27 -3.93
C ASN D 271 39.21 26.24 -5.45
N HIS D 272 38.10 26.05 -6.17
CA HIS D 272 38.17 26.02 -7.63
C HIS D 272 38.68 27.34 -8.19
N SER D 273 38.12 28.45 -7.71
CA SER D 273 38.55 29.76 -8.18
C SER D 273 40.01 30.01 -7.84
N LEU D 274 40.43 29.67 -6.61
CA LEU D 274 41.82 29.90 -6.23
C LEU D 274 42.77 29.08 -7.09
N ARG D 275 42.45 27.80 -7.30
CA ARG D 275 43.32 26.94 -8.10
C ARG D 275 43.38 27.40 -9.55
N LEU D 276 42.24 27.79 -10.12
CA LEU D 276 42.25 28.28 -11.50
C LEU D 276 43.06 29.56 -11.63
N ALA D 277 42.89 30.49 -10.69
CA ALA D 277 43.65 31.73 -10.74
C ALA D 277 45.15 31.47 -10.59
N ALA D 278 45.52 30.58 -9.67
CA ALA D 278 46.94 30.25 -9.49
C ALA D 278 47.52 29.61 -10.73
N MET D 279 46.78 28.68 -11.34
CA MET D 279 47.25 28.03 -12.56
C MET D 279 47.42 29.02 -13.69
N THR D 280 46.44 29.92 -13.88
CA THR D 280 46.54 30.91 -14.94
C THR D 280 47.69 31.87 -14.71
N ALA D 281 47.89 32.30 -13.47
CA ALA D 281 48.99 33.21 -13.16
C ALA D 281 50.34 32.53 -13.37
N HIS D 282 50.46 31.27 -12.96
CA HIS D 282 51.70 30.53 -13.17
C HIS D 282 51.99 30.33 -14.65
N GLY D 283 50.94 30.04 -15.43
CA GLY D 283 51.12 29.93 -16.88
C GLY D 283 51.55 31.23 -17.50
N LYS D 284 50.96 32.35 -17.06
CA LYS D 284 51.34 33.65 -17.57
C LYS D 284 52.60 34.21 -16.90
N GLY D 285 53.11 33.55 -15.87
CA GLY D 285 54.32 34.00 -15.22
C GLY D 285 54.18 35.21 -14.34
N GLU D 286 52.96 35.51 -13.88
CA GLU D 286 52.69 36.64 -13.01
C GLU D 286 52.15 36.16 -11.67
N ARG D 287 52.15 37.07 -10.70
CA ARG D 287 51.61 36.77 -9.38
C ARG D 287 50.09 36.79 -9.39
N VAL D 288 49.50 36.03 -8.47
CA VAL D 288 48.04 35.97 -8.37
C VAL D 288 47.52 37.26 -7.77
N ASN D 289 46.54 37.88 -8.42
CA ASN D 289 45.96 39.12 -7.96
C ASN D 289 44.45 39.04 -8.13
N GLU D 290 43.77 40.18 -7.93
CA GLU D 290 42.31 40.20 -7.99
C GLU D 290 41.80 39.95 -9.41
N ASP D 291 42.59 40.26 -10.43
CA ASP D 291 42.15 40.07 -11.80
C ASP D 291 41.95 38.58 -12.11
N TYR D 292 42.91 37.75 -11.72
CA TYR D 292 42.78 36.32 -11.95
C TYR D 292 41.65 35.72 -11.14
N LEU D 293 41.47 36.18 -9.90
CA LEU D 293 40.35 35.72 -9.09
C LEU D 293 39.02 36.06 -9.75
N ARG D 294 38.89 37.29 -10.24
CA ARG D 294 37.66 37.69 -10.91
C ARG D 294 37.43 36.88 -12.18
N GLN D 295 38.49 36.63 -12.96
CA GLN D 295 38.34 35.84 -14.16
C GLN D 295 37.89 34.41 -13.84
N ALA D 296 38.50 33.81 -12.81
CA ALA D 296 38.11 32.46 -12.42
C ALA D 296 36.67 32.42 -11.92
N PHE D 297 36.26 33.43 -11.16
CA PHE D 297 34.89 33.44 -10.63
C PHE D 297 33.87 33.68 -11.73
N ARG D 298 34.20 34.54 -12.70
CA ARG D 298 33.32 34.72 -13.86
C ARG D 298 33.29 33.45 -14.72
N GLU D 299 34.34 32.64 -14.66
CA GLU D 299 34.30 31.31 -15.22
C GLU D 299 33.47 30.43 -14.29
N LEU D 300 33.45 29.12 -14.57
CA LEU D 300 32.69 28.12 -13.82
C LEU D 300 31.19 28.26 -14.07
N ASP D 301 30.80 29.34 -14.74
CA ASP D 301 29.42 29.55 -15.19
C ASP D 301 28.42 29.31 -14.06
N LEU D 302 28.73 29.86 -12.88
CA LEU D 302 27.86 29.68 -11.72
C LEU D 302 26.51 30.38 -11.93
N ASP D 303 26.53 31.60 -12.46
CA ASP D 303 25.32 32.39 -12.65
C ASP D 303 24.68 32.16 -14.02
N VAL D 304 24.94 31.03 -14.65
CA VAL D 304 24.37 30.71 -15.95
C VAL D 304 23.07 29.97 -15.72
N ASP D 305 21.94 30.61 -16.08
CA ASP D 305 20.63 29.97 -16.02
C ASP D 305 20.47 29.11 -17.28
N ILE D 306 21.17 27.98 -17.28
CA ILE D 306 21.33 27.14 -18.46
C ILE D 306 20.01 26.44 -18.78
N SER D 307 19.04 26.53 -17.88
CA SER D 307 17.70 26.06 -18.15
C SER D 307 16.87 27.04 -18.97
N THR D 308 17.34 28.28 -19.11
CA THR D 308 16.68 29.27 -19.95
C THR D 308 17.49 29.66 -21.18
N LEU D 309 18.79 29.36 -21.21
CA LEU D 309 19.56 29.58 -22.44
C LEU D 309 19.05 28.70 -23.57
N LEU D 310 18.61 27.49 -23.25
CA LEU D 310 18.05 26.61 -24.27
C LEU D 310 16.67 27.07 -24.72
N ARG D 311 15.84 27.51 -23.77
CA ARG D 311 14.51 28.01 -24.13
C ARG D 311 14.60 29.28 -24.97
N ASN D 312 15.48 30.21 -24.59
CA ASN D 312 15.59 31.48 -25.29
C ASN D 312 16.70 31.43 -26.34
N LEU E 67 36.75 15.00 42.49
CA LEU E 67 37.96 14.33 42.92
C LEU E 67 37.81 12.79 43.00
N PRO E 68 36.76 12.28 43.65
CA PRO E 68 36.57 10.83 43.66
C PRO E 68 36.23 10.28 42.29
N GLU E 69 36.52 9.00 42.10
CA GLU E 69 36.23 8.35 40.84
C GLU E 69 34.72 8.27 40.60
N PRO E 70 34.27 8.41 39.35
CA PRO E 70 32.84 8.33 39.10
C PRO E 70 32.29 6.95 39.41
N PRO E 71 31.06 6.85 39.87
CA PRO E 71 30.47 5.53 40.15
C PRO E 71 30.09 4.83 38.87
N ARG E 72 30.59 3.59 38.71
CA ARG E 72 30.28 2.81 37.52
C ARG E 72 28.78 2.50 37.44
N PHE E 73 28.18 2.14 38.57
CA PHE E 73 26.77 1.81 38.60
C PHE E 73 26.20 2.17 39.97
N VAL E 74 24.96 2.64 39.97
CA VAL E 74 24.25 3.00 41.19
C VAL E 74 22.88 2.32 41.18
N GLU E 75 22.52 1.71 42.31
CA GLU E 75 21.23 1.03 42.44
C GLU E 75 20.14 2.07 42.67
N THR E 76 19.22 2.18 41.72
CA THR E 76 18.15 3.17 41.76
C THR E 76 16.79 2.48 41.81
N GLN E 77 15.73 3.29 41.88
CA GLN E 77 14.38 2.75 41.94
C GLN E 77 14.02 2.03 40.64
N THR E 78 14.34 2.64 39.50
CA THR E 78 14.08 1.99 38.21
C THR E 78 14.94 0.74 38.07
N VAL E 79 16.20 0.80 38.50
CA VAL E 79 17.07 -0.36 38.47
C VAL E 79 16.52 -1.46 39.37
N LYS E 80 16.04 -1.09 40.56
CA LYS E 80 15.46 -2.09 41.46
C LYS E 80 14.22 -2.73 40.86
N GLN E 81 13.36 -1.93 40.21
CA GLN E 81 12.17 -2.49 39.57
C GLN E 81 12.54 -3.44 38.43
N ILE E 82 13.53 -3.07 37.63
CA ILE E 82 13.96 -3.92 36.54
C ILE E 82 14.56 -5.22 37.08
N TRP E 83 15.33 -5.12 38.16
CA TRP E 83 15.90 -6.32 38.77
C TRP E 83 14.82 -7.22 39.37
N THR E 84 13.78 -6.61 39.95
CA THR E 84 12.66 -7.40 40.43
C THR E 84 11.97 -8.13 39.29
N SER E 85 11.80 -7.45 38.16
CA SER E 85 11.23 -8.10 36.99
C SER E 85 12.11 -9.26 36.51
N MET E 86 13.42 -9.06 36.50
CA MET E 86 14.34 -10.14 36.11
C MET E 86 14.25 -11.33 37.06
N ARG E 87 14.22 -11.06 38.36
CA ARG E 87 14.12 -12.14 39.33
C ARG E 87 12.81 -12.90 39.17
N PHE E 88 11.72 -12.17 38.94
CA PHE E 88 10.43 -12.82 38.71
C PHE E 88 10.46 -13.67 37.45
N ALA E 89 11.09 -13.17 36.38
CA ALA E 89 11.18 -13.92 35.13
C ALA E 89 12.01 -15.19 35.31
N SER E 90 13.11 -15.08 36.06
CA SER E 90 13.98 -16.24 36.27
C SER E 90 13.33 -17.26 37.19
N LEU E 91 12.55 -16.81 38.16
CA LEU E 91 11.91 -17.74 39.10
C LEU E 91 10.70 -18.41 38.48
N THR E 92 9.75 -17.61 37.98
CA THR E 92 8.55 -18.15 37.36
C THR E 92 8.85 -18.88 36.06
N GLU E 93 10.03 -18.66 35.48
CA GLU E 93 10.44 -19.29 34.22
C GLU E 93 9.47 -18.94 33.09
N SER E 94 9.09 -17.67 33.01
CA SER E 94 8.20 -17.18 31.97
C SER E 94 8.75 -15.88 31.41
N ILE E 95 8.37 -15.60 30.16
CA ILE E 95 8.90 -14.44 29.45
C ILE E 95 8.42 -13.16 30.12
N ALA E 96 9.34 -12.20 30.28
CA ALA E 96 9.04 -10.88 30.82
C ALA E 96 9.45 -9.82 29.83
N VAL E 97 8.73 -8.70 29.85
CA VAL E 97 8.98 -7.58 28.94
C VAL E 97 9.37 -6.37 29.78
N VAL E 98 10.52 -5.78 29.47
CA VAL E 98 11.00 -4.57 30.12
C VAL E 98 11.28 -3.57 29.00
N CYS E 99 10.28 -2.75 28.65
CA CYS E 99 10.42 -1.77 27.59
C CYS E 99 10.22 -0.37 28.17
N GLY E 100 11.14 0.53 27.86
CA GLY E 100 11.08 1.89 28.38
C GLY E 100 11.55 2.87 27.34
N ASN E 101 11.37 4.16 27.66
CA ASN E 101 11.84 5.22 26.79
C ASN E 101 13.37 5.22 26.75
N PRO E 102 13.96 5.83 25.72
CA PRO E 102 15.42 5.82 25.62
C PRO E 102 16.09 6.46 26.82
N GLY E 103 17.20 5.87 27.25
CA GLY E 103 18.01 6.42 28.33
C GLY E 103 17.35 6.43 29.69
N VAL E 104 16.66 5.34 30.05
CA VAL E 104 16.01 5.24 31.35
C VAL E 104 16.72 4.28 32.29
N GLY E 105 17.79 3.63 31.84
CA GLY E 105 18.54 2.73 32.69
C GLY E 105 18.24 1.26 32.51
N LYS E 106 17.78 0.84 31.33
CA LYS E 106 17.45 -0.57 31.13
C LYS E 106 18.70 -1.39 30.81
N THR E 107 19.47 -0.97 29.81
CA THR E 107 20.63 -1.73 29.39
C THR E 107 21.68 -1.81 30.50
N GLU E 108 21.92 -0.70 31.20
CA GLU E 108 22.92 -0.71 32.26
C GLU E 108 22.47 -1.58 33.43
N ALA E 109 21.18 -1.53 33.78
CA ALA E 109 20.67 -2.40 34.84
C ALA E 109 20.79 -3.86 34.44
N ALA E 110 20.50 -4.18 33.18
CA ALA E 110 20.64 -5.55 32.70
C ALA E 110 22.10 -6.01 32.74
N ARG E 111 23.02 -5.13 32.35
CA ARG E 111 24.44 -5.47 32.40
C ARG E 111 24.90 -5.72 33.84
N GLU E 112 24.44 -4.86 34.76
CA GLU E 112 24.79 -5.07 36.18
C GLU E 112 24.20 -6.36 36.71
N TYR E 113 22.97 -6.69 36.31
CA TYR E 113 22.36 -7.96 36.72
C TYR E 113 23.16 -9.13 36.19
N ARG E 114 23.61 -9.06 34.94
CA ARG E 114 24.42 -10.14 34.38
C ARG E 114 25.75 -10.27 35.12
N ARG E 115 26.37 -9.14 35.46
CA ARG E 115 27.68 -9.21 36.10
C ARG E 115 27.57 -9.71 37.55
N THR E 116 26.48 -9.36 38.23
CA THR E 116 26.34 -9.72 39.65
C THR E 116 25.65 -11.06 39.86
N ASN E 117 25.11 -11.69 38.82
CA ASN E 117 24.38 -12.94 38.98
C ASN E 117 24.95 -14.00 38.04
N ASN E 118 25.11 -15.21 38.55
CA ASN E 118 25.59 -16.33 37.74
C ASN E 118 24.44 -16.92 36.93
N ASN E 119 24.81 -17.65 35.88
CA ASN E 119 23.85 -18.28 34.97
C ASN E 119 22.84 -17.28 34.42
N VAL E 120 23.33 -16.09 34.09
CA VAL E 120 22.52 -15.04 33.47
C VAL E 120 23.24 -14.58 32.21
N TRP E 121 22.53 -14.60 31.08
CA TRP E 121 23.13 -14.33 29.78
C TRP E 121 22.42 -13.17 29.09
N MET E 122 23.21 -12.28 28.50
CA MET E 122 22.72 -11.08 27.84
C MET E 122 23.19 -11.05 26.38
N ILE E 123 22.26 -10.83 25.46
CA ILE E 123 22.59 -10.54 24.08
C ILE E 123 21.81 -9.31 23.65
N THR E 124 22.34 -8.63 22.64
CA THR E 124 21.67 -7.48 22.03
C THR E 124 21.29 -7.83 20.61
N ILE E 125 20.18 -7.28 20.14
CA ILE E 125 19.61 -7.63 18.84
C ILE E 125 19.83 -6.43 17.92
N THR E 126 20.90 -6.48 17.15
CA THR E 126 21.12 -5.54 16.08
C THR E 126 20.29 -5.93 14.86
N PRO E 127 20.04 -5.00 13.95
CA PRO E 127 19.35 -5.37 12.70
C PRO E 127 20.10 -6.40 11.88
N SER E 128 21.42 -6.54 12.08
CA SER E 128 22.16 -7.62 11.45
C SER E 128 21.93 -8.95 12.12
N CYS E 129 21.70 -8.96 13.43
CA CYS E 129 21.42 -10.17 14.21
C CYS E 129 19.93 -10.33 14.48
N ALA E 130 19.09 -9.92 13.53
CA ALA E 130 17.64 -9.97 13.68
C ALA E 130 17.01 -11.18 13.01
N SER E 131 17.82 -12.14 12.55
CA SER E 131 17.33 -13.38 11.98
C SER E 131 17.58 -14.53 12.95
N VAL E 132 16.93 -15.65 12.69
CA VAL E 132 16.98 -16.78 13.62
C VAL E 132 18.40 -17.29 13.78
N LEU E 133 19.09 -17.53 12.66
CA LEU E 133 20.44 -18.08 12.72
C LEU E 133 21.39 -17.12 13.43
N GLU E 134 21.33 -15.84 13.08
CA GLU E 134 22.26 -14.88 13.67
C GLU E 134 21.95 -14.62 15.14
N CYS E 135 20.67 -14.55 15.50
CA CYS E 135 20.31 -14.37 16.90
C CYS E 135 20.74 -15.56 17.74
N LEU E 136 20.53 -16.78 17.22
CA LEU E 136 20.96 -17.98 17.93
C LEU E 136 22.48 -18.02 18.04
N THR E 137 23.19 -17.58 17.00
CA THR E 137 24.65 -17.52 17.08
C THR E 137 25.11 -16.51 18.13
N GLU E 138 24.44 -15.37 18.22
CA GLU E 138 24.75 -14.39 19.26
C GLU E 138 24.52 -14.98 20.64
N LEU E 139 23.41 -15.69 20.81
CA LEU E 139 23.13 -16.33 22.11
C LEU E 139 24.19 -17.36 22.45
N ALA E 140 24.60 -18.16 21.46
CA ALA E 140 25.63 -19.17 21.70
C ALA E 140 26.96 -18.52 22.06
N PHE E 141 27.32 -17.43 21.37
CA PHE E 141 28.56 -16.72 21.68
C PHE E 141 28.51 -16.15 23.09
N GLU E 142 27.34 -15.66 23.51
CA GLU E 142 27.18 -15.23 24.90
C GLU E 142 27.36 -16.40 25.86
N LEU E 143 26.84 -17.58 25.50
CA LEU E 143 26.96 -18.76 26.33
C LEU E 143 28.39 -19.27 26.42
N GLY E 144 29.30 -18.79 25.58
CA GLY E 144 30.65 -19.28 25.53
C GLY E 144 30.87 -20.41 24.55
N MET E 145 29.85 -20.77 23.76
CA MET E 145 29.97 -21.83 22.76
C MET E 145 30.53 -21.24 21.47
N ASN E 146 31.84 -20.94 21.51
CA ASN E 146 32.51 -20.36 20.36
C ASN E 146 32.58 -21.32 19.18
N ASP E 147 32.34 -22.61 19.41
CA ASP E 147 32.33 -23.62 18.35
C ASP E 147 30.91 -24.03 17.98
N ALA E 148 29.97 -23.10 18.01
CA ALA E 148 28.58 -23.41 17.75
C ALA E 148 28.37 -23.78 16.28
N PRO E 149 27.44 -24.67 16.00
CA PRO E 149 27.13 -25.02 14.61
C PRO E 149 26.55 -23.82 13.85
N ARG E 150 26.78 -23.82 12.54
CA ARG E 150 26.39 -22.71 11.68
C ARG E 150 25.02 -22.89 11.04
N ARG E 151 24.30 -23.96 11.35
CA ARG E 151 22.96 -24.18 10.82
C ARG E 151 21.93 -23.88 11.90
N LYS E 152 20.69 -23.65 11.46
CA LYS E 152 19.63 -23.30 12.39
C LYS E 152 19.35 -24.43 13.37
N GLY E 153 19.11 -25.64 12.85
CA GLY E 153 18.70 -26.76 13.66
C GLY E 153 19.74 -27.23 14.66
N PRO E 154 20.95 -27.54 14.18
CA PRO E 154 22.01 -27.93 15.13
C PRO E 154 22.32 -26.86 16.17
N LEU E 155 22.28 -25.58 15.78
CA LEU E 155 22.51 -24.52 16.75
C LEU E 155 21.40 -24.46 17.78
N SER E 156 20.14 -24.61 17.34
CA SER E 156 19.03 -24.61 18.28
C SER E 156 19.13 -25.79 19.25
N ARG E 157 19.51 -26.96 18.75
CA ARG E 157 19.66 -28.11 19.62
C ARG E 157 20.81 -27.93 20.60
N ALA E 158 21.93 -27.36 20.14
CA ALA E 158 23.05 -27.09 21.02
C ALA E 158 22.67 -26.10 22.12
N LEU E 159 21.90 -25.07 21.76
CA LEU E 159 21.42 -24.12 22.76
C LEU E 159 20.47 -24.80 23.73
N ARG E 160 19.62 -25.70 23.24
CA ARG E 160 18.73 -26.44 24.13
C ARG E 160 19.50 -27.27 25.14
N ARG E 161 20.54 -27.98 24.68
CA ARG E 161 21.35 -28.77 25.61
C ARG E 161 22.12 -27.90 26.59
N ARG E 162 22.69 -26.78 26.12
CA ARG E 162 23.54 -25.98 26.99
C ARG E 162 22.71 -25.22 28.02
N LEU E 163 21.60 -24.61 27.59
CA LEU E 163 20.78 -23.79 28.48
C LEU E 163 19.93 -24.60 29.43
N GLU E 164 19.66 -25.86 29.13
CA GLU E 164 18.77 -26.67 29.97
C GLU E 164 19.45 -27.02 31.28
N GLY E 165 18.63 -27.10 32.33
CA GLY E 165 19.11 -27.47 33.65
C GLY E 165 19.81 -26.37 34.41
N THR E 166 19.78 -25.13 33.90
CA THR E 166 20.45 -24.02 34.56
C THR E 166 19.50 -23.04 35.24
N GLN E 167 18.21 -23.03 34.86
CA GLN E 167 17.25 -22.06 35.36
C GLN E 167 17.76 -20.64 35.16
N GLY E 168 18.34 -20.40 33.99
CA GLY E 168 19.01 -19.14 33.71
C GLY E 168 18.06 -18.03 33.35
N LEU E 169 18.61 -16.97 32.77
CA LEU E 169 17.84 -15.79 32.41
C LEU E 169 18.50 -15.17 31.18
N VAL E 170 17.91 -15.41 30.02
CA VAL E 170 18.40 -14.84 28.77
C VAL E 170 17.71 -13.49 28.56
N ILE E 171 18.49 -12.42 28.64
CA ILE E 171 17.97 -11.07 28.51
C ILE E 171 18.19 -10.61 27.07
N ILE E 172 17.10 -10.41 26.34
CA ILE E 172 17.17 -10.03 24.94
C ILE E 172 17.04 -8.51 24.89
N ASP E 173 18.18 -7.84 24.95
CA ASP E 173 18.19 -6.38 24.83
C ASP E 173 17.83 -5.98 23.40
N GLU E 174 17.13 -4.85 23.28
CA GLU E 174 16.70 -4.32 21.99
C GLU E 174 15.90 -5.37 21.21
N ALA E 175 14.96 -6.01 21.91
CA ALA E 175 14.17 -7.09 21.32
C ALA E 175 13.13 -6.59 20.33
N ASP E 176 12.93 -5.28 20.21
CA ASP E 176 11.97 -4.76 19.24
C ASP E 176 12.38 -5.03 17.81
N HIS E 177 13.66 -5.31 17.56
CA HIS E 177 14.11 -5.62 16.21
C HIS E 177 13.73 -7.03 15.78
N LEU E 178 13.43 -7.91 16.73
CA LEU E 178 13.09 -9.28 16.40
C LEU E 178 11.79 -9.34 15.61
N GLY E 179 11.77 -10.13 14.56
CA GLY E 179 10.58 -10.37 13.79
C GLY E 179 9.70 -11.43 14.44
N ALA E 180 8.65 -11.83 13.71
CA ALA E 180 7.77 -12.88 14.21
C ALA E 180 8.51 -14.20 14.32
N GLU E 181 9.32 -14.53 13.31
CA GLU E 181 10.00 -15.83 13.28
C GLU E 181 11.01 -15.95 14.42
N VAL E 182 11.84 -14.92 14.62
CA VAL E 182 12.88 -15.01 15.64
C VAL E 182 12.28 -14.96 17.04
N LEU E 183 11.27 -14.12 17.24
CA LEU E 183 10.59 -14.07 18.52
C LEU E 183 9.93 -15.41 18.83
N GLU E 184 9.31 -16.02 17.82
CA GLU E 184 8.69 -17.33 18.02
C GLU E 184 9.73 -18.39 18.34
N GLU E 185 10.89 -18.34 17.68
CA GLU E 185 11.93 -19.33 17.94
C GLU E 185 12.48 -19.17 19.36
N LEU E 186 12.73 -17.92 19.78
CA LEU E 186 13.19 -17.70 21.15
C LEU E 186 12.14 -18.11 22.16
N ARG E 187 10.86 -17.88 21.84
CA ARG E 187 9.78 -18.31 22.71
C ARG E 187 9.77 -19.82 22.89
N LEU E 188 9.91 -20.56 21.79
CA LEU E 188 9.93 -22.02 21.89
C LEU E 188 11.19 -22.52 22.61
N LEU E 189 12.31 -21.83 22.41
CA LEU E 189 13.53 -22.18 23.15
C LEU E 189 13.31 -22.02 24.65
N GLN E 190 12.69 -20.90 25.05
CA GLN E 190 12.38 -20.70 26.46
C GLN E 190 11.43 -21.76 26.98
N GLU E 191 10.41 -22.10 26.20
CA GLU E 191 9.42 -23.08 26.64
C GLU E 191 10.05 -24.46 26.82
N SER E 192 10.87 -24.89 25.86
CA SER E 192 11.49 -26.20 25.93
C SER E 192 12.75 -26.23 26.77
N THR E 193 13.19 -25.08 27.29
CA THR E 193 14.40 -25.01 28.10
C THR E 193 14.13 -24.70 29.57
N ARG E 194 12.99 -24.08 29.88
CA ARG E 194 12.63 -23.69 31.25
C ARG E 194 13.63 -22.66 31.80
N ILE E 195 13.72 -21.53 31.10
CA ILE E 195 14.53 -20.40 31.52
C ILE E 195 13.65 -19.15 31.48
N GLY E 196 14.25 -18.03 31.89
CA GLY E 196 13.58 -16.74 31.84
C GLY E 196 14.07 -15.93 30.65
N LEU E 197 13.12 -15.37 29.92
CA LEU E 197 13.42 -14.53 28.76
C LEU E 197 12.91 -13.13 29.04
N VAL E 198 13.81 -12.15 28.99
CA VAL E 198 13.48 -10.75 29.25
C VAL E 198 13.72 -9.96 27.97
N LEU E 199 12.63 -9.60 27.29
CA LEU E 199 12.71 -8.78 26.10
C LEU E 199 12.74 -7.31 26.46
N MET E 200 13.71 -6.58 25.89
CA MET E 200 13.82 -5.15 26.11
C MET E 200 13.67 -4.40 24.79
N GLY E 201 13.86 -3.09 24.86
CA GLY E 201 13.68 -2.22 23.72
C GLY E 201 12.88 -0.97 24.06
N ASN E 202 11.98 -0.57 23.18
CA ASN E 202 11.10 0.57 23.39
C ASN E 202 9.64 0.09 23.33
N HIS E 203 8.71 1.05 23.26
CA HIS E 203 7.29 0.73 23.23
C HIS E 203 6.92 -0.16 22.06
N ARG E 204 7.76 -0.21 21.02
CA ARG E 204 7.47 -1.06 19.86
C ARG E 204 7.48 -2.54 20.21
N VAL E 205 8.06 -2.93 21.34
CA VAL E 205 8.07 -4.34 21.73
C VAL E 205 6.64 -4.84 21.94
N TYR E 206 5.86 -4.09 22.71
CA TYR E 206 4.46 -4.46 22.92
C TYR E 206 3.62 -4.17 21.68
N SER E 207 3.89 -3.04 21.01
CA SER E 207 3.11 -2.68 19.83
C SER E 207 3.28 -3.68 18.70
N ASN E 208 4.38 -4.44 18.69
CA ASN E 208 4.54 -5.49 17.69
C ASN E 208 3.61 -6.66 17.93
N MET E 209 3.20 -6.88 19.18
CA MET E 209 2.39 -8.02 19.57
C MET E 209 0.91 -7.69 19.71
N THR E 210 0.49 -6.50 19.29
CA THR E 210 -0.89 -6.08 19.45
C THR E 210 -1.23 -5.07 18.35
N GLY E 211 -2.51 -5.04 17.96
CA GLY E 211 -2.96 -4.04 17.01
C GLY E 211 -3.58 -4.58 15.74
N GLY E 212 -4.17 -5.77 15.80
CA GLY E 212 -4.84 -6.32 14.63
C GLY E 212 -4.44 -7.75 14.30
N ASN E 213 -3.84 -7.95 13.13
CA ASN E 213 -3.40 -9.28 12.75
C ASN E 213 -2.26 -9.80 13.63
N ARG E 214 -1.57 -8.91 14.33
CA ARG E 214 -0.43 -9.31 15.15
C ARG E 214 -0.80 -9.73 16.56
N THR E 215 -2.09 -9.65 16.94
CA THR E 215 -2.50 -10.19 18.23
C THR E 215 -2.93 -11.65 18.15
N VAL E 216 -3.03 -12.21 16.94
CA VAL E 216 -3.31 -13.62 16.77
C VAL E 216 -2.09 -14.39 16.27
N GLU E 217 -1.18 -13.73 15.53
CA GLU E 217 0.08 -14.38 15.18
C GLU E 217 1.01 -14.44 16.39
N PHE E 218 1.06 -13.36 17.18
CA PHE E 218 1.84 -13.31 18.40
C PHE E 218 1.04 -13.74 19.63
N ALA E 219 -0.03 -14.54 19.43
CA ALA E 219 -0.91 -14.87 20.54
C ALA E 219 -0.18 -15.68 21.61
N ARG E 220 0.55 -16.71 21.19
CA ARG E 220 1.26 -17.56 22.15
C ARG E 220 2.36 -16.78 22.87
N LEU E 221 3.11 -15.97 22.13
CA LEU E 221 4.17 -15.17 22.74
C LEU E 221 3.60 -14.18 23.75
N PHE E 222 2.48 -13.54 23.39
CA PHE E 222 1.79 -12.68 24.34
C PHE E 222 1.30 -13.47 25.54
N SER E 223 0.94 -14.75 25.32
CA SER E 223 0.42 -15.57 26.40
C SER E 223 1.50 -15.92 27.42
N ARG E 224 2.73 -16.16 26.97
CA ARG E 224 3.76 -16.46 27.96
C ARG E 224 4.17 -15.25 28.78
N ILE E 225 3.86 -14.02 28.34
CA ILE E 225 4.43 -12.84 28.96
C ILE E 225 3.90 -12.73 30.39
N ALA E 226 4.77 -13.03 31.35
CA ALA E 226 4.34 -13.04 32.75
C ALA E 226 4.23 -11.63 33.32
N LYS E 227 5.35 -10.91 33.36
CA LYS E 227 5.39 -9.58 33.94
C LYS E 227 5.96 -8.59 32.94
N ARG E 228 5.28 -7.47 32.76
CA ARG E 228 5.73 -6.40 31.87
C ARG E 228 5.89 -5.12 32.69
N THR E 229 7.03 -4.45 32.52
CA THR E 229 7.38 -3.27 33.30
C THR E 229 7.53 -2.07 32.38
N ALA E 230 6.90 -0.96 32.74
CA ALA E 230 6.94 0.26 31.95
C ALA E 230 7.85 1.28 32.63
N ILE E 231 8.78 1.82 31.88
CA ILE E 231 9.66 2.90 32.35
C ILE E 231 9.44 4.07 31.41
N ASN E 232 8.49 4.95 31.76
CA ASN E 232 8.22 6.11 30.92
C ASN E 232 9.33 7.15 31.06
N LYS E 233 9.49 7.68 32.26
CA LYS E 233 10.56 8.62 32.57
C LYS E 233 11.19 8.22 33.89
N THR E 234 12.47 8.55 34.04
CA THR E 234 13.18 8.18 35.26
C THR E 234 12.62 8.95 36.45
N LYS E 235 12.43 8.23 37.56
CA LYS E 235 11.77 8.79 38.72
C LYS E 235 12.70 9.73 39.48
N LYS E 236 12.11 10.47 40.43
CA LYS E 236 12.90 11.38 41.24
C LYS E 236 13.89 10.62 42.12
N ALA E 237 13.51 9.44 42.59
CA ALA E 237 14.42 8.62 43.39
C ALA E 237 15.62 8.19 42.57
N ASP E 238 15.45 7.97 41.26
CA ASP E 238 16.57 7.57 40.41
C ASP E 238 17.63 8.66 40.36
N VAL E 239 17.22 9.89 40.04
CA VAL E 239 18.19 10.97 39.98
C VAL E 239 18.72 11.31 41.36
N LYS E 240 17.91 11.13 42.41
CA LYS E 240 18.41 11.33 43.76
C LYS E 240 19.53 10.36 44.09
N ALA E 241 19.35 9.08 43.74
CA ALA E 241 20.39 8.09 43.97
C ALA E 241 21.64 8.39 43.14
N ILE E 242 21.45 8.82 41.89
CA ILE E 242 22.59 9.16 41.04
C ILE E 242 23.36 10.33 41.66
N ALA E 243 22.65 11.36 42.11
CA ALA E 243 23.32 12.51 42.73
C ALA E 243 24.04 12.11 44.02
N ASP E 244 23.41 11.25 44.83
CA ASP E 244 24.06 10.80 46.05
C ASP E 244 25.33 10.02 45.75
N ALA E 245 25.29 9.17 44.73
CA ALA E 245 26.49 8.47 44.28
C ALA E 245 27.53 9.44 43.71
N TRP E 246 27.09 10.58 43.19
CA TRP E 246 27.98 11.59 42.64
C TRP E 246 28.39 12.64 43.67
N GLN E 247 27.94 12.50 44.92
CA GLN E 247 28.26 13.44 46.01
C GLN E 247 27.80 14.85 45.66
N ILE E 248 26.49 14.97 45.45
CA ILE E 248 25.84 16.26 45.16
C ILE E 248 24.77 16.50 46.22
N ASN E 249 24.86 17.65 46.87
CA ASN E 249 23.94 17.99 47.96
C ASN E 249 23.14 19.27 47.73
N GLY E 250 23.62 20.18 46.88
CA GLY E 250 22.92 21.42 46.64
C GLY E 250 21.52 21.25 46.09
N GLU E 251 20.56 22.00 46.66
CA GLU E 251 19.19 21.92 46.18
C GLU E 251 19.07 22.40 44.74
N LYS E 252 19.80 23.47 44.39
CA LYS E 252 19.80 23.95 43.01
C LYS E 252 20.40 22.90 42.07
N GLU E 253 21.47 22.22 42.51
CA GLU E 253 22.05 21.17 41.69
C GLU E 253 21.08 20.01 41.52
N LEU E 254 20.36 19.64 42.59
CA LEU E 254 19.37 18.59 42.49
C LEU E 254 18.25 18.96 41.52
N GLU E 255 17.79 20.21 41.58
CA GLU E 255 16.75 20.66 40.66
C GLU E 255 17.25 20.66 39.22
N LEU E 256 18.51 21.06 39.01
CA LEU E 256 19.07 21.04 37.67
C LEU E 256 19.18 19.61 37.13
N LEU E 257 19.59 18.67 37.98
CA LEU E 257 19.63 17.27 37.57
C LEU E 257 18.24 16.76 37.24
N GLN E 258 17.25 17.14 38.06
CA GLN E 258 15.87 16.74 37.81
C GLN E 258 15.39 17.26 36.47
N GLN E 259 15.73 18.52 36.14
CA GLN E 259 15.37 19.07 34.84
C GLN E 259 16.09 18.36 33.72
N ILE E 260 17.37 18.01 33.92
CA ILE E 260 18.16 17.34 32.90
C ILE E 260 17.55 15.97 32.58
N ALA E 261 17.07 15.26 33.60
CA ALA E 261 16.56 13.92 33.39
C ALA E 261 15.37 13.91 32.43
N GLN E 262 14.46 14.87 32.57
CA GLN E 262 13.24 14.87 31.76
C GLN E 262 13.51 15.19 30.29
N LYS E 263 14.73 15.60 29.94
CA LYS E 263 15.08 15.73 28.53
C LYS E 263 15.12 14.36 27.88
N PRO E 264 14.94 14.30 26.55
CA PRO E 264 14.99 13.01 25.85
C PRO E 264 16.31 12.29 26.13
N GLY E 265 16.21 10.98 26.36
CA GLY E 265 17.38 10.22 26.76
C GLY E 265 17.82 10.58 28.16
N ALA E 266 17.02 10.22 29.16
CA ALA E 266 17.17 10.73 30.51
C ALA E 266 18.56 10.50 31.09
N LEU E 267 18.92 9.23 31.32
CA LEU E 267 20.21 8.96 31.95
C LEU E 267 21.38 9.09 31.00
N ARG E 268 21.18 8.99 29.69
CA ARG E 268 22.27 9.29 28.77
C ARG E 268 22.72 10.74 28.92
N ILE E 269 21.77 11.67 28.83
CA ILE E 269 22.09 13.08 28.99
C ILE E 269 22.56 13.36 30.41
N LEU E 270 21.94 12.72 31.40
CA LEU E 270 22.35 12.95 32.80
C LEU E 270 23.80 12.53 33.02
N ASN E 271 24.17 11.35 32.54
CA ASN E 271 25.54 10.87 32.69
C ASN E 271 26.52 11.74 31.90
N HIS E 272 26.14 12.14 30.69
CA HIS E 272 27.01 12.99 29.90
C HIS E 272 27.28 14.31 30.62
N SER E 273 26.22 14.95 31.11
CA SER E 273 26.37 16.23 31.80
C SER E 273 27.19 16.07 33.08
N LEU E 274 26.91 15.03 33.87
CA LEU E 274 27.64 14.82 35.12
C LEU E 274 29.12 14.56 34.85
N ARG E 275 29.44 13.71 33.87
CA ARG E 275 30.82 13.41 33.56
C ARG E 275 31.56 14.64 33.03
N LEU E 276 30.90 15.41 32.17
CA LEU E 276 31.54 16.63 31.66
C LEU E 276 31.79 17.63 32.77
N ALA E 277 30.81 17.82 33.65
CA ALA E 277 31.00 18.75 34.77
C ALA E 277 32.12 18.29 35.69
N ALA E 278 32.17 16.99 35.99
CA ALA E 278 33.23 16.47 36.84
C ALA E 278 34.60 16.65 36.18
N MET E 279 34.69 16.37 34.88
CA MET E 279 35.95 16.54 34.17
C MET E 279 36.40 17.99 34.16
N THR E 280 35.46 18.92 33.91
CA THR E 280 35.81 20.33 33.90
C THR E 280 36.26 20.80 35.27
N ALA E 281 35.56 20.37 36.33
CA ALA E 281 35.94 20.75 37.69
C ALA E 281 37.30 20.18 38.06
N HIS E 282 37.57 18.93 37.68
CA HIS E 282 38.86 18.33 37.98
C HIS E 282 39.98 19.03 37.22
N GLY E 283 39.73 19.40 35.97
CA GLY E 283 40.73 20.15 35.22
C GLY E 283 40.99 21.52 35.82
N LYS E 284 39.94 22.20 36.25
CA LYS E 284 40.07 23.50 36.91
C LYS E 284 40.49 23.38 38.37
N GLY E 285 40.51 22.17 38.93
CA GLY E 285 40.91 22.00 40.30
C GLY E 285 39.91 22.44 41.34
N GLU E 286 38.64 22.51 40.98
CA GLU E 286 37.57 22.93 41.89
C GLU E 286 36.56 21.81 42.05
N ARG E 287 35.62 22.01 42.96
CA ARG E 287 34.57 21.04 43.21
C ARG E 287 33.40 21.26 42.25
N VAL E 288 32.65 20.19 42.01
CA VAL E 288 31.51 20.25 41.10
C VAL E 288 30.37 20.99 41.77
N ASN E 289 29.82 21.99 41.08
CA ASN E 289 28.71 22.77 41.61
C ASN E 289 27.70 22.98 40.48
N GLU E 290 26.74 23.87 40.73
CA GLU E 290 25.66 24.10 39.76
C GLU E 290 26.17 24.77 38.48
N ASP E 291 27.26 25.53 38.57
CA ASP E 291 27.78 26.23 37.40
C ASP E 291 28.25 25.25 36.34
N TYR E 292 29.02 24.23 36.74
CA TYR E 292 29.51 23.24 35.78
C TYR E 292 28.37 22.41 35.23
N LEU E 293 27.39 22.07 36.08
CA LEU E 293 26.23 21.34 35.60
C LEU E 293 25.47 22.14 34.55
N ARG E 294 25.26 23.44 34.80
CA ARG E 294 24.58 24.28 33.84
C ARG E 294 25.37 24.40 32.54
N GLN E 295 26.69 24.56 32.65
CA GLN E 295 27.52 24.65 31.45
C GLN E 295 27.43 23.38 30.63
N ALA E 296 27.51 22.22 31.29
CA ALA E 296 27.43 20.94 30.58
C ALA E 296 26.06 20.76 29.92
N PHE E 297 24.99 21.14 30.62
CA PHE E 297 23.65 20.97 30.06
C PHE E 297 23.41 21.92 28.90
N ARG E 298 23.92 23.15 28.99
CA ARG E 298 23.83 24.07 27.86
C ARG E 298 24.68 23.60 26.69
N GLU E 299 25.75 22.85 26.97
CA GLU E 299 26.50 22.17 25.93
C GLU E 299 25.65 20.98 25.46
N LEU E 300 26.20 20.18 24.54
CA LEU E 300 25.55 19.00 23.95
C LEU E 300 24.47 19.42 22.95
N ASP E 301 24.18 20.72 22.88
CA ASP E 301 23.32 21.30 21.84
C ASP E 301 22.00 20.56 21.72
N LEU E 302 21.39 20.22 22.87
CA LEU E 302 20.11 19.52 22.85
C LEU E 302 19.00 20.40 22.27
N ASP E 303 18.99 21.68 22.65
CA ASP E 303 17.96 22.61 22.20
C ASP E 303 18.32 23.28 20.88
N VAL E 304 19.23 22.71 20.11
CA VAL E 304 19.63 23.26 18.83
C VAL E 304 18.78 22.61 17.74
N ASP E 305 17.95 23.42 17.08
CA ASP E 305 17.13 22.94 15.96
C ASP E 305 17.99 22.96 14.69
N ILE E 306 18.98 22.07 14.66
CA ILE E 306 20.01 22.10 13.64
C ILE E 306 19.45 21.84 12.24
N SER E 307 18.16 21.55 12.12
CA SER E 307 17.50 21.50 10.83
C SER E 307 17.05 22.87 10.35
N THR E 308 17.14 23.90 11.19
CA THR E 308 16.79 25.26 10.80
C THR E 308 17.93 26.26 10.91
N LEU E 309 19.05 25.90 11.57
CA LEU E 309 20.22 26.76 11.53
C LEU E 309 20.82 26.82 10.13
N LEU E 310 20.52 25.84 9.28
CA LEU E 310 21.02 25.83 7.91
C LEU E 310 20.11 26.61 6.97
N ARG E 311 18.79 26.44 7.09
CA ARG E 311 17.86 27.22 6.28
C ARG E 311 17.97 28.71 6.59
N ASN E 312 18.04 29.06 7.87
CA ASN E 312 18.07 30.46 8.27
C ASN E 312 19.50 30.93 8.53
N LEU F 67 0.59 -25.41 51.77
CA LEU F 67 1.47 -26.36 52.46
C LEU F 67 1.80 -27.59 51.61
N PRO F 68 0.80 -28.26 51.01
CA PRO F 68 1.11 -29.42 50.16
C PRO F 68 1.86 -29.01 48.90
N GLU F 69 2.63 -29.94 48.36
CA GLU F 69 3.36 -29.68 47.14
C GLU F 69 2.40 -29.44 45.99
N PRO F 70 2.72 -28.52 45.08
CA PRO F 70 1.82 -28.24 43.95
C PRO F 70 1.64 -29.45 43.07
N PRO F 71 0.44 -29.66 42.53
CA PRO F 71 0.23 -30.78 41.60
C PRO F 71 0.87 -30.49 40.25
N ARG F 72 1.79 -31.38 39.84
CA ARG F 72 2.50 -31.16 38.59
C ARG F 72 1.57 -31.29 37.38
N PHE F 73 0.52 -32.11 37.49
CA PHE F 73 -0.40 -32.32 36.38
C PHE F 73 -1.71 -32.87 36.93
N VAL F 74 -2.82 -32.41 36.35
CA VAL F 74 -4.15 -32.88 36.71
C VAL F 74 -4.93 -33.15 35.43
N GLU F 75 -5.69 -34.25 35.43
CA GLU F 75 -6.44 -34.68 34.26
C GLU F 75 -7.74 -33.89 34.17
N THR F 76 -7.68 -32.76 33.47
CA THR F 76 -8.87 -31.94 33.26
C THR F 76 -9.71 -32.52 32.13
N GLN F 77 -10.87 -31.90 31.90
CA GLN F 77 -11.75 -32.34 30.82
C GLN F 77 -11.10 -32.12 29.47
N THR F 78 -10.43 -30.98 29.28
CA THR F 78 -9.71 -30.74 28.03
C THR F 78 -8.58 -31.73 27.85
N VAL F 79 -7.87 -32.06 28.93
CA VAL F 79 -6.82 -33.06 28.86
C VAL F 79 -7.40 -34.42 28.48
N LYS F 80 -8.56 -34.77 29.05
CA LYS F 80 -9.19 -36.03 28.69
C LYS F 80 -9.59 -36.06 27.23
N GLN F 81 -10.14 -34.96 26.71
CA GLN F 81 -10.50 -34.90 25.30
C GLN F 81 -9.28 -35.03 24.40
N ILE F 82 -8.19 -34.36 24.77
CA ILE F 82 -6.97 -34.42 23.96
C ILE F 82 -6.38 -35.83 24.00
N TRP F 83 -6.43 -36.48 25.17
CA TRP F 83 -5.96 -37.85 25.27
C TRP F 83 -6.82 -38.80 24.47
N THR F 84 -8.14 -38.56 24.43
CA THR F 84 -9.01 -39.35 23.57
C THR F 84 -8.66 -39.16 22.11
N SER F 85 -8.37 -37.93 21.70
CA SER F 85 -7.96 -37.67 20.32
C SER F 85 -6.66 -38.41 19.99
N MET F 86 -5.69 -38.37 20.90
CA MET F 86 -4.42 -39.07 20.66
C MET F 86 -4.61 -40.58 20.64
N ARG F 87 -5.46 -41.11 21.51
CA ARG F 87 -5.76 -42.54 21.49
C ARG F 87 -6.39 -42.94 20.16
N PHE F 88 -7.34 -42.14 19.66
CA PHE F 88 -7.95 -42.43 18.38
C PHE F 88 -6.92 -42.36 17.26
N ALA F 89 -6.03 -41.37 17.30
CA ALA F 89 -5.01 -41.25 16.27
C ALA F 89 -4.06 -42.45 16.27
N SER F 90 -3.68 -42.92 17.46
CA SER F 90 -2.81 -44.08 17.54
C SER F 90 -3.53 -45.37 17.17
N LEU F 91 -4.84 -45.42 17.38
CA LEU F 91 -5.61 -46.63 17.06
C LEU F 91 -5.86 -46.74 15.57
N THR F 92 -6.53 -45.74 14.99
CA THR F 92 -6.85 -45.76 13.57
C THR F 92 -5.65 -45.51 12.68
N GLU F 93 -4.51 -45.13 13.26
CA GLU F 93 -3.27 -44.88 12.50
C GLU F 93 -3.48 -43.82 11.43
N SER F 94 -4.12 -42.72 11.83
CA SER F 94 -4.38 -41.60 10.93
C SER F 94 -4.04 -40.29 11.64
N ILE F 95 -3.74 -39.28 10.82
CA ILE F 95 -3.32 -37.99 11.35
C ILE F 95 -4.47 -37.32 12.09
N ALA F 96 -4.17 -36.78 13.27
CA ALA F 96 -5.13 -36.03 14.06
C ALA F 96 -4.62 -34.62 14.30
N VAL F 97 -5.55 -33.66 14.37
CA VAL F 97 -5.21 -32.26 14.58
C VAL F 97 -5.78 -31.83 15.92
N VAL F 98 -4.92 -31.31 16.78
CA VAL F 98 -5.32 -30.75 18.07
C VAL F 98 -4.89 -29.30 18.07
N CYS F 99 -5.78 -28.42 17.64
CA CYS F 99 -5.50 -26.99 17.51
C CYS F 99 -6.38 -26.22 18.47
N GLY F 100 -5.77 -25.32 19.25
CA GLY F 100 -6.52 -24.54 20.22
C GLY F 100 -5.85 -23.21 20.49
N ASN F 101 -6.57 -22.37 21.21
CA ASN F 101 -6.04 -21.08 21.62
C ASN F 101 -4.89 -21.27 22.60
N PRO F 102 -3.99 -20.30 22.72
CA PRO F 102 -2.84 -20.46 23.62
C PRO F 102 -3.27 -20.65 25.06
N GLY F 103 -2.49 -21.45 25.79
CA GLY F 103 -2.72 -21.69 27.20
C GLY F 103 -4.01 -22.41 27.54
N VAL F 104 -4.30 -23.49 26.82
CA VAL F 104 -5.50 -24.30 27.09
C VAL F 104 -5.16 -25.71 27.53
N GLY F 105 -3.90 -26.00 27.84
CA GLY F 105 -3.52 -27.30 28.34
C GLY F 105 -3.10 -28.32 27.30
N LYS F 106 -2.76 -27.89 26.09
CA LYS F 106 -2.43 -28.83 25.02
C LYS F 106 -1.03 -29.43 25.21
N THR F 107 -0.02 -28.58 25.35
CA THR F 107 1.36 -29.06 25.40
C THR F 107 1.59 -29.96 26.62
N GLU F 108 1.05 -29.58 27.78
CA GLU F 108 1.21 -30.41 28.96
C GLU F 108 0.46 -31.72 28.82
N ALA F 109 -0.70 -31.71 28.16
CA ALA F 109 -1.40 -32.95 27.89
C ALA F 109 -0.56 -33.87 27.01
N ALA F 110 0.07 -33.31 25.97
CA ALA F 110 0.94 -34.12 25.12
C ALA F 110 2.14 -34.67 25.89
N ARG F 111 2.73 -33.84 26.75
CA ARG F 111 3.87 -34.29 27.54
C ARG F 111 3.47 -35.41 28.50
N GLU F 112 2.33 -35.27 29.15
CA GLU F 112 1.88 -36.32 30.07
C GLU F 112 1.52 -37.59 29.31
N TYR F 113 0.94 -37.46 28.12
CA TYR F 113 0.66 -38.63 27.29
C TYR F 113 1.95 -39.34 26.90
N ARG F 114 2.98 -38.58 26.54
CA ARG F 114 4.28 -39.18 26.22
C ARG F 114 4.87 -39.88 27.43
N ARG F 115 4.76 -39.26 28.61
CA ARG F 115 5.34 -39.84 29.82
C ARG F 115 4.63 -41.12 30.24
N THR F 116 3.30 -41.13 30.16
CA THR F 116 2.51 -42.25 30.68
C THR F 116 2.28 -43.37 29.68
N ASN F 117 2.63 -43.18 28.41
CA ASN F 117 2.38 -44.18 27.38
C ASN F 117 3.69 -44.55 26.69
N ASN F 118 3.92 -45.85 26.53
CA ASN F 118 5.10 -46.34 25.83
C ASN F 118 4.92 -46.20 24.32
N ASN F 119 6.04 -46.18 23.61
CA ASN F 119 6.06 -46.04 22.15
C ASN F 119 5.32 -44.78 21.70
N VAL F 120 5.50 -43.70 22.43
CA VAL F 120 4.94 -42.40 22.08
C VAL F 120 6.07 -41.39 22.05
N TRP F 121 6.22 -40.69 20.93
CA TRP F 121 7.32 -39.76 20.71
C TRP F 121 6.76 -38.38 20.39
N MET F 122 7.27 -37.37 21.07
CA MET F 122 6.79 -36.00 20.95
C MET F 122 7.94 -35.07 20.62
N ILE F 123 7.75 -34.22 19.61
CA ILE F 123 8.72 -33.21 19.24
C ILE F 123 7.98 -31.87 19.08
N THR F 124 8.74 -30.79 19.18
CA THR F 124 8.22 -29.45 18.94
C THR F 124 8.90 -28.86 17.72
N ILE F 125 8.15 -28.05 16.96
CA ILE F 125 8.62 -27.50 15.70
C ILE F 125 8.94 -26.02 15.94
N THR F 126 10.21 -25.74 16.22
CA THR F 126 10.69 -24.37 16.25
C THR F 126 10.91 -23.88 14.82
N PRO F 127 10.93 -22.56 14.61
CA PRO F 127 11.25 -22.04 13.28
C PRO F 127 12.63 -22.44 12.80
N SER F 128 13.55 -22.80 13.70
CA SER F 128 14.83 -23.34 13.29
C SER F 128 14.71 -24.79 12.82
N CYS F 129 13.83 -25.57 13.43
CA CYS F 129 13.59 -26.96 13.05
C CYS F 129 12.34 -27.11 12.19
N ALA F 130 12.07 -26.13 11.33
CA ALA F 130 10.88 -26.13 10.49
C ALA F 130 11.14 -26.64 9.09
N SER F 131 12.35 -27.11 8.79
CA SER F 131 12.67 -27.70 7.50
C SER F 131 12.68 -29.22 7.59
N VAL F 132 12.75 -29.86 6.43
CA VAL F 132 12.61 -31.32 6.38
C VAL F 132 13.73 -31.99 7.14
N LEU F 133 14.97 -31.61 6.86
CA LEU F 133 16.11 -32.26 7.51
C LEU F 133 16.11 -32.02 9.01
N GLU F 134 15.86 -30.78 9.43
CA GLU F 134 15.90 -30.47 10.86
C GLU F 134 14.73 -31.11 11.61
N CYS F 135 13.55 -31.14 10.99
CA CYS F 135 12.41 -31.81 11.64
C CYS F 135 12.65 -33.30 11.76
N LEU F 136 13.19 -33.92 10.70
CA LEU F 136 13.49 -35.35 10.78
C LEU F 136 14.57 -35.63 11.81
N THR F 137 15.57 -34.74 11.92
CA THR F 137 16.60 -34.90 12.95
C THR F 137 16.01 -34.76 14.34
N GLU F 138 15.09 -33.83 14.54
CA GLU F 138 14.42 -33.70 15.84
C GLU F 138 13.64 -34.96 16.17
N LEU F 139 12.93 -35.52 15.19
CA LEU F 139 12.19 -36.75 15.42
C LEU F 139 13.12 -37.90 15.75
N ALA F 140 14.25 -38.00 15.06
CA ALA F 140 15.22 -39.05 15.34
C ALA F 140 15.81 -38.90 16.73
N PHE F 141 16.13 -37.67 17.13
CA PHE F 141 16.67 -37.43 18.46
C PHE F 141 15.64 -37.79 19.54
N GLU F 142 14.36 -37.52 19.27
CA GLU F 142 13.32 -37.96 20.18
C GLU F 142 13.26 -39.49 20.24
N LEU F 143 13.52 -40.17 19.13
CA LEU F 143 13.54 -41.62 19.09
C LEU F 143 14.73 -42.22 19.81
N GLY F 144 15.70 -41.41 20.22
CA GLY F 144 16.94 -41.92 20.78
C GLY F 144 18.01 -42.23 19.77
N MET F 145 17.77 -41.96 18.48
CA MET F 145 18.74 -42.20 17.42
C MET F 145 19.73 -41.04 17.37
N ASN F 146 20.60 -40.99 18.38
CA ASN F 146 21.60 -39.93 18.47
C ASN F 146 22.66 -40.03 17.37
N ASP F 147 22.73 -41.15 16.67
CA ASP F 147 23.68 -41.33 15.57
C ASP F 147 22.98 -41.31 14.21
N ALA F 148 21.89 -40.54 14.10
CA ALA F 148 21.11 -40.51 12.88
C ALA F 148 21.90 -39.85 11.75
N PRO F 149 21.69 -40.28 10.51
CA PRO F 149 22.37 -39.64 9.38
C PRO F 149 21.91 -38.19 9.21
N ARG F 150 22.81 -37.38 8.65
CA ARG F 150 22.58 -35.95 8.50
C ARG F 150 22.08 -35.56 7.12
N ARG F 151 21.71 -36.53 6.29
CA ARG F 151 21.13 -36.27 4.98
C ARG F 151 19.64 -36.59 5.00
N LYS F 152 18.91 -36.01 4.06
CA LYS F 152 17.46 -36.16 4.04
C LYS F 152 17.05 -37.62 3.82
N GLY F 153 17.58 -38.25 2.77
CA GLY F 153 17.18 -39.59 2.39
C GLY F 153 17.52 -40.66 3.41
N PRO F 154 18.80 -40.76 3.79
CA PRO F 154 19.16 -41.73 4.83
C PRO F 154 18.43 -41.53 6.14
N LEU F 155 18.21 -40.27 6.55
CA LEU F 155 17.46 -40.02 7.78
C LEU F 155 16.01 -40.46 7.65
N SER F 156 15.40 -40.19 6.49
CA SER F 156 14.01 -40.62 6.29
C SER F 156 13.91 -42.13 6.31
N ARG F 157 14.87 -42.83 5.69
CA ARG F 157 14.83 -44.29 5.69
C ARG F 157 15.09 -44.85 7.09
N ALA F 158 15.99 -44.23 7.85
CA ALA F 158 16.24 -44.66 9.22
C ALA F 158 14.99 -44.47 10.08
N LEU F 159 14.30 -43.34 9.91
CA LEU F 159 13.06 -43.13 10.64
C LEU F 159 11.99 -44.15 10.23
N ARG F 160 11.92 -44.47 8.94
CA ARG F 160 10.98 -45.50 8.48
C ARG F 160 11.29 -46.83 9.13
N ARG F 161 12.58 -47.18 9.23
CA ARG F 161 12.95 -48.48 9.81
C ARG F 161 12.68 -48.51 11.31
N ARG F 162 13.01 -47.43 12.03
CA ARG F 162 12.87 -47.44 13.48
C ARG F 162 11.41 -47.33 13.91
N LEU F 163 10.64 -46.45 13.25
CA LEU F 163 9.25 -46.22 13.64
C LEU F 163 8.32 -47.35 13.22
N GLU F 164 8.70 -48.16 12.23
CA GLU F 164 7.80 -49.19 11.73
C GLU F 164 7.66 -50.33 12.73
N GLY F 165 6.47 -50.92 12.77
CA GLY F 165 6.19 -52.03 13.65
C GLY F 165 5.93 -51.67 15.09
N THR F 166 5.88 -50.37 15.42
CA THR F 166 5.65 -49.94 16.79
C THR F 166 4.23 -49.48 17.05
N GLN F 167 3.48 -49.12 16.01
CA GLN F 167 2.13 -48.54 16.17
C GLN F 167 2.17 -47.35 17.11
N GLY F 168 3.19 -46.50 16.94
CA GLY F 168 3.44 -45.42 17.86
C GLY F 168 2.57 -44.20 17.59
N LEU F 169 3.02 -43.06 18.11
CA LEU F 169 2.27 -41.81 18.00
C LEU F 169 3.28 -40.68 18.01
N VAL F 170 3.56 -40.11 16.84
CA VAL F 170 4.47 -38.98 16.71
C VAL F 170 3.65 -37.71 16.90
N ILE F 171 3.87 -37.03 18.01
CA ILE F 171 3.11 -35.84 18.38
C ILE F 171 3.89 -34.62 17.93
N ILE F 172 3.41 -33.95 16.88
CA ILE F 172 4.09 -32.78 16.33
C ILE F 172 3.50 -31.57 17.02
N ASP F 173 4.10 -31.17 18.14
CA ASP F 173 3.70 -29.94 18.81
C ASP F 173 4.12 -28.73 17.99
N GLU F 174 3.31 -27.68 18.05
CA GLU F 174 3.55 -26.44 17.31
C GLU F 174 3.71 -26.73 15.81
N ALA F 175 2.79 -27.53 15.27
CA ALA F 175 2.86 -27.93 13.88
C ALA F 175 2.49 -26.81 12.91
N ASP F 176 2.00 -25.67 13.42
CA ASP F 176 1.67 -24.56 12.54
C ASP F 176 2.89 -23.98 11.84
N HIS F 177 4.09 -24.22 12.35
CA HIS F 177 5.30 -23.73 11.71
C HIS F 177 5.71 -24.56 10.50
N LEU F 178 5.17 -25.76 10.37
CA LEU F 178 5.55 -26.65 9.28
C LEU F 178 5.11 -26.10 7.94
N GLY F 179 5.97 -26.20 6.94
CA GLY F 179 5.66 -25.80 5.59
C GLY F 179 4.96 -26.91 4.84
N ALA F 180 4.85 -26.72 3.52
CA ALA F 180 4.21 -27.75 2.69
C ALA F 180 5.12 -28.95 2.51
N GLU F 181 6.41 -28.71 2.28
CA GLU F 181 7.35 -29.81 2.05
C GLU F 181 7.49 -30.68 3.28
N VAL F 182 7.63 -30.06 4.45
CA VAL F 182 7.81 -30.85 5.68
C VAL F 182 6.53 -31.59 6.02
N LEU F 183 5.37 -30.97 5.80
CA LEU F 183 4.11 -31.64 6.06
C LEU F 183 3.92 -32.82 5.11
N GLU F 184 4.32 -32.68 3.84
CA GLU F 184 4.28 -33.81 2.91
C GLU F 184 5.20 -34.93 3.38
N GLU F 185 6.40 -34.58 3.84
CA GLU F 185 7.34 -35.59 4.33
C GLU F 185 6.76 -36.34 5.53
N LEU F 186 6.17 -35.60 6.48
CA LEU F 186 5.59 -36.24 7.66
C LEU F 186 4.40 -37.11 7.29
N ARG F 187 3.55 -36.64 6.37
CA ARG F 187 2.41 -37.45 5.95
C ARG F 187 2.86 -38.73 5.26
N LEU F 188 3.88 -38.63 4.40
CA LEU F 188 4.40 -39.83 3.75
C LEU F 188 5.03 -40.78 4.76
N LEU F 189 5.73 -40.24 5.75
CA LEU F 189 6.31 -41.08 6.79
C LEU F 189 5.23 -41.82 7.57
N GLN F 190 4.16 -41.11 7.93
CA GLN F 190 3.06 -41.76 8.66
C GLN F 190 2.38 -42.81 7.79
N GLU F 191 2.17 -42.51 6.50
CA GLU F 191 1.51 -43.45 5.61
C GLU F 191 2.33 -44.72 5.41
N SER F 192 3.64 -44.58 5.23
CA SER F 192 4.51 -45.72 5.02
C SER F 192 4.95 -46.37 6.33
N THR F 193 4.59 -45.79 7.47
CA THR F 193 4.93 -46.35 8.77
C THR F 193 3.73 -46.88 9.54
N ARG F 194 2.52 -46.41 9.24
CA ARG F 194 1.30 -46.83 9.92
C ARG F 194 1.38 -46.50 11.41
N ILE F 195 1.53 -45.20 11.70
CA ILE F 195 1.56 -44.67 13.04
C ILE F 195 0.56 -43.52 13.13
N GLY F 196 0.48 -42.91 14.31
CA GLY F 196 -0.36 -41.75 14.53
C GLY F 196 0.47 -40.48 14.51
N LEU F 197 -0.04 -39.47 13.81
CA LEU F 197 0.64 -38.18 13.69
C LEU F 197 -0.31 -37.09 14.17
N VAL F 198 -0.12 -36.64 15.41
CA VAL F 198 -0.97 -35.62 16.01
C VAL F 198 -0.31 -34.27 15.79
N LEU F 199 -0.85 -33.48 14.86
CA LEU F 199 -0.39 -32.13 14.63
C LEU F 199 -1.05 -31.19 15.63
N MET F 200 -0.24 -30.48 16.40
CA MET F 200 -0.73 -29.58 17.43
C MET F 200 -0.39 -28.14 17.06
N GLY F 201 -0.75 -27.21 17.95
CA GLY F 201 -0.50 -25.81 17.72
C GLY F 201 -1.68 -24.93 18.01
N ASN F 202 -1.93 -23.94 17.15
CA ASN F 202 -3.04 -23.01 17.30
C ASN F 202 -3.99 -23.16 16.11
N HIS F 203 -4.96 -22.24 16.02
CA HIS F 203 -5.96 -22.29 14.96
C HIS F 203 -5.37 -22.09 13.56
N ARG F 204 -4.06 -21.89 13.45
CA ARG F 204 -3.41 -21.78 12.14
C ARG F 204 -3.11 -23.14 11.53
N VAL F 205 -3.15 -24.22 12.32
CA VAL F 205 -2.89 -25.55 11.77
C VAL F 205 -3.95 -25.91 10.75
N TYR F 206 -5.21 -25.68 11.07
CA TYR F 206 -6.28 -25.95 10.12
C TYR F 206 -6.30 -24.90 9.01
N SER F 207 -6.07 -23.64 9.35
CA SER F 207 -6.12 -22.57 8.35
C SER F 207 -5.01 -22.67 7.32
N ASN F 208 -3.92 -23.37 7.63
CA ASN F 208 -2.84 -23.56 6.66
C ASN F 208 -3.25 -24.49 5.53
N MET F 209 -4.22 -25.36 5.76
CA MET F 209 -4.63 -26.37 4.80
C MET F 209 -5.91 -25.99 4.06
N THR F 210 -6.35 -24.74 4.15
CA THR F 210 -7.61 -24.33 3.56
C THR F 210 -7.54 -22.82 3.29
N GLY F 211 -8.25 -22.38 2.25
CA GLY F 211 -8.31 -20.97 1.94
C GLY F 211 -7.91 -20.58 0.52
N GLY F 212 -8.05 -21.51 -0.42
CA GLY F 212 -7.75 -21.21 -1.80
C GLY F 212 -6.83 -22.22 -2.47
N ASN F 213 -5.65 -21.78 -2.88
CA ASN F 213 -4.68 -22.70 -3.46
C ASN F 213 -4.18 -23.72 -2.44
N ARG F 214 -4.34 -23.44 -1.14
CA ARG F 214 -3.85 -24.34 -0.12
C ARG F 214 -4.75 -25.56 0.07
N THR F 215 -5.99 -25.51 -0.40
CA THR F 215 -6.88 -26.66 -0.25
C THR F 215 -6.69 -27.71 -1.33
N VAL F 216 -5.95 -27.41 -2.39
CA VAL F 216 -5.63 -28.38 -3.42
C VAL F 216 -4.19 -28.89 -3.32
N GLU F 217 -3.27 -28.07 -2.81
CA GLU F 217 -1.92 -28.55 -2.55
C GLU F 217 -1.89 -29.46 -1.32
N PHE F 218 -2.65 -29.10 -0.29
CA PHE F 218 -2.75 -29.89 0.93
C PHE F 218 -3.91 -30.88 0.89
N ALA F 219 -4.34 -31.29 -0.30
CA ALA F 219 -5.53 -32.13 -0.41
C ALA F 219 -5.32 -33.50 0.24
N ARG F 220 -4.19 -34.14 -0.07
CA ARG F 220 -3.91 -35.45 0.51
C ARG F 220 -3.78 -35.36 2.03
N LEU F 221 -3.04 -34.36 2.52
CA LEU F 221 -2.86 -34.20 3.95
C LEU F 221 -4.17 -33.95 4.66
N PHE F 222 -5.03 -33.11 4.07
CA PHE F 222 -6.35 -32.87 4.64
C PHE F 222 -7.21 -34.12 4.61
N SER F 223 -7.02 -34.98 3.62
CA SER F 223 -7.74 -36.25 3.58
C SER F 223 -7.26 -37.20 4.67
N ARG F 224 -5.96 -37.15 5.01
CA ARG F 224 -5.44 -38.03 6.05
C ARG F 224 -6.02 -37.71 7.41
N ILE F 225 -6.44 -36.47 7.64
CA ILE F 225 -6.88 -36.02 8.96
C ILE F 225 -8.17 -36.74 9.32
N ALA F 226 -8.11 -37.66 10.28
CA ALA F 226 -9.29 -38.40 10.70
C ALA F 226 -10.10 -37.62 11.72
N LYS F 227 -9.49 -37.33 12.88
CA LYS F 227 -10.17 -36.63 13.97
C LYS F 227 -9.48 -35.30 14.23
N ARG F 228 -10.27 -34.24 14.30
CA ARG F 228 -9.75 -32.90 14.57
C ARG F 228 -10.47 -32.33 15.78
N THR F 229 -9.70 -31.70 16.68
CA THR F 229 -10.23 -31.15 17.92
C THR F 229 -9.85 -29.68 18.01
N ALA F 230 -10.83 -28.83 18.33
CA ALA F 230 -10.62 -27.41 18.52
C ALA F 230 -10.88 -27.07 19.98
N ILE F 231 -9.88 -26.46 20.62
CA ILE F 231 -10.01 -26.06 22.02
C ILE F 231 -10.05 -24.53 22.09
N ASN F 232 -11.25 -23.97 22.08
CA ASN F 232 -11.39 -22.51 22.05
C ASN F 232 -10.93 -21.88 23.35
N LYS F 233 -11.57 -22.24 24.46
CA LYS F 233 -11.22 -21.69 25.76
C LYS F 233 -11.22 -22.80 26.80
N THR F 234 -10.50 -22.56 27.89
CA THR F 234 -10.47 -23.51 28.99
C THR F 234 -11.86 -23.69 29.59
N LYS F 235 -12.26 -24.93 29.79
CA LYS F 235 -13.60 -25.23 30.26
C LYS F 235 -13.70 -25.04 31.77
N LYS F 236 -14.95 -24.96 32.25
CA LYS F 236 -15.19 -24.82 33.68
C LYS F 236 -14.74 -26.06 34.44
N ALA F 237 -14.95 -27.25 33.86
CA ALA F 237 -14.51 -28.48 34.51
C ALA F 237 -12.99 -28.51 34.68
N ASP F 238 -12.25 -27.91 33.75
CA ASP F 238 -10.80 -27.88 33.85
C ASP F 238 -10.35 -27.10 35.09
N VAL F 239 -10.87 -25.88 35.26
CA VAL F 239 -10.49 -25.09 36.41
C VAL F 239 -11.04 -25.69 37.69
N LYS F 240 -12.19 -26.37 37.62
CA LYS F 240 -12.71 -27.08 38.79
C LYS F 240 -11.75 -28.18 39.23
N ALA F 241 -11.26 -28.97 38.27
CA ALA F 241 -10.31 -30.03 38.59
C ALA F 241 -9.01 -29.46 39.13
N ILE F 242 -8.54 -28.35 38.55
CA ILE F 242 -7.31 -27.73 39.02
C ILE F 242 -7.48 -27.23 40.44
N ALA F 243 -8.62 -26.59 40.74
CA ALA F 243 -8.87 -26.14 42.10
C ALA F 243 -8.95 -27.30 43.07
N ASP F 244 -9.59 -28.40 42.67
CA ASP F 244 -9.65 -29.57 43.53
C ASP F 244 -8.26 -30.14 43.80
N ALA F 245 -7.41 -30.19 42.78
CA ALA F 245 -6.03 -30.65 42.98
C ALA F 245 -5.23 -29.66 43.81
N TRP F 246 -5.61 -28.39 43.80
CA TRP F 246 -4.95 -27.36 44.58
C TRP F 246 -5.54 -27.18 45.97
N GLN F 247 -6.56 -27.97 46.32
CA GLN F 247 -7.26 -27.88 47.61
C GLN F 247 -7.84 -26.49 47.81
N ILE F 248 -8.70 -26.10 46.87
CA ILE F 248 -9.43 -24.83 46.92
C ILE F 248 -10.92 -25.14 46.94
N ASN F 249 -11.62 -24.62 47.94
CA ASN F 249 -13.04 -24.90 48.11
C ASN F 249 -13.93 -23.66 48.11
N GLY F 250 -13.39 -22.48 48.38
CA GLY F 250 -14.17 -21.27 48.42
C GLY F 250 -14.87 -20.94 47.12
N GLU F 251 -16.16 -20.60 47.20
CA GLU F 251 -16.91 -20.24 46.00
C GLU F 251 -16.34 -18.98 45.35
N LYS F 252 -15.97 -18.00 46.17
CA LYS F 252 -15.33 -16.79 45.64
C LYS F 252 -14.01 -17.13 44.96
N GLU F 253 -13.23 -18.03 45.56
CA GLU F 253 -11.97 -18.45 44.95
C GLU F 253 -12.22 -19.16 43.63
N LEU F 254 -13.24 -20.01 43.56
CA LEU F 254 -13.58 -20.70 42.32
C LEU F 254 -13.99 -19.70 41.24
N GLU F 255 -14.81 -18.71 41.62
CA GLU F 255 -15.23 -17.70 40.65
C GLU F 255 -14.03 -16.88 40.17
N LEU F 256 -13.11 -16.54 41.06
CA LEU F 256 -11.91 -15.81 40.65
C LEU F 256 -11.06 -16.64 39.71
N LEU F 257 -10.91 -17.93 39.99
CA LEU F 257 -10.16 -18.81 39.10
C LEU F 257 -10.83 -18.89 37.73
N GLN F 258 -12.16 -18.97 37.70
CA GLN F 258 -12.87 -18.99 36.43
C GLN F 258 -12.66 -17.68 35.67
N GLN F 259 -12.68 -16.55 36.37
CA GLN F 259 -12.42 -15.26 35.73
C GLN F 259 -11.00 -15.20 35.16
N ILE F 260 -10.03 -15.71 35.91
CA ILE F 260 -8.65 -15.76 35.41
C ILE F 260 -8.56 -16.66 34.18
N ALA F 261 -9.36 -17.72 34.15
CA ALA F 261 -9.30 -18.65 33.03
C ALA F 261 -9.66 -17.98 31.71
N GLN F 262 -10.69 -17.13 31.70
CA GLN F 262 -11.12 -16.53 30.45
C GLN F 262 -10.13 -15.52 29.88
N LYS F 263 -9.11 -15.13 30.66
CA LYS F 263 -8.11 -14.21 30.17
C LYS F 263 -7.24 -14.89 29.11
N PRO F 264 -6.60 -14.11 28.23
CA PRO F 264 -5.66 -14.69 27.26
C PRO F 264 -4.52 -15.41 27.94
N GLY F 265 -4.06 -16.48 27.30
CA GLY F 265 -3.11 -17.37 27.94
C GLY F 265 -3.75 -18.05 29.13
N ALA F 266 -4.96 -18.58 28.90
CA ALA F 266 -5.88 -19.02 29.94
C ALA F 266 -5.24 -19.82 31.06
N LEU F 267 -4.77 -21.02 30.74
CA LEU F 267 -4.31 -21.90 31.80
C LEU F 267 -2.92 -21.49 32.28
N ARG F 268 -2.15 -20.83 31.42
CA ARG F 268 -0.86 -20.27 31.84
C ARG F 268 -1.04 -19.20 32.91
N ILE F 269 -1.99 -18.29 32.69
CA ILE F 269 -2.26 -17.24 33.68
C ILE F 269 -2.84 -17.86 34.94
N LEU F 270 -3.72 -18.86 34.78
CA LEU F 270 -4.27 -19.55 35.95
C LEU F 270 -3.16 -20.19 36.79
N ASN F 271 -2.24 -20.89 36.12
CA ASN F 271 -1.14 -21.55 36.84
C ASN F 271 -0.20 -20.55 37.48
N HIS F 272 0.11 -19.45 36.78
CA HIS F 272 0.97 -18.43 37.36
C HIS F 272 0.35 -17.83 38.61
N SER F 273 -0.94 -17.48 38.53
CA SER F 273 -1.62 -16.92 39.69
C SER F 273 -1.65 -17.91 40.85
N LEU F 274 -1.97 -19.17 40.57
CA LEU F 274 -2.03 -20.16 41.64
C LEU F 274 -0.67 -20.38 42.28
N ARG F 275 0.38 -20.49 41.46
CA ARG F 275 1.71 -20.73 42.01
C ARG F 275 2.21 -19.53 42.81
N LEU F 276 1.96 -18.31 42.33
CA LEU F 276 2.37 -17.14 43.08
C LEU F 276 1.62 -17.02 44.39
N ALA F 277 0.30 -17.30 44.38
CA ALA F 277 -0.47 -17.26 45.61
C ALA F 277 0.02 -18.30 46.60
N ALA F 278 0.32 -19.51 46.12
CA ALA F 278 0.83 -20.55 47.00
C ALA F 278 2.19 -20.16 47.59
N MET F 279 3.07 -19.59 46.76
CA MET F 279 4.37 -19.17 47.25
C MET F 279 4.24 -18.07 48.30
N THR F 280 3.36 -17.09 48.05
CA THR F 280 3.16 -16.01 49.01
C THR F 280 2.59 -16.53 50.32
N ALA F 281 1.61 -17.44 50.24
CA ALA F 281 1.02 -18.01 51.45
C ALA F 281 2.04 -18.82 52.23
N HIS F 282 2.86 -19.61 51.53
CA HIS F 282 3.89 -20.39 52.21
C HIS F 282 4.93 -19.50 52.86
N GLY F 283 5.32 -18.41 52.19
CA GLY F 283 6.23 -17.45 52.81
C GLY F 283 5.63 -16.79 54.03
N LYS F 284 4.35 -16.43 53.96
CA LYS F 284 3.66 -15.84 55.10
C LYS F 284 3.17 -16.88 56.10
N GLY F 285 3.25 -18.16 55.76
CA GLY F 285 2.83 -19.21 56.68
C GLY F 285 1.34 -19.36 56.84
N GLU F 286 0.55 -18.90 55.87
CA GLU F 286 -0.89 -18.99 55.91
C GLU F 286 -1.39 -19.86 54.76
N ARG F 287 -2.71 -20.04 54.70
CA ARG F 287 -3.34 -20.82 53.65
C ARG F 287 -3.77 -19.92 52.49
N VAL F 288 -3.84 -20.51 51.31
CA VAL F 288 -4.23 -19.76 50.12
C VAL F 288 -5.72 -19.47 50.16
N ASN F 289 -6.09 -18.20 49.97
CA ASN F 289 -7.48 -17.80 49.94
C ASN F 289 -7.68 -16.84 48.77
N GLU F 290 -8.85 -16.21 48.71
CA GLU F 290 -9.17 -15.33 47.60
C GLU F 290 -8.27 -14.10 47.56
N ASP F 291 -7.76 -13.65 48.71
CA ASP F 291 -6.89 -12.48 48.74
C ASP F 291 -5.60 -12.73 47.98
N TYR F 292 -4.97 -13.88 48.18
CA TYR F 292 -3.73 -14.18 47.48
C TYR F 292 -3.95 -14.36 45.99
N LEU F 293 -5.05 -15.02 45.61
CA LEU F 293 -5.37 -15.17 44.20
C LEU F 293 -5.60 -13.82 43.55
N ARG F 294 -6.33 -12.93 44.22
CA ARG F 294 -6.57 -11.60 43.68
C ARG F 294 -5.27 -10.81 43.56
N GLN F 295 -4.40 -10.90 44.56
CA GLN F 295 -3.11 -10.21 44.50
C GLN F 295 -2.27 -10.73 43.34
N ALA F 296 -2.22 -12.05 43.16
CA ALA F 296 -1.46 -12.62 42.06
C ALA F 296 -2.02 -12.20 40.71
N PHE F 297 -3.35 -12.19 40.57
CA PHE F 297 -3.95 -11.81 39.29
C PHE F 297 -3.74 -10.33 39.00
N ARG F 298 -3.84 -9.47 40.02
CA ARG F 298 -3.54 -8.06 39.84
C ARG F 298 -2.07 -7.85 39.53
N GLU F 299 -1.20 -8.76 39.97
CA GLU F 299 0.18 -8.76 39.54
C GLU F 299 0.24 -9.25 38.10
N LEU F 300 1.46 -9.45 37.59
CA LEU F 300 1.72 -9.89 36.22
C LEU F 300 1.44 -8.78 35.22
N ASP F 301 0.84 -7.68 35.68
CA ASP F 301 0.56 -6.51 34.85
C ASP F 301 -0.12 -6.91 33.54
N LEU F 302 -1.08 -7.83 33.64
CA LEU F 302 -1.75 -8.34 32.44
C LEU F 302 -2.57 -7.26 31.75
N ASP F 303 -3.28 -6.45 32.53
CA ASP F 303 -4.14 -5.40 31.98
C ASP F 303 -3.42 -4.08 31.80
N VAL F 304 -2.09 -4.10 31.68
CA VAL F 304 -1.31 -2.89 31.51
C VAL F 304 -1.16 -2.61 30.02
N ASP F 305 -1.68 -1.48 29.58
CA ASP F 305 -1.50 -1.02 28.20
C ASP F 305 -0.17 -0.29 28.09
N ILE F 306 0.91 -1.07 28.20
CA ILE F 306 2.26 -0.53 28.28
C ILE F 306 2.67 0.19 27.01
N SER F 307 1.97 -0.03 25.90
CA SER F 307 2.22 0.77 24.69
C SER F 307 1.72 2.19 24.86
N THR F 308 0.69 2.39 25.68
CA THR F 308 0.19 3.73 25.96
C THR F 308 0.88 4.38 27.16
N LEU F 309 1.38 3.57 28.09
CA LEU F 309 2.12 4.12 29.23
C LEU F 309 3.39 4.82 28.76
N LEU F 310 4.10 4.22 27.82
CA LEU F 310 5.32 4.85 27.29
C LEU F 310 4.98 6.01 26.36
N ARG F 311 3.91 5.88 25.58
CA ARG F 311 3.52 6.96 24.68
C ARG F 311 3.12 8.20 25.46
N ASN F 312 2.35 8.02 26.54
CA ASN F 312 1.91 9.14 27.36
C ASN F 312 2.92 9.45 28.46
N LEU G 67 -45.52 -31.77 -14.85
CA LEU G 67 -44.92 -33.08 -14.62
C LEU G 67 -43.56 -33.27 -15.32
N PRO G 68 -43.45 -32.94 -16.61
CA PRO G 68 -42.13 -33.05 -17.27
C PRO G 68 -41.14 -32.06 -16.70
N GLU G 69 -39.86 -32.45 -16.74
CA GLU G 69 -38.80 -31.58 -16.25
C GLU G 69 -38.66 -30.36 -17.16
N PRO G 70 -38.30 -29.22 -16.59
CA PRO G 70 -38.13 -28.02 -17.41
C PRO G 70 -36.98 -28.19 -18.37
N PRO G 71 -37.07 -27.60 -19.57
CA PRO G 71 -35.95 -27.67 -20.51
C PRO G 71 -34.83 -26.73 -20.10
N ARG G 72 -33.61 -27.26 -20.03
CA ARG G 72 -32.48 -26.43 -19.63
C ARG G 72 -32.19 -25.35 -20.67
N PHE G 73 -32.32 -25.68 -21.95
CA PHE G 73 -32.05 -24.73 -23.03
C PHE G 73 -32.87 -25.12 -24.25
N VAL G 74 -33.36 -24.11 -24.96
CA VAL G 74 -34.13 -24.31 -26.18
C VAL G 74 -33.54 -23.43 -27.28
N GLU G 75 -33.35 -24.01 -28.46
CA GLU G 75 -32.79 -23.28 -29.61
C GLU G 75 -33.91 -22.48 -30.26
N THR G 76 -33.78 -21.16 -30.22
CA THR G 76 -34.81 -20.24 -30.71
C THR G 76 -34.24 -19.36 -31.83
N GLN G 77 -35.07 -18.43 -32.29
CA GLN G 77 -34.66 -17.54 -33.39
C GLN G 77 -33.55 -16.60 -32.95
N THR G 78 -33.68 -15.99 -31.77
CA THR G 78 -32.63 -15.12 -31.25
C THR G 78 -31.35 -15.92 -31.00
N VAL G 79 -31.49 -17.12 -30.43
CA VAL G 79 -30.32 -17.97 -30.21
C VAL G 79 -29.68 -18.35 -31.53
N LYS G 80 -30.50 -18.63 -32.56
CA LYS G 80 -29.95 -18.98 -33.86
C LYS G 80 -29.20 -17.80 -34.48
N GLN G 81 -29.74 -16.59 -34.35
CA GLN G 81 -29.06 -15.41 -34.89
C GLN G 81 -27.75 -15.17 -34.15
N ILE G 82 -27.74 -15.30 -32.83
CA ILE G 82 -26.53 -15.11 -32.06
C ILE G 82 -25.49 -16.17 -32.43
N TRP G 83 -25.92 -17.42 -32.63
CA TRP G 83 -25.02 -18.47 -33.03
C TRP G 83 -24.47 -18.23 -34.42
N THR G 84 -25.29 -17.69 -35.33
CA THR G 84 -24.79 -17.33 -36.66
C THR G 84 -23.73 -16.25 -36.55
N SER G 85 -23.95 -15.26 -35.69
CA SER G 85 -22.95 -14.23 -35.48
C SER G 85 -21.65 -14.82 -34.93
N MET G 86 -21.76 -15.75 -33.98
CA MET G 86 -20.57 -16.35 -33.40
C MET G 86 -19.82 -17.22 -34.41
N ARG G 87 -20.54 -17.98 -35.23
CA ARG G 87 -19.91 -18.73 -36.30
C ARG G 87 -19.21 -17.81 -37.28
N PHE G 88 -19.84 -16.69 -37.64
CA PHE G 88 -19.21 -15.73 -38.54
C PHE G 88 -17.95 -15.15 -37.92
N ALA G 89 -17.98 -14.84 -36.63
CA ALA G 89 -16.79 -14.30 -35.97
C ALA G 89 -15.68 -15.32 -35.91
N SER G 90 -16.02 -16.59 -35.67
CA SER G 90 -14.99 -17.63 -35.58
C SER G 90 -14.41 -17.96 -36.96
N LEU G 91 -15.22 -17.86 -38.01
CA LEU G 91 -14.75 -18.19 -39.36
C LEU G 91 -13.96 -17.03 -39.95
N THR G 92 -14.56 -15.84 -40.00
CA THR G 92 -13.89 -14.66 -40.54
C THR G 92 -12.69 -14.23 -39.68
N GLU G 93 -12.61 -14.72 -38.43
CA GLU G 93 -11.53 -14.35 -37.51
C GLU G 93 -11.49 -12.84 -37.28
N SER G 94 -12.66 -12.25 -37.06
CA SER G 94 -12.77 -10.82 -36.79
C SER G 94 -13.76 -10.59 -35.66
N ILE G 95 -13.61 -9.43 -35.01
CA ILE G 95 -14.40 -9.12 -33.83
C ILE G 95 -15.86 -8.94 -34.20
N ALA G 96 -16.75 -9.51 -33.39
CA ALA G 96 -18.20 -9.38 -33.56
C ALA G 96 -18.80 -8.85 -32.28
N VAL G 97 -19.90 -8.11 -32.42
CA VAL G 97 -20.58 -7.49 -31.29
C VAL G 97 -21.99 -8.05 -31.21
N VAL G 98 -22.34 -8.60 -30.05
CA VAL G 98 -23.69 -9.09 -29.78
C VAL G 98 -24.18 -8.35 -28.54
N CYS G 99 -24.85 -7.23 -28.76
CA CYS G 99 -25.36 -6.40 -27.66
C CYS G 99 -26.86 -6.25 -27.81
N GLY G 100 -27.58 -6.41 -26.70
CA GLY G 100 -29.02 -6.31 -26.70
C GLY G 100 -29.55 -5.88 -25.34
N ASN G 101 -30.87 -5.71 -25.27
CA ASN G 101 -31.52 -5.34 -24.03
C ASN G 101 -31.39 -6.47 -23.01
N PRO G 102 -31.53 -6.16 -21.72
CA PRO G 102 -31.43 -7.21 -20.70
C PRO G 102 -32.49 -8.29 -20.89
N GLY G 103 -32.10 -9.52 -20.60
CA GLY G 103 -33.02 -10.65 -20.66
C GLY G 103 -33.55 -10.98 -22.03
N VAL G 104 -32.68 -11.03 -23.04
CA VAL G 104 -33.07 -11.38 -24.39
C VAL G 104 -32.48 -12.71 -24.85
N GLY G 105 -31.74 -13.40 -24.00
CA GLY G 105 -31.18 -14.70 -24.34
C GLY G 105 -29.76 -14.68 -24.85
N LYS G 106 -28.96 -13.67 -24.50
CA LYS G 106 -27.59 -13.57 -25.00
C LYS G 106 -26.63 -14.46 -24.22
N THR G 107 -26.61 -14.31 -22.89
CA THR G 107 -25.63 -15.03 -22.08
C THR G 107 -25.84 -16.53 -22.16
N GLU G 108 -27.09 -16.99 -22.12
CA GLU G 108 -27.34 -18.42 -22.23
C GLU G 108 -27.01 -18.95 -23.61
N ALA G 109 -27.25 -18.15 -24.65
CA ALA G 109 -26.84 -18.56 -25.99
C ALA G 109 -25.32 -18.72 -26.07
N ALA G 110 -24.58 -17.79 -25.49
CA ALA G 110 -23.13 -17.90 -25.48
C ALA G 110 -22.67 -19.11 -24.68
N ARG G 111 -23.30 -19.37 -23.54
CA ARG G 111 -22.93 -20.52 -22.72
C ARG G 111 -23.20 -21.83 -23.46
N GLU G 112 -24.35 -21.92 -24.14
CA GLU G 112 -24.68 -23.14 -24.88
C GLU G 112 -23.74 -23.31 -26.08
N TYR G 113 -23.38 -22.21 -26.72
CA TYR G 113 -22.39 -22.28 -27.80
C TYR G 113 -21.06 -22.79 -27.30
N ARG G 114 -20.63 -22.31 -26.13
CA ARG G 114 -19.38 -22.79 -25.54
C ARG G 114 -19.49 -24.28 -25.20
N ARG G 115 -20.64 -24.71 -24.69
CA ARG G 115 -20.82 -26.11 -24.33
C ARG G 115 -20.79 -27.01 -25.56
N THR G 116 -21.44 -26.59 -26.65
CA THR G 116 -21.61 -27.46 -27.81
C THR G 116 -20.49 -27.35 -28.84
N ASN G 117 -19.58 -26.39 -28.69
CA ASN G 117 -18.51 -26.19 -29.66
C ASN G 117 -17.15 -26.27 -28.98
N ASN G 118 -16.24 -27.04 -29.58
CA ASN G 118 -14.89 -27.15 -29.08
C ASN G 118 -14.08 -25.90 -29.43
N ASN G 119 -13.02 -25.67 -28.66
CA ASN G 119 -12.13 -24.52 -28.84
C ASN G 119 -12.91 -23.20 -28.81
N VAL G 120 -13.87 -23.11 -27.89
CA VAL G 120 -14.63 -21.88 -27.67
C VAL G 120 -14.52 -21.54 -26.20
N TRP G 121 -14.03 -20.33 -25.90
CA TRP G 121 -13.76 -19.90 -24.53
C TRP G 121 -14.57 -18.64 -24.24
N MET G 122 -15.27 -18.65 -23.11
CA MET G 122 -16.15 -17.56 -22.73
C MET G 122 -15.78 -17.06 -21.34
N ILE G 123 -15.66 -15.75 -21.20
CA ILE G 123 -15.45 -15.11 -19.90
C ILE G 123 -16.45 -13.97 -19.75
N THR G 124 -16.70 -13.60 -18.51
CA THR G 124 -17.55 -12.46 -18.19
C THR G 124 -16.70 -11.37 -17.54
N ILE G 125 -17.11 -10.12 -17.78
CA ILE G 125 -16.32 -8.98 -17.30
C ILE G 125 -17.03 -8.30 -16.14
N THR G 126 -16.68 -8.69 -14.92
CA THR G 126 -17.13 -7.98 -13.75
C THR G 126 -16.33 -6.69 -13.60
N PRO G 127 -16.87 -5.71 -12.88
CA PRO G 127 -16.12 -4.46 -12.67
C PRO G 127 -14.79 -4.67 -11.96
N SER G 128 -14.63 -5.73 -11.18
CA SER G 128 -13.32 -6.04 -10.62
C SER G 128 -12.38 -6.62 -11.66
N CYS G 129 -12.92 -7.37 -12.62
CA CYS G 129 -12.13 -7.96 -13.71
C CYS G 129 -12.13 -7.10 -14.96
N ALA G 130 -12.24 -5.78 -14.81
CA ALA G 130 -12.31 -4.86 -15.94
C ALA G 130 -10.97 -4.21 -16.25
N SER G 131 -9.89 -4.67 -15.64
CA SER G 131 -8.55 -4.19 -15.95
C SER G 131 -7.82 -5.23 -16.80
N VAL G 132 -6.70 -4.79 -17.38
CA VAL G 132 -5.99 -5.63 -18.35
C VAL G 132 -5.52 -6.92 -17.69
N LEU G 133 -4.84 -6.80 -16.54
CA LEU G 133 -4.30 -7.98 -15.88
C LEU G 133 -5.41 -8.94 -15.45
N GLU G 134 -6.48 -8.40 -14.85
CA GLU G 134 -7.54 -9.26 -14.36
C GLU G 134 -8.34 -9.88 -15.49
N CYS G 135 -8.58 -9.13 -16.57
CA CYS G 135 -9.27 -9.70 -17.73
C CYS G 135 -8.44 -10.81 -18.37
N LEU G 136 -7.13 -10.58 -18.51
CA LEU G 136 -6.27 -11.62 -19.07
C LEU G 136 -6.22 -12.84 -18.16
N THR G 137 -6.22 -12.62 -16.84
CA THR G 137 -6.25 -13.75 -15.92
C THR G 137 -7.57 -14.52 -16.02
N GLU G 138 -8.68 -13.80 -16.21
CA GLU G 138 -9.97 -14.47 -16.42
C GLU G 138 -9.92 -15.33 -17.68
N LEU G 139 -9.36 -14.77 -18.76
CA LEU G 139 -9.26 -15.52 -20.01
C LEU G 139 -8.36 -16.75 -19.84
N ALA G 140 -7.25 -16.60 -19.12
CA ALA G 140 -6.36 -17.73 -18.88
C ALA G 140 -7.05 -18.81 -18.05
N PHE G 141 -7.79 -18.40 -17.02
CA PHE G 141 -8.50 -19.38 -16.18
C PHE G 141 -9.57 -20.10 -16.99
N GLU G 142 -10.22 -19.40 -17.92
CA GLU G 142 -11.15 -20.06 -18.84
C GLU G 142 -10.41 -21.06 -19.73
N LEU G 143 -9.18 -20.73 -20.11
CA LEU G 143 -8.36 -21.61 -20.92
C LEU G 143 -7.86 -22.84 -20.17
N GLY G 144 -8.03 -22.89 -18.86
CA GLY G 144 -7.47 -23.94 -18.05
C GLY G 144 -6.05 -23.71 -17.60
N MET G 145 -5.47 -22.54 -17.91
CA MET G 145 -4.11 -22.21 -17.51
C MET G 145 -4.14 -21.73 -16.06
N ASN G 146 -4.34 -22.68 -15.14
CA ASN G 146 -4.39 -22.37 -13.72
C ASN G 146 -3.05 -21.92 -13.16
N ASP G 147 -1.96 -22.11 -13.91
CA ASP G 147 -0.63 -21.68 -13.50
C ASP G 147 -0.14 -20.49 -14.33
N ALA G 148 -1.07 -19.64 -14.76
CA ALA G 148 -0.72 -18.51 -15.61
C ALA G 148 0.10 -17.48 -14.83
N PRO G 149 1.00 -16.77 -15.50
CA PRO G 149 1.78 -15.73 -14.82
C PRO G 149 0.89 -14.58 -14.36
N ARG G 150 1.33 -13.91 -13.31
CA ARG G 150 0.58 -12.83 -12.68
C ARG G 150 1.05 -11.45 -13.09
N ARG G 151 1.73 -11.33 -14.23
CA ARG G 151 2.13 -10.04 -14.78
C ARG G 151 1.45 -9.83 -16.12
N LYS G 152 1.38 -8.57 -16.55
CA LYS G 152 0.68 -8.25 -17.80
C LYS G 152 1.35 -8.91 -19.00
N GLY G 153 2.66 -8.71 -19.14
CA GLY G 153 3.39 -9.16 -20.30
C GLY G 153 3.48 -10.67 -20.44
N PRO G 154 3.99 -11.34 -19.40
CA PRO G 154 4.04 -12.81 -19.45
C PRO G 154 2.68 -13.46 -19.65
N LEU G 155 1.64 -12.92 -19.01
CA LEU G 155 0.30 -13.47 -19.21
C LEU G 155 -0.18 -13.26 -20.64
N SER G 156 0.09 -12.08 -21.20
CA SER G 156 -0.29 -11.83 -22.59
C SER G 156 0.42 -12.77 -23.54
N ARG G 157 1.71 -13.02 -23.30
CA ARG G 157 2.45 -13.94 -24.16
C ARG G 157 1.97 -15.38 -23.99
N ALA G 158 1.62 -15.78 -22.76
CA ALA G 158 1.07 -17.11 -22.54
C ALA G 158 -0.26 -17.27 -23.26
N LEU G 159 -1.11 -16.24 -23.21
CA LEU G 159 -2.38 -16.29 -23.94
C LEU G 159 -2.14 -16.35 -25.44
N ARG G 160 -1.16 -15.59 -25.93
CA ARG G 160 -0.82 -15.64 -27.36
C ARG G 160 -0.39 -17.05 -27.76
N ARG G 161 0.43 -17.69 -26.94
CA ARG G 161 0.92 -19.03 -27.26
C ARG G 161 -0.21 -20.06 -27.19
N ARG G 162 -1.06 -19.98 -26.17
CA ARG G 162 -2.09 -20.99 -25.98
C ARG G 162 -3.22 -20.85 -26.99
N LEU G 163 -3.65 -19.61 -27.27
CA LEU G 163 -4.76 -19.37 -28.17
C LEU G 163 -4.40 -19.49 -29.64
N GLU G 164 -3.10 -19.43 -29.98
CA GLU G 164 -2.71 -19.42 -31.38
C GLU G 164 -2.88 -20.80 -32.01
N GLY G 165 -3.24 -20.80 -33.29
CA GLY G 165 -3.40 -22.04 -34.03
C GLY G 165 -4.67 -22.80 -33.75
N THR G 166 -5.60 -22.20 -33.00
CA THR G 166 -6.85 -22.88 -32.65
C THR G 166 -8.06 -22.40 -33.43
N GLN G 167 -8.00 -21.19 -34.01
CA GLN G 167 -9.14 -20.57 -34.67
C GLN G 167 -10.36 -20.55 -33.76
N GLY G 168 -10.12 -20.24 -32.49
CA GLY G 168 -11.14 -20.32 -31.47
C GLY G 168 -12.11 -19.17 -31.50
N LEU G 169 -12.74 -18.92 -30.35
CA LEU G 169 -13.73 -17.86 -30.23
C LEU G 169 -13.75 -17.42 -28.77
N VAL G 170 -13.20 -16.24 -28.50
CA VAL G 170 -13.18 -15.69 -27.15
C VAL G 170 -14.42 -14.82 -26.98
N ILE G 171 -15.37 -15.31 -26.19
CA ILE G 171 -16.65 -14.64 -26.00
C ILE G 171 -16.54 -13.76 -24.77
N ILE G 172 -16.49 -12.44 -24.99
CA ILE G 172 -16.34 -11.48 -23.90
C ILE G 172 -17.76 -11.07 -23.49
N ASP G 173 -18.33 -11.78 -22.54
CA ASP G 173 -19.62 -11.42 -21.99
C ASP G 173 -19.49 -10.16 -21.14
N GLU G 174 -20.53 -9.32 -21.19
CA GLU G 174 -20.56 -8.05 -20.46
C GLU G 174 -19.36 -7.18 -20.83
N ALA G 175 -19.13 -7.06 -22.14
CA ALA G 175 -17.96 -6.34 -22.64
C ALA G 175 -18.07 -4.83 -22.49
N ASP G 176 -19.23 -4.31 -22.09
CA ASP G 176 -19.37 -2.87 -21.93
C ASP G 176 -18.63 -2.33 -20.72
N HIS G 177 -18.20 -3.22 -19.81
CA HIS G 177 -17.41 -2.79 -18.66
C HIS G 177 -15.95 -2.56 -19.01
N LEU G 178 -15.49 -3.08 -20.14
CA LEU G 178 -14.10 -2.91 -20.54
C LEU G 178 -13.81 -1.45 -20.88
N GLY G 179 -12.67 -0.95 -20.43
CA GLY G 179 -12.21 0.37 -20.77
C GLY G 179 -11.52 0.38 -22.12
N ALA G 180 -10.86 1.50 -22.41
CA ALA G 180 -10.11 1.60 -23.66
C ALA G 180 -8.89 0.70 -23.64
N GLU G 181 -8.19 0.63 -22.51
CA GLU G 181 -6.96 -0.15 -22.43
C GLU G 181 -7.23 -1.64 -22.59
N VAL G 182 -8.24 -2.15 -21.89
CA VAL G 182 -8.52 -3.60 -21.94
C VAL G 182 -9.07 -3.98 -23.30
N LEU G 183 -9.95 -3.15 -23.86
CA LEU G 183 -10.46 -3.43 -25.19
C LEU G 183 -9.36 -3.41 -26.23
N GLU G 184 -8.42 -2.47 -26.10
CA GLU G 184 -7.27 -2.42 -26.99
C GLU G 184 -6.41 -3.68 -26.86
N GLU G 185 -6.18 -4.13 -25.62
CA GLU G 185 -5.39 -5.33 -25.41
C GLU G 185 -6.07 -6.56 -26.03
N LEU G 186 -7.37 -6.69 -25.82
CA LEU G 186 -8.09 -7.83 -26.39
C LEU G 186 -8.11 -7.76 -27.91
N ARG G 187 -8.26 -6.56 -28.46
CA ARG G 187 -8.20 -6.37 -29.90
C ARG G 187 -6.86 -6.83 -30.47
N LEU G 188 -5.76 -6.42 -29.83
CA LEU G 188 -4.44 -6.82 -30.32
C LEU G 188 -4.21 -8.31 -30.11
N LEU G 189 -4.74 -8.88 -29.04
CA LEU G 189 -4.64 -10.33 -28.85
C LEU G 189 -5.34 -11.07 -29.98
N GLN G 190 -6.54 -10.61 -30.34
CA GLN G 190 -7.26 -11.24 -31.46
C GLN G 190 -6.50 -11.06 -32.76
N GLU G 191 -5.93 -9.87 -32.99
CA GLU G 191 -5.20 -9.61 -34.22
C GLU G 191 -3.98 -10.52 -34.34
N SER G 192 -3.23 -10.67 -33.25
CA SER G 192 -2.02 -11.50 -33.25
C SER G 192 -2.33 -12.97 -33.06
N THR G 193 -3.59 -13.34 -32.83
CA THR G 193 -3.96 -14.73 -32.60
C THR G 193 -4.86 -15.30 -33.70
N ARG G 194 -5.58 -14.45 -34.44
CA ARG G 194 -6.51 -14.88 -35.48
C ARG G 194 -7.63 -15.74 -34.90
N ILE G 195 -8.36 -15.15 -33.96
CA ILE G 195 -9.50 -15.78 -33.31
C ILE G 195 -10.71 -14.88 -33.46
N GLY G 196 -11.83 -15.30 -32.87
CA GLY G 196 -13.04 -14.52 -32.91
C GLY G 196 -13.40 -13.92 -31.56
N LEU G 197 -13.28 -12.60 -31.45
CA LEU G 197 -13.59 -11.90 -30.21
C LEU G 197 -15.03 -11.39 -30.28
N VAL G 198 -15.92 -12.03 -29.53
CA VAL G 198 -17.34 -11.69 -29.56
C VAL G 198 -17.64 -10.87 -28.32
N LEU G 199 -17.61 -9.55 -28.46
CA LEU G 199 -18.03 -8.67 -27.39
C LEU G 199 -19.54 -8.78 -27.18
N MET G 200 -19.98 -8.58 -25.93
CA MET G 200 -21.37 -8.76 -25.58
C MET G 200 -21.75 -7.79 -24.49
N GLY G 201 -23.06 -7.67 -24.25
CA GLY G 201 -23.57 -6.79 -23.22
C GLY G 201 -24.80 -6.02 -23.64
N ASN G 202 -24.80 -4.71 -23.41
CA ASN G 202 -25.91 -3.83 -23.74
C ASN G 202 -25.46 -2.80 -24.77
N HIS G 203 -26.32 -1.81 -25.02
CA HIS G 203 -26.04 -0.79 -26.03
C HIS G 203 -24.75 -0.03 -25.75
N ARG G 204 -24.28 -0.02 -24.51
CA ARG G 204 -23.05 0.69 -24.18
C ARG G 204 -21.83 0.08 -24.86
N VAL G 205 -21.91 -1.17 -25.33
CA VAL G 205 -20.80 -1.78 -26.04
C VAL G 205 -20.46 -0.98 -27.28
N TYR G 206 -21.48 -0.59 -28.04
CA TYR G 206 -21.26 0.25 -29.22
C TYR G 206 -21.17 1.72 -28.85
N SER G 207 -21.97 2.17 -27.90
CA SER G 207 -21.95 3.57 -27.50
C SER G 207 -20.62 4.00 -26.91
N ASN G 208 -19.82 3.06 -26.42
CA ASN G 208 -18.48 3.39 -25.94
C ASN G 208 -17.53 3.69 -27.08
N MET G 209 -17.82 3.21 -28.28
CA MET G 209 -16.93 3.36 -29.42
C MET G 209 -17.35 4.49 -30.36
N THR G 210 -18.31 5.32 -29.94
CA THR G 210 -18.80 6.41 -30.77
C THR G 210 -19.27 7.53 -29.86
N GLY G 211 -19.29 8.76 -30.39
CA GLY G 211 -19.78 9.89 -29.64
C GLY G 211 -18.81 11.05 -29.50
N GLY G 212 -17.88 11.17 -30.43
CA GLY G 212 -16.94 12.28 -30.40
C GLY G 212 -15.49 11.83 -30.34
N ASN G 213 -14.83 12.08 -29.21
CA ASN G 213 -13.46 11.63 -29.03
C ASN G 213 -13.36 10.11 -28.96
N ARG G 214 -14.47 9.42 -28.69
CA ARG G 214 -14.45 7.97 -28.59
C ARG G 214 -14.46 7.28 -29.95
N THR G 215 -14.75 8.00 -31.03
CA THR G 215 -14.72 7.40 -32.36
C THR G 215 -13.34 7.47 -33.01
N VAL G 216 -12.40 8.21 -32.42
CA VAL G 216 -11.04 8.25 -32.91
C VAL G 216 -10.07 7.47 -32.02
N GLU G 217 -10.36 7.36 -30.72
CA GLU G 217 -9.56 6.49 -29.87
C GLU G 217 -9.88 5.02 -30.12
N PHE G 218 -11.16 4.72 -30.32
CA PHE G 218 -11.62 3.37 -30.64
C PHE G 218 -11.70 3.12 -32.14
N ALA G 219 -10.94 3.86 -32.95
CA ALA G 219 -11.08 3.77 -34.39
C ALA G 219 -10.72 2.39 -34.92
N ARG G 220 -9.57 1.86 -34.50
CA ARG G 220 -9.15 0.54 -34.97
C ARG G 220 -10.10 -0.55 -34.50
N LEU G 221 -10.53 -0.47 -33.23
CA LEU G 221 -11.45 -1.47 -32.70
C LEU G 221 -12.78 -1.44 -33.43
N PHE G 222 -13.28 -0.24 -33.74
CA PHE G 222 -14.51 -0.11 -34.50
C PHE G 222 -14.34 -0.64 -35.92
N SER G 223 -13.18 -0.40 -36.52
CA SER G 223 -12.91 -0.90 -37.87
C SER G 223 -12.83 -2.42 -37.90
N ARG G 224 -12.38 -3.04 -36.80
CA ARG G 224 -12.25 -4.49 -36.75
C ARG G 224 -13.58 -5.20 -36.52
N ILE G 225 -14.64 -4.49 -36.15
CA ILE G 225 -15.93 -5.11 -35.85
C ILE G 225 -16.52 -5.63 -37.16
N ALA G 226 -16.53 -6.96 -37.33
CA ALA G 226 -17.04 -7.54 -38.57
C ALA G 226 -18.56 -7.51 -38.61
N LYS G 227 -19.22 -8.20 -37.69
CA LYS G 227 -20.67 -8.31 -37.68
C LYS G 227 -21.20 -7.89 -36.30
N ARG G 228 -22.19 -7.02 -36.30
CA ARG G 228 -22.84 -6.56 -35.07
C ARG G 228 -24.31 -6.93 -35.11
N THR G 229 -24.79 -7.54 -34.03
CA THR G 229 -26.16 -8.03 -33.95
C THR G 229 -26.91 -7.32 -32.84
N ALA G 230 -28.11 -6.83 -33.15
CA ALA G 230 -28.95 -6.13 -32.20
C ALA G 230 -30.12 -7.01 -31.80
N ILE G 231 -30.31 -7.18 -30.50
CA ILE G 231 -31.44 -7.92 -29.95
C ILE G 231 -32.23 -6.94 -29.10
N ASN G 232 -33.22 -6.29 -29.69
CA ASN G 232 -34.02 -5.31 -28.95
C ASN G 232 -34.94 -6.01 -27.96
N LYS G 233 -35.84 -6.86 -28.45
CA LYS G 233 -36.73 -7.64 -27.61
C LYS G 233 -36.82 -9.05 -28.18
N THR G 234 -37.19 -9.99 -27.31
CA THR G 234 -37.38 -11.36 -27.76
C THR G 234 -38.52 -11.43 -28.78
N LYS G 235 -38.27 -12.12 -29.87
CA LYS G 235 -39.23 -12.18 -30.97
C LYS G 235 -40.36 -13.16 -30.64
N LYS G 236 -41.40 -13.11 -31.47
CA LYS G 236 -42.53 -14.02 -31.30
C LYS G 236 -42.10 -15.47 -31.49
N ALA G 237 -41.20 -15.71 -32.45
CA ALA G 237 -40.70 -17.07 -32.65
C ALA G 237 -39.93 -17.57 -31.44
N ASP G 238 -39.23 -16.68 -30.74
CA ASP G 238 -38.49 -17.08 -29.55
C ASP G 238 -39.42 -17.63 -28.47
N VAL G 239 -40.45 -16.86 -28.12
CA VAL G 239 -41.38 -17.30 -27.09
C VAL G 239 -42.20 -18.49 -27.59
N LYS G 240 -42.49 -18.55 -28.89
CA LYS G 240 -43.20 -19.71 -29.42
C LYS G 240 -42.38 -20.99 -29.24
N ALA G 241 -41.08 -20.93 -29.56
CA ALA G 241 -40.22 -22.09 -29.37
C ALA G 241 -40.09 -22.45 -27.90
N ILE G 242 -40.00 -21.45 -27.03
CA ILE G 242 -39.92 -21.73 -25.59
C ILE G 242 -41.18 -22.41 -25.10
N ALA G 243 -42.35 -21.92 -25.54
CA ALA G 243 -43.61 -22.55 -25.15
C ALA G 243 -43.70 -23.98 -25.69
N ASP G 244 -43.24 -24.19 -26.93
CA ASP G 244 -43.24 -25.55 -27.49
C ASP G 244 -42.35 -26.48 -26.67
N ALA G 245 -41.18 -25.99 -26.25
CA ALA G 245 -40.33 -26.79 -25.38
C ALA G 245 -40.97 -27.00 -24.00
N TRP G 246 -41.83 -26.08 -23.58
CA TRP G 246 -42.54 -26.17 -22.32
C TRP G 246 -43.87 -26.91 -22.43
N GLN G 247 -44.22 -27.39 -23.62
CA GLN G 247 -45.47 -28.10 -23.87
C GLN G 247 -46.68 -27.25 -23.48
N ILE G 248 -46.81 -26.11 -24.15
CA ILE G 248 -47.92 -25.19 -23.95
C ILE G 248 -48.63 -25.01 -25.28
N ASN G 249 -49.93 -25.25 -25.30
CA ASN G 249 -50.72 -25.18 -26.53
C ASN G 249 -51.84 -24.15 -26.48
N GLY G 250 -52.30 -23.75 -25.30
CA GLY G 250 -53.39 -22.78 -25.19
C GLY G 250 -53.08 -21.44 -25.82
N GLU G 251 -54.03 -20.93 -26.61
CA GLU G 251 -53.84 -19.63 -27.25
C GLU G 251 -53.75 -18.52 -26.20
N LYS G 252 -54.59 -18.60 -25.16
CA LYS G 252 -54.51 -17.62 -24.08
C LYS G 252 -53.17 -17.68 -23.37
N GLU G 253 -52.65 -18.90 -23.15
CA GLU G 253 -51.34 -19.05 -22.54
C GLU G 253 -50.26 -18.45 -23.43
N LEU G 254 -50.35 -18.66 -24.74
CA LEU G 254 -49.39 -18.09 -25.67
C LEU G 254 -49.43 -16.57 -25.63
N GLU G 255 -50.64 -16.00 -25.61
CA GLU G 255 -50.77 -14.54 -25.53
C GLU G 255 -50.20 -14.01 -24.22
N LEU G 256 -50.44 -14.71 -23.12
CA LEU G 256 -49.89 -14.29 -21.84
C LEU G 256 -48.37 -14.34 -21.84
N LEU G 257 -47.80 -15.40 -22.43
CA LEU G 257 -46.34 -15.49 -22.53
C LEU G 257 -45.78 -14.36 -23.38
N GLN G 258 -46.46 -14.04 -24.49
CA GLN G 258 -46.02 -12.93 -25.33
C GLN G 258 -46.07 -11.61 -24.57
N GLN G 259 -47.13 -11.40 -23.78
CA GLN G 259 -47.22 -10.18 -22.99
C GLN G 259 -46.12 -10.12 -21.94
N ILE G 260 -45.81 -11.26 -21.31
CA ILE G 260 -44.70 -11.31 -20.36
C ILE G 260 -43.38 -10.98 -21.04
N ALA G 261 -43.23 -11.40 -22.30
CA ALA G 261 -41.99 -11.16 -23.02
C ALA G 261 -41.69 -9.68 -23.16
N GLN G 262 -42.70 -8.87 -23.49
CA GLN G 262 -42.45 -7.46 -23.73
C GLN G 262 -42.09 -6.69 -22.46
N LYS G 263 -42.25 -7.30 -21.28
CA LYS G 263 -41.85 -6.65 -20.04
C LYS G 263 -40.33 -6.51 -19.98
N PRO G 264 -39.81 -5.54 -19.23
CA PRO G 264 -38.36 -5.39 -19.10
C PRO G 264 -37.74 -6.64 -18.48
N GLY G 265 -36.53 -6.95 -18.93
CA GLY G 265 -35.92 -8.22 -18.58
C GLY G 265 -36.70 -9.36 -19.19
N ALA G 266 -36.93 -9.27 -20.50
CA ALA G 266 -37.89 -10.11 -21.21
C ALA G 266 -37.80 -11.59 -20.84
N LEU G 267 -36.68 -12.21 -21.14
CA LEU G 267 -36.61 -13.66 -21.02
C LEU G 267 -36.30 -14.10 -19.60
N ARG G 268 -35.62 -13.27 -18.80
CA ARG G 268 -35.49 -13.57 -17.39
C ARG G 268 -36.86 -13.65 -16.72
N ILE G 269 -37.72 -12.66 -16.99
CA ILE G 269 -39.07 -12.67 -16.43
C ILE G 269 -39.87 -13.83 -16.98
N LEU G 270 -39.74 -14.11 -18.28
CA LEU G 270 -40.49 -15.23 -18.86
C LEU G 270 -40.10 -16.55 -18.22
N ASN G 271 -38.80 -16.77 -18.05
CA ASN G 271 -38.32 -18.00 -17.42
C ASN G 271 -38.77 -18.09 -15.97
N HIS G 272 -38.70 -16.98 -15.23
CA HIS G 272 -39.13 -16.99 -13.84
C HIS G 272 -40.61 -17.33 -13.73
N SER G 273 -41.43 -16.70 -14.57
CA SER G 273 -42.87 -16.97 -14.54
C SER G 273 -43.17 -18.42 -14.91
N LEU G 274 -42.52 -18.94 -15.95
CA LEU G 274 -42.76 -20.32 -16.36
C LEU G 274 -42.35 -21.29 -15.27
N ARG G 275 -41.19 -21.08 -14.65
CA ARG G 275 -40.73 -21.98 -13.60
C ARG G 275 -41.63 -21.91 -12.38
N LEU G 276 -42.07 -20.72 -11.99
CA LEU G 276 -42.98 -20.61 -10.85
C LEU G 276 -44.31 -21.29 -11.13
N ALA G 277 -44.86 -21.10 -12.33
CA ALA G 277 -46.12 -21.74 -12.69
C ALA G 277 -45.97 -23.26 -12.70
N ALA G 278 -44.87 -23.76 -13.25
CA ALA G 278 -44.64 -25.21 -13.28
C ALA G 278 -44.50 -25.77 -11.88
N MET G 279 -43.76 -25.07 -11.00
CA MET G 279 -43.60 -25.52 -9.63
C MET G 279 -44.92 -25.55 -8.89
N THR G 280 -45.73 -24.50 -9.06
CA THR G 280 -47.04 -24.46 -8.40
C THR G 280 -47.95 -25.57 -8.92
N ALA G 281 -47.94 -25.81 -10.23
CA ALA G 281 -48.78 -26.87 -10.81
C ALA G 281 -48.33 -28.24 -10.31
N HIS G 282 -47.01 -28.47 -10.24
CA HIS G 282 -46.52 -29.74 -9.73
C HIS G 282 -46.87 -29.92 -8.26
N GLY G 283 -46.79 -28.85 -7.47
CA GLY G 283 -47.20 -28.94 -6.08
C GLY G 283 -48.68 -29.25 -5.92
N LYS G 284 -49.51 -28.64 -6.78
CA LYS G 284 -50.94 -28.90 -6.76
C LYS G 284 -51.36 -30.10 -7.60
N GLY G 285 -50.42 -30.71 -8.33
CA GLY G 285 -50.73 -31.89 -9.10
C GLY G 285 -51.54 -31.65 -10.35
N GLU G 286 -51.55 -30.43 -10.87
CA GLU G 286 -52.31 -30.09 -12.06
C GLU G 286 -51.36 -29.70 -13.18
N ARG G 287 -51.92 -29.45 -14.36
CA ARG G 287 -51.16 -29.01 -15.52
C ARG G 287 -51.09 -27.49 -15.58
N VAL G 288 -50.01 -26.99 -16.18
CA VAL G 288 -49.83 -25.55 -16.30
C VAL G 288 -50.84 -24.99 -17.30
N ASN G 289 -51.54 -23.94 -16.90
CA ASN G 289 -52.53 -23.30 -17.75
C ASN G 289 -52.36 -21.79 -17.62
N GLU G 290 -53.33 -21.05 -18.15
CA GLU G 290 -53.26 -19.59 -18.11
C GLU G 290 -53.35 -19.05 -16.69
N ASP G 291 -54.07 -19.75 -15.81
CA ASP G 291 -54.24 -19.27 -14.44
C ASP G 291 -52.91 -19.24 -13.69
N TYR G 292 -52.12 -20.32 -13.81
CA TYR G 292 -50.84 -20.37 -13.11
C TYR G 292 -49.86 -19.35 -13.67
N LEU G 293 -49.84 -19.19 -14.99
CA LEU G 293 -48.97 -18.19 -15.60
C LEU G 293 -49.36 -16.78 -15.15
N ARG G 294 -50.67 -16.51 -15.10
CA ARG G 294 -51.12 -15.19 -14.64
C ARG G 294 -50.77 -14.96 -13.19
N GLN G 295 -50.92 -15.99 -12.34
CA GLN G 295 -50.55 -15.85 -10.94
C GLN G 295 -49.05 -15.58 -10.80
N ALA G 296 -48.23 -16.30 -11.55
CA ALA G 296 -46.78 -16.08 -11.49
C ALA G 296 -46.42 -14.68 -11.97
N PHE G 297 -47.07 -14.21 -13.04
CA PHE G 297 -46.75 -12.88 -13.57
C PHE G 297 -47.22 -11.78 -12.62
N ARG G 298 -48.36 -11.97 -11.97
CA ARG G 298 -48.79 -11.01 -10.94
C ARG G 298 -47.85 -11.05 -9.74
N GLU G 299 -47.23 -12.21 -9.49
CA GLU G 299 -46.13 -12.26 -8.55
C GLU G 299 -44.90 -11.59 -9.17
N LEU G 300 -43.79 -11.65 -8.44
CA LEU G 300 -42.51 -11.04 -8.82
C LEU G 300 -42.59 -9.52 -8.69
N ASP G 301 -43.78 -8.99 -8.42
CA ASP G 301 -43.98 -7.59 -8.06
C ASP G 301 -43.33 -6.63 -9.05
N LEU G 302 -43.48 -6.93 -10.34
CA LEU G 302 -42.91 -6.07 -11.37
C LEU G 302 -43.59 -4.71 -11.41
N ASP G 303 -44.90 -4.68 -11.24
CA ASP G 303 -45.67 -3.43 -11.31
C ASP G 303 -45.78 -2.74 -9.95
N VAL G 304 -44.85 -3.02 -9.04
CA VAL G 304 -44.85 -2.39 -7.72
C VAL G 304 -43.97 -1.16 -7.78
N ASP G 305 -44.57 0.02 -7.63
CA ASP G 305 -43.82 1.27 -7.54
C ASP G 305 -43.34 1.44 -6.09
N ILE G 306 -42.36 0.60 -5.73
CA ILE G 306 -41.90 0.52 -4.35
C ILE G 306 -41.22 1.78 -3.86
N SER G 307 -40.88 2.70 -4.76
CA SER G 307 -40.38 4.01 -4.34
C SER G 307 -41.49 4.96 -3.94
N THR G 308 -42.75 4.64 -4.26
CA THR G 308 -43.89 5.43 -3.84
C THR G 308 -44.73 4.76 -2.77
N LEU G 309 -44.61 3.44 -2.62
CA LEU G 309 -45.32 2.76 -1.53
C LEU G 309 -44.82 3.23 -0.18
N LEU G 310 -43.50 3.40 -0.05
CA LEU G 310 -42.94 3.87 1.21
C LEU G 310 -43.27 5.32 1.48
N ARG G 311 -43.28 6.15 0.43
CA ARG G 311 -43.66 7.55 0.60
C ARG G 311 -45.10 7.69 1.07
N ASN G 312 -46.02 6.91 0.50
CA ASN G 312 -47.42 6.98 0.86
C ASN G 312 -47.73 6.07 2.05
N LEU H 67 -40.47 -9.04 35.22
CA LEU H 67 -39.76 -10.19 35.78
C LEU H 67 -39.20 -11.15 34.71
N PRO H 68 -40.00 -11.56 33.72
CA PRO H 68 -39.45 -12.42 32.68
C PRO H 68 -38.42 -11.71 31.82
N GLU H 69 -37.47 -12.48 31.30
CA GLU H 69 -36.44 -11.91 30.45
C GLU H 69 -37.05 -11.43 29.13
N PRO H 70 -36.53 -10.35 28.56
CA PRO H 70 -37.08 -9.85 27.30
C PRO H 70 -36.86 -10.85 26.19
N PRO H 71 -37.79 -10.95 25.24
CA PRO H 71 -37.59 -11.84 24.09
C PRO H 71 -36.60 -11.22 23.10
N ARG H 72 -35.56 -11.99 22.76
CA ARG H 72 -34.54 -11.50 21.84
C ARG H 72 -35.12 -11.26 20.45
N PHE H 73 -36.00 -12.13 19.99
CA PHE H 73 -36.59 -12.02 18.66
C PHE H 73 -37.97 -12.65 18.66
N VAL H 74 -38.90 -12.01 17.94
CA VAL H 74 -40.26 -12.50 17.81
C VAL H 74 -40.62 -12.53 16.34
N GLU H 75 -41.23 -13.64 15.89
CA GLU H 75 -41.56 -13.85 14.49
C GLU H 75 -42.84 -13.08 14.16
N THR H 76 -42.66 -11.82 13.78
CA THR H 76 -43.79 -10.99 13.39
C THR H 76 -44.21 -11.27 11.95
N GLN H 77 -45.32 -10.65 11.54
CA GLN H 77 -45.81 -10.80 10.17
C GLN H 77 -44.83 -10.20 9.17
N THR H 78 -44.24 -9.05 9.51
CA THR H 78 -43.22 -8.46 8.64
C THR H 78 -42.02 -9.37 8.52
N VAL H 79 -41.61 -9.99 9.63
CA VAL H 79 -40.51 -10.96 9.58
C VAL H 79 -40.88 -12.13 8.69
N LYS H 80 -42.12 -12.60 8.77
CA LYS H 80 -42.56 -13.71 7.92
C LYS H 80 -42.51 -13.32 6.44
N GLN H 81 -42.97 -12.11 6.10
CA GLN H 81 -42.92 -11.68 4.71
C GLN H 81 -41.49 -11.54 4.21
N ILE H 82 -40.60 -10.97 5.04
CA ILE H 82 -39.21 -10.83 4.65
C ILE H 82 -38.56 -12.20 4.48
N TRP H 83 -38.90 -13.15 5.36
CA TRP H 83 -38.35 -14.49 5.22
C TRP H 83 -38.87 -15.18 3.98
N THR H 84 -40.14 -14.95 3.62
CA THR H 84 -40.67 -15.49 2.38
C THR H 84 -39.91 -14.91 1.19
N SER H 85 -39.62 -13.61 1.21
CA SER H 85 -38.85 -13.00 0.14
C SER H 85 -37.45 -13.60 0.05
N MET H 86 -36.81 -13.81 1.20
CA MET H 86 -35.46 -14.38 1.21
C MET H 86 -35.47 -15.81 0.70
N ARG H 87 -36.47 -16.61 1.11
CA ARG H 87 -36.57 -17.98 0.61
C ARG H 87 -36.80 -18.00 -0.90
N PHE H 88 -37.65 -17.08 -1.39
CA PHE H 88 -37.86 -17.00 -2.83
C PHE H 88 -36.58 -16.62 -3.57
N ALA H 89 -35.81 -15.69 -3.01
CA ALA H 89 -34.55 -15.30 -3.62
C ALA H 89 -33.56 -16.46 -3.64
N SER H 90 -33.50 -17.23 -2.54
CA SER H 90 -32.57 -18.35 -2.48
C SER H 90 -33.00 -19.51 -3.38
N LEU H 91 -34.30 -19.69 -3.58
CA LEU H 91 -34.79 -20.77 -4.42
C LEU H 91 -34.68 -20.42 -5.90
N THR H 92 -35.28 -19.30 -6.30
CA THR H 92 -35.21 -18.85 -7.69
C THR H 92 -33.80 -18.46 -8.11
N GLU H 93 -32.90 -18.24 -7.15
CA GLU H 93 -31.52 -17.82 -7.43
C GLU H 93 -31.50 -16.52 -8.23
N SER H 94 -32.33 -15.57 -7.81
CA SER H 94 -32.41 -14.26 -8.46
C SER H 94 -32.44 -13.18 -7.39
N ILE H 95 -32.05 -11.97 -7.79
CA ILE H 95 -31.91 -10.86 -6.86
C ILE H 95 -33.29 -10.45 -6.32
N ALA H 96 -33.36 -10.19 -5.02
CA ALA H 96 -34.57 -9.70 -4.38
C ALA H 96 -34.25 -8.42 -3.61
N VAL H 97 -35.26 -7.56 -3.49
CA VAL H 97 -35.12 -6.27 -2.82
C VAL H 97 -36.06 -6.24 -1.62
N VAL H 98 -35.51 -5.93 -0.46
CA VAL H 98 -36.29 -5.75 0.77
C VAL H 98 -35.97 -4.35 1.26
N CYS H 99 -36.77 -3.36 0.85
CA CYS H 99 -36.55 -1.97 1.20
C CYS H 99 -37.78 -1.42 1.90
N GLY H 100 -37.56 -0.62 2.95
CA GLY H 100 -38.67 -0.06 3.69
C GLY H 100 -38.22 1.12 4.52
N ASN H 101 -39.20 1.70 5.23
CA ASN H 101 -38.93 2.78 6.16
C ASN H 101 -38.08 2.27 7.30
N PRO H 102 -37.33 3.15 7.98
CA PRO H 102 -36.42 2.67 9.02
C PRO H 102 -37.15 2.22 10.27
N GLY H 103 -36.54 1.26 10.97
CA GLY H 103 -37.12 0.70 12.16
C GLY H 103 -38.41 -0.06 11.93
N VAL H 104 -38.43 -0.93 10.94
CA VAL H 104 -39.60 -1.76 10.66
C VAL H 104 -39.36 -3.24 10.87
N GLY H 105 -38.12 -3.66 11.10
CA GLY H 105 -37.84 -5.07 11.32
C GLY H 105 -37.19 -5.77 10.15
N LYS H 106 -36.27 -5.08 9.48
CA LYS H 106 -35.59 -5.66 8.31
C LYS H 106 -34.24 -6.25 8.69
N THR H 107 -33.37 -5.45 9.31
CA THR H 107 -32.03 -5.92 9.65
C THR H 107 -32.08 -7.08 10.64
N GLU H 108 -32.95 -6.99 11.65
CA GLU H 108 -33.06 -8.07 12.62
C GLU H 108 -33.65 -9.32 11.98
N ALA H 109 -34.59 -9.15 11.05
CA ALA H 109 -35.11 -10.31 10.32
C ALA H 109 -34.02 -10.98 9.51
N ALA H 110 -33.17 -10.20 8.84
CA ALA H 110 -32.06 -10.77 8.08
C ALA H 110 -31.08 -11.47 9.00
N ARG H 111 -30.78 -10.88 10.15
CA ARG H 111 -29.86 -11.50 11.10
C ARG H 111 -30.42 -12.82 11.62
N GLU H 112 -31.70 -12.85 11.96
CA GLU H 112 -32.31 -14.08 12.46
C GLU H 112 -32.36 -15.15 11.38
N TYR H 113 -32.64 -14.76 10.14
CA TYR H 113 -32.60 -15.69 9.02
C TYR H 113 -31.21 -16.27 8.83
N ARG H 114 -30.18 -15.42 8.93
CA ARG H 114 -28.81 -15.90 8.82
C ARG H 114 -28.47 -16.87 9.94
N ARG H 115 -28.92 -16.57 11.16
CA ARG H 115 -28.63 -17.44 12.29
C ARG H 115 -29.32 -18.80 12.14
N THR H 116 -30.59 -18.81 11.71
CA THR H 116 -31.35 -20.05 11.70
C THR H 116 -31.13 -20.89 10.44
N ASN H 117 -30.53 -20.35 9.39
CA ASN H 117 -30.36 -21.08 8.14
C ASN H 117 -28.89 -21.18 7.77
N ASN H 118 -28.48 -22.36 7.34
CA ASN H 118 -27.11 -22.59 6.90
C ASN H 118 -26.92 -22.07 5.48
N ASN H 119 -25.66 -21.84 5.12
CA ASN H 119 -25.28 -21.33 3.80
C ASN H 119 -26.00 -20.01 3.50
N VAL H 120 -26.10 -19.16 4.50
CA VAL H 120 -26.67 -17.82 4.34
C VAL H 120 -25.68 -16.81 4.92
N TRP H 121 -25.23 -15.89 4.09
CA TRP H 121 -24.21 -14.92 4.47
C TRP H 121 -24.79 -13.51 4.35
N MET H 122 -24.64 -12.73 5.41
CA MET H 122 -25.19 -11.38 5.48
C MET H 122 -24.08 -10.39 5.79
N ILE H 123 -24.03 -9.31 5.00
CA ILE H 123 -23.07 -8.23 5.22
C ILE H 123 -23.83 -6.91 5.18
N THR H 124 -23.22 -5.89 5.78
CA THR H 124 -23.75 -4.54 5.77
C THR H 124 -22.83 -3.63 4.97
N ILE H 125 -23.41 -2.59 4.37
CA ILE H 125 -22.65 -1.70 3.51
C ILE H 125 -22.49 -0.33 4.17
N THR H 126 -21.38 -0.14 4.87
CA THR H 126 -21.01 1.18 5.35
C THR H 126 -20.48 2.03 4.20
N PRO H 127 -20.53 3.34 4.32
CA PRO H 127 -19.96 4.20 3.27
C PRO H 127 -18.47 3.96 3.03
N SER H 128 -17.74 3.43 4.02
CA SER H 128 -16.37 3.03 3.77
C SER H 128 -16.29 1.75 2.96
N CYS H 129 -17.27 0.86 3.12
CA CYS H 129 -17.33 -0.40 2.38
C CYS H 129 -18.24 -0.30 1.17
N ALA H 130 -18.31 0.87 0.55
CA ALA H 130 -19.17 1.09 -0.61
C ALA H 130 -18.41 0.99 -1.93
N SER H 131 -17.17 0.55 -1.91
CA SER H 131 -16.39 0.31 -3.12
C SER H 131 -16.29 -1.18 -3.38
N VAL H 132 -15.90 -1.53 -4.61
CA VAL H 132 -15.91 -2.93 -5.03
C VAL H 132 -14.96 -3.76 -4.16
N LEU H 133 -13.74 -3.27 -3.97
CA LEU H 133 -12.76 -4.03 -3.20
C LEU H 133 -13.21 -4.21 -1.76
N GLU H 134 -13.69 -3.13 -1.13
CA GLU H 134 -14.08 -3.21 0.28
C GLU H 134 -15.35 -4.04 0.46
N CYS H 135 -16.30 -3.92 -0.46
CA CYS H 135 -17.51 -4.73 -0.37
C CYS H 135 -17.19 -6.22 -0.56
N LEU H 136 -16.32 -6.54 -1.51
CA LEU H 136 -15.92 -7.92 -1.70
C LEU H 136 -15.15 -8.45 -0.49
N THR H 137 -14.33 -7.60 0.12
CA THR H 137 -13.62 -8.01 1.33
C THR H 137 -14.60 -8.25 2.49
N GLU H 138 -15.63 -7.41 2.59
CA GLU H 138 -16.67 -7.64 3.60
C GLU H 138 -17.36 -8.97 3.38
N LEU H 139 -17.70 -9.27 2.12
CA LEU H 139 -18.35 -10.54 1.80
C LEU H 139 -17.42 -11.71 2.13
N ALA H 140 -16.14 -11.59 1.80
CA ALA H 140 -15.18 -12.65 2.10
C ALA H 140 -15.04 -12.87 3.60
N PHE H 141 -14.96 -11.78 4.37
CA PHE H 141 -14.87 -11.91 5.82
C PHE H 141 -16.13 -12.55 6.40
N GLU H 142 -17.29 -12.23 5.82
CA GLU H 142 -18.51 -12.93 6.23
C GLU H 142 -18.44 -14.41 5.87
N LEU H 143 -17.83 -14.74 4.73
CA LEU H 143 -17.68 -16.13 4.33
C LEU H 143 -16.75 -16.91 5.24
N GLY H 144 -15.92 -16.23 6.02
CA GLY H 144 -14.99 -16.90 6.91
C GLY H 144 -13.57 -16.97 6.43
N MET H 145 -13.28 -16.50 5.22
CA MET H 145 -11.90 -16.50 4.70
C MET H 145 -11.22 -15.22 5.16
N ASN H 146 -10.50 -15.33 6.28
CA ASN H 146 -9.73 -14.19 6.77
C ASN H 146 -8.45 -13.97 5.99
N ASP H 147 -8.08 -14.89 5.10
CA ASP H 147 -6.89 -14.78 4.27
C ASP H 147 -7.22 -14.47 2.83
N ALA H 148 -8.32 -13.75 2.60
CA ALA H 148 -8.74 -13.45 1.24
C ALA H 148 -7.76 -12.48 0.58
N PRO H 149 -7.57 -12.61 -0.74
CA PRO H 149 -6.69 -11.67 -1.44
C PRO H 149 -7.22 -10.25 -1.41
N ARG H 150 -6.31 -9.29 -1.43
CA ARG H 150 -6.65 -7.88 -1.27
C ARG H 150 -6.79 -7.14 -2.59
N ARG H 151 -6.70 -7.84 -3.71
CA ARG H 151 -6.92 -7.23 -5.03
C ARG H 151 -8.34 -7.50 -5.49
N LYS H 152 -8.78 -6.74 -6.50
CA LYS H 152 -10.13 -6.90 -7.01
C LYS H 152 -10.34 -8.27 -7.63
N GLY H 153 -9.47 -8.65 -8.57
CA GLY H 153 -9.65 -9.84 -9.35
C GLY H 153 -9.52 -11.14 -8.58
N PRO H 154 -8.39 -11.31 -7.87
CA PRO H 154 -8.25 -12.53 -7.05
C PRO H 154 -9.34 -12.67 -5.99
N LEU H 155 -9.76 -11.56 -5.38
CA LEU H 155 -10.85 -11.65 -4.39
C LEU H 155 -12.16 -12.03 -5.06
N SER H 156 -12.44 -11.47 -6.25
CA SER H 156 -13.66 -11.84 -6.96
C SER H 156 -13.64 -13.32 -7.34
N ARG H 157 -12.48 -13.83 -7.75
CA ARG H 157 -12.40 -15.24 -8.12
C ARG H 157 -12.52 -16.13 -6.89
N ALA H 158 -11.94 -15.72 -5.76
CA ALA H 158 -12.09 -16.49 -4.53
C ALA H 158 -13.56 -16.54 -4.09
N LEU H 159 -14.25 -15.40 -4.19
CA LEU H 159 -15.67 -15.38 -3.85
C LEU H 159 -16.47 -16.26 -4.81
N ARG H 160 -16.15 -16.21 -6.10
CA ARG H 160 -16.86 -17.04 -7.07
C ARG H 160 -16.63 -18.53 -6.79
N ARG H 161 -15.41 -18.89 -6.39
CA ARG H 161 -15.12 -20.30 -6.10
C ARG H 161 -15.82 -20.74 -4.82
N ARG H 162 -15.78 -19.93 -3.76
CA ARG H 162 -16.34 -20.35 -2.47
C ARG H 162 -17.86 -20.36 -2.51
N LEU H 163 -18.47 -19.33 -3.09
CA LEU H 163 -19.92 -19.23 -3.12
C LEU H 163 -20.57 -20.21 -4.09
N GLU H 164 -19.81 -20.74 -5.05
CA GLU H 164 -20.39 -21.60 -6.07
C GLU H 164 -20.75 -22.96 -5.48
N GLY H 165 -21.86 -23.53 -5.96
CA GLY H 165 -22.30 -24.84 -5.53
C GLY H 165 -22.98 -24.87 -4.19
N THR H 166 -23.24 -23.72 -3.57
CA THR H 166 -23.87 -23.67 -2.27
C THR H 166 -25.35 -23.28 -2.32
N GLN H 167 -25.79 -22.62 -3.40
CA GLN H 167 -27.15 -22.11 -3.52
C GLN H 167 -27.49 -21.22 -2.32
N GLY H 168 -26.53 -20.40 -1.92
CA GLY H 168 -26.66 -19.60 -0.73
C GLY H 168 -27.56 -18.39 -0.91
N LEU H 169 -27.40 -17.42 -0.01
CA LEU H 169 -28.21 -16.21 -0.03
C LEU H 169 -27.37 -15.09 0.58
N VAL H 170 -26.77 -14.27 -0.28
CA VAL H 170 -25.96 -13.15 0.17
C VAL H 170 -26.88 -11.96 0.37
N ILE H 171 -27.11 -11.60 1.63
CA ILE H 171 -28.05 -10.54 2.01
C ILE H 171 -27.24 -9.26 2.16
N ILE H 172 -27.40 -8.35 1.21
CA ILE H 172 -26.66 -7.08 1.22
C ILE H 172 -27.52 -6.09 2.01
N ASP H 173 -27.27 -6.01 3.31
CA ASP H 173 -27.93 -5.01 4.13
C ASP H 173 -27.40 -3.62 3.80
N GLU H 174 -28.29 -2.63 3.90
CA GLU H 174 -27.97 -1.24 3.57
C GLU H 174 -27.41 -1.13 2.15
N ALA H 175 -28.08 -1.78 1.21
CA ALA H 175 -27.63 -1.81 -0.18
C ALA H 175 -27.82 -0.47 -0.88
N ASP H 176 -28.50 0.49 -0.27
CA ASP H 176 -28.68 1.80 -0.88
C ASP H 176 -27.37 2.57 -1.02
N HIS H 177 -26.35 2.20 -0.24
CA HIS H 177 -25.05 2.87 -0.34
C HIS H 177 -24.23 2.40 -1.52
N LEU H 178 -24.58 1.26 -2.12
CA LEU H 178 -23.82 0.72 -3.23
C LEU H 178 -23.94 1.62 -4.45
N GLY H 179 -22.81 1.83 -5.13
CA GLY H 179 -22.80 2.56 -6.37
C GLY H 179 -23.16 1.67 -7.55
N ALA H 180 -23.06 2.24 -8.74
CA ALA H 180 -23.33 1.46 -9.95
C ALA H 180 -22.29 0.36 -10.12
N GLU H 181 -21.02 0.67 -9.87
CA GLU H 181 -19.96 -0.31 -10.06
C GLU H 181 -20.11 -1.49 -9.11
N VAL H 182 -20.36 -1.21 -7.83
CA VAL H 182 -20.43 -2.28 -6.83
C VAL H 182 -21.69 -3.10 -7.04
N LEU H 183 -22.82 -2.45 -7.33
CA LEU H 183 -24.05 -3.18 -7.59
C LEU H 183 -23.90 -4.07 -8.82
N GLU H 184 -23.23 -3.56 -9.85
CA GLU H 184 -22.99 -4.35 -11.06
C GLU H 184 -22.09 -5.55 -10.74
N GLU H 185 -21.06 -5.35 -9.92
CA GLU H 185 -20.18 -6.46 -9.54
C GLU H 185 -20.94 -7.53 -8.76
N LEU H 186 -21.78 -7.11 -7.79
CA LEU H 186 -22.57 -8.09 -7.03
C LEU H 186 -23.56 -8.80 -7.93
N ARG H 187 -24.17 -8.09 -8.88
CA ARG H 187 -25.08 -8.72 -9.82
C ARG H 187 -24.37 -9.78 -10.65
N LEU H 188 -23.17 -9.46 -11.14
CA LEU H 188 -22.44 -10.44 -11.94
C LEU H 188 -21.96 -11.61 -11.10
N LEU H 189 -21.59 -11.37 -9.85
CA LEU H 189 -21.22 -12.47 -8.95
C LEU H 189 -22.41 -13.39 -8.72
N GLN H 190 -23.59 -12.83 -8.50
CA GLN H 190 -24.79 -13.66 -8.36
C GLN H 190 -25.08 -14.43 -9.64
N GLU H 191 -24.90 -13.78 -10.80
CA GLU H 191 -25.15 -14.44 -12.08
C GLU H 191 -24.23 -15.64 -12.26
N SER H 192 -22.93 -15.44 -12.04
CA SER H 192 -21.94 -16.49 -12.26
C SER H 192 -21.85 -17.47 -11.09
N THR H 193 -22.59 -17.23 -10.01
CA THR H 193 -22.56 -18.10 -8.85
C THR H 193 -23.87 -18.84 -8.60
N ARG H 194 -25.00 -18.31 -9.09
CA ARG H 194 -26.32 -18.90 -8.88
C ARG H 194 -26.69 -18.95 -7.40
N ILE H 195 -26.75 -17.75 -6.80
CA ILE H 195 -27.17 -17.57 -5.43
C ILE H 195 -28.27 -16.51 -5.39
N GLY H 196 -28.72 -16.20 -4.18
CA GLY H 196 -29.75 -15.19 -4.00
C GLY H 196 -29.23 -13.92 -3.35
N LEU H 197 -29.17 -12.84 -4.12
CA LEU H 197 -28.69 -11.55 -3.62
C LEU H 197 -29.88 -10.74 -3.14
N VAL H 198 -29.95 -10.48 -1.84
CA VAL H 198 -31.06 -9.74 -1.24
C VAL H 198 -30.54 -8.35 -0.89
N LEU H 199 -30.89 -7.37 -1.71
CA LEU H 199 -30.56 -5.99 -1.44
C LEU H 199 -31.54 -5.41 -0.43
N MET H 200 -31.03 -4.65 0.54
CA MET H 200 -31.85 -4.10 1.60
C MET H 200 -31.58 -2.60 1.74
N GLY H 201 -32.37 -1.97 2.60
CA GLY H 201 -32.19 -0.55 2.85
C GLY H 201 -33.49 0.22 2.90
N ASN H 202 -33.51 1.38 2.25
CA ASN H 202 -34.66 2.27 2.22
C ASN H 202 -35.12 2.44 0.77
N HIS H 203 -36.03 3.41 0.57
CA HIS H 203 -36.59 3.64 -0.77
C HIS H 203 -35.53 3.98 -1.81
N ARG H 204 -34.35 4.45 -1.38
CA ARG H 204 -33.31 4.80 -2.34
C ARG H 204 -32.74 3.59 -3.06
N VAL H 205 -32.96 2.37 -2.54
CA VAL H 205 -32.50 1.18 -3.23
C VAL H 205 -33.15 1.07 -4.60
N TYR H 206 -34.45 1.31 -4.66
CA TYR H 206 -35.15 1.29 -5.95
C TYR H 206 -34.98 2.60 -6.69
N SER H 207 -35.00 3.73 -5.97
CA SER H 207 -34.86 5.03 -6.60
C SER H 207 -33.51 5.21 -7.29
N ASN H 208 -32.51 4.42 -6.90
CA ASN H 208 -31.22 4.46 -7.57
C ASN H 208 -31.28 3.81 -8.95
N MET H 209 -32.21 2.89 -9.16
CA MET H 209 -32.33 2.15 -10.41
C MET H 209 -33.46 2.67 -11.29
N THR H 210 -33.93 3.89 -11.06
CA THR H 210 -35.04 4.46 -11.82
C THR H 210 -34.94 5.98 -11.77
N GLY H 211 -35.42 6.64 -12.82
CA GLY H 211 -35.47 8.08 -12.84
C GLY H 211 -34.75 8.76 -13.98
N GLY H 212 -34.61 8.08 -15.11
CA GLY H 212 -33.99 8.69 -16.27
C GLY H 212 -32.77 7.94 -16.77
N ASN H 213 -31.59 8.54 -16.62
CA ASN H 213 -30.36 7.85 -17.02
C ASN H 213 -30.07 6.63 -16.15
N ARG H 214 -30.69 6.54 -14.97
CA ARG H 214 -30.41 5.44 -14.06
C ARG H 214 -31.18 4.18 -14.40
N THR H 215 -32.21 4.26 -15.24
CA THR H 215 -32.96 3.06 -15.61
C THR H 215 -32.38 2.35 -16.82
N VAL H 216 -31.39 2.95 -17.50
CA VAL H 216 -30.70 2.29 -18.59
C VAL H 216 -29.32 1.80 -18.18
N GLU H 217 -28.65 2.48 -17.24
CA GLU H 217 -27.40 1.96 -16.70
C GLU H 217 -27.66 0.79 -15.76
N PHE H 218 -28.70 0.87 -14.95
CA PHE H 218 -29.11 -0.20 -14.06
C PHE H 218 -30.13 -1.13 -14.69
N ALA H 219 -30.17 -1.21 -16.02
CA ALA H 219 -31.22 -1.97 -16.69
C ALA H 219 -31.12 -3.46 -16.38
N ARG H 220 -29.93 -4.03 -16.47
CA ARG H 220 -29.76 -5.46 -16.19
C ARG H 220 -30.04 -5.77 -14.73
N LEU H 221 -29.55 -4.92 -13.82
CA LEU H 221 -29.80 -5.14 -12.40
C LEU H 221 -31.28 -5.06 -12.07
N PHE H 222 -31.99 -4.10 -12.66
CA PHE H 222 -33.43 -3.99 -12.47
C PHE H 222 -34.15 -5.20 -13.06
N SER H 223 -33.65 -5.71 -14.18
CA SER H 223 -34.26 -6.89 -14.80
C SER H 223 -34.09 -8.13 -13.95
N ARG H 224 -32.96 -8.25 -13.24
CA ARG H 224 -32.71 -9.43 -12.44
C ARG H 224 -33.45 -9.42 -11.11
N ILE H 225 -34.07 -8.31 -10.73
CA ILE H 225 -34.78 -8.22 -9.46
C ILE H 225 -36.02 -9.10 -9.56
N ALA H 226 -36.00 -10.23 -8.86
CA ALA H 226 -37.11 -11.18 -8.94
C ALA H 226 -38.31 -10.70 -8.13
N LYS H 227 -38.15 -10.57 -6.82
CA LYS H 227 -39.23 -10.18 -5.92
C LYS H 227 -38.78 -8.99 -5.09
N ARG H 228 -39.62 -7.96 -5.04
CA ARG H 228 -39.36 -6.76 -4.24
C ARG H 228 -40.45 -6.61 -3.20
N THR H 229 -40.05 -6.38 -1.95
CA THR H 229 -40.98 -6.31 -0.83
C THR H 229 -40.92 -4.93 -0.20
N ALA H 230 -42.10 -4.33 0.01
CA ALA H 230 -42.23 -3.01 0.60
C ALA H 230 -42.70 -3.12 2.04
N ILE H 231 -41.97 -2.48 2.95
CA ILE H 231 -42.37 -2.38 4.34
C ILE H 231 -42.57 -0.89 4.63
N ASN H 232 -43.80 -0.42 4.44
CA ASN H 232 -44.09 0.99 4.66
C ASN H 232 -44.03 1.34 6.14
N LYS H 233 -44.87 0.70 6.95
CA LYS H 233 -44.89 0.92 8.39
C LYS H 233 -45.12 -0.42 9.08
N THR H 234 -44.78 -0.47 10.37
CA THR H 234 -45.01 -1.68 11.15
C THR H 234 -46.51 -1.95 11.26
N LYS H 235 -46.90 -3.17 10.92
CA LYS H 235 -48.31 -3.53 10.88
C LYS H 235 -48.84 -3.85 12.27
N LYS H 236 -50.17 -3.94 12.37
CA LYS H 236 -50.81 -4.24 13.65
C LYS H 236 -50.44 -5.65 14.12
N ALA H 237 -50.34 -6.60 13.20
CA ALA H 237 -49.98 -7.96 13.57
C ALA H 237 -48.58 -8.02 14.18
N ASP H 238 -47.65 -7.20 13.68
CA ASP H 238 -46.29 -7.21 14.21
C ASP H 238 -46.28 -6.77 15.68
N VAL H 239 -46.91 -5.65 15.98
CA VAL H 239 -46.92 -5.17 17.36
C VAL H 239 -47.76 -6.10 18.24
N LYS H 240 -48.79 -6.72 17.68
CA LYS H 240 -49.54 -7.72 18.45
C LYS H 240 -48.66 -8.91 18.83
N ALA H 241 -47.86 -9.40 17.89
CA ALA H 241 -46.95 -10.50 18.19
C ALA H 241 -45.90 -10.08 19.20
N ILE H 242 -45.38 -8.85 19.08
CA ILE H 242 -44.40 -8.36 20.04
C ILE H 242 -45.00 -8.28 21.44
N ALA H 243 -46.24 -7.78 21.54
CA ALA H 243 -46.90 -7.72 22.84
C ALA H 243 -47.14 -9.11 23.41
N ASP H 244 -47.53 -10.07 22.54
CA ASP H 244 -47.73 -11.43 23.00
C ASP H 244 -46.44 -12.03 23.53
N ALA H 245 -45.32 -11.80 22.83
CA ALA H 245 -44.03 -12.26 23.32
C ALA H 245 -43.59 -11.51 24.58
N TRP H 246 -44.09 -10.30 24.79
CA TRP H 246 -43.77 -9.49 25.96
C TRP H 246 -44.76 -9.71 27.10
N GLN H 247 -45.76 -10.57 26.93
CA GLN H 247 -46.79 -10.85 27.92
C GLN H 247 -47.53 -9.56 28.31
N ILE H 248 -48.17 -8.96 27.31
CA ILE H 248 -48.97 -7.76 27.48
C ILE H 248 -50.38 -8.07 26.99
N ASN H 249 -51.37 -7.83 27.86
CA ASN H 249 -52.76 -8.14 27.54
C ASN H 249 -53.70 -6.95 27.61
N GLY H 250 -53.34 -5.89 28.33
CA GLY H 250 -54.19 -4.72 28.45
C GLY H 250 -54.51 -4.06 27.13
N GLU H 251 -55.79 -3.73 26.91
CA GLU H 251 -56.18 -3.07 25.67
C GLU H 251 -55.56 -1.67 25.56
N LYS H 252 -55.49 -0.95 26.69
CA LYS H 252 -54.84 0.35 26.68
C LYS H 252 -53.36 0.22 26.35
N GLU H 253 -52.69 -0.80 26.89
CA GLU H 253 -51.30 -1.03 26.57
C GLU H 253 -51.13 -1.36 25.09
N LEU H 254 -52.04 -2.17 24.53
CA LEU H 254 -51.97 -2.49 23.11
C LEU H 254 -52.15 -1.24 22.25
N GLU H 255 -53.10 -0.38 22.62
CA GLU H 255 -53.30 0.86 21.86
C GLU H 255 -52.09 1.77 21.97
N LEU H 256 -51.48 1.84 23.15
CA LEU H 256 -50.27 2.65 23.32
C LEU H 256 -49.13 2.11 22.46
N LEU H 257 -48.97 0.79 22.43
CA LEU H 257 -47.93 0.20 21.58
C LEU H 257 -48.20 0.49 20.10
N GLN H 258 -49.46 0.39 19.68
CA GLN H 258 -49.81 0.70 18.31
C GLN H 258 -49.51 2.15 17.97
N GLN H 259 -49.81 3.08 18.88
CA GLN H 259 -49.50 4.48 18.66
C GLN H 259 -47.99 4.70 18.59
N ILE H 260 -47.24 4.00 19.44
CA ILE H 260 -45.78 4.10 19.39
C ILE H 260 -45.25 3.61 18.06
N ALA H 261 -45.88 2.56 17.51
CA ALA H 261 -45.41 2.00 16.25
C ALA H 261 -45.49 3.01 15.11
N GLN H 262 -46.57 3.79 15.04
CA GLN H 262 -46.74 4.72 13.93
C GLN H 262 -45.73 5.87 13.97
N LYS H 263 -45.02 6.04 15.08
CA LYS H 263 -43.99 7.07 15.14
C LYS H 263 -42.82 6.71 14.24
N PRO H 264 -42.04 7.69 13.78
CA PRO H 264 -40.88 7.38 12.94
C PRO H 264 -39.88 6.51 13.68
N GLY H 265 -39.19 5.66 12.92
CA GLY H 265 -38.35 4.65 13.54
C GLY H 265 -39.18 3.66 14.32
N ALA H 266 -40.24 3.16 13.69
CA ALA H 266 -41.31 2.41 14.33
C ALA H 266 -40.84 1.39 15.34
N LEU H 267 -40.13 0.37 14.87
CA LEU H 267 -39.84 -0.76 15.74
C LEU H 267 -38.67 -0.47 16.67
N ARG H 268 -37.74 0.40 16.26
CA ARG H 268 -36.69 0.83 17.17
C ARG H 268 -37.27 1.55 18.38
N ILE H 269 -38.19 2.49 18.14
CA ILE H 269 -38.84 3.20 19.22
C ILE H 269 -39.68 2.26 20.07
N LEU H 270 -40.40 1.33 19.42
CA LEU H 270 -41.21 0.37 20.17
C LEU H 270 -40.33 -0.48 21.09
N ASN H 271 -39.21 -0.98 20.58
CA ASN H 271 -38.31 -1.80 21.38
C ASN H 271 -37.71 -1.00 22.52
N HIS H 272 -37.29 0.25 22.24
CA HIS H 272 -36.71 1.08 23.30
C HIS H 272 -37.72 1.34 24.40
N SER H 273 -38.96 1.69 24.02
CA SER H 273 -39.99 1.95 25.02
C SER H 273 -40.30 0.71 25.84
N LEU H 274 -40.44 -0.44 25.18
CA LEU H 274 -40.74 -1.68 25.91
C LEU H 274 -39.61 -2.04 26.87
N ARG H 275 -38.36 -1.94 26.41
CA ARG H 275 -37.24 -2.29 27.27
C ARG H 275 -37.13 -1.34 28.46
N LEU H 276 -37.32 -0.05 28.24
CA LEU H 276 -37.24 0.91 29.34
C LEU H 276 -38.38 0.68 30.34
N ALA H 277 -39.58 0.41 29.84
CA ALA H 277 -40.70 0.14 30.74
C ALA H 277 -40.45 -1.11 31.56
N ALA H 278 -39.92 -2.16 30.92
CA ALA H 278 -39.60 -3.40 31.64
C ALA H 278 -38.52 -3.16 32.69
N MET H 279 -37.50 -2.39 32.34
CA MET H 279 -36.43 -2.09 33.29
C MET H 279 -36.97 -1.30 34.48
N THR H 280 -37.81 -0.30 34.23
CA THR H 280 -38.38 0.48 35.32
C THR H 280 -39.28 -0.37 36.20
N ALA H 281 -40.08 -1.24 35.60
CA ALA H 281 -40.94 -2.12 36.38
C ALA H 281 -40.14 -3.09 37.23
N HIS H 282 -39.06 -3.64 36.67
CA HIS H 282 -38.21 -4.56 37.42
C HIS H 282 -37.51 -3.83 38.57
N GLY H 283 -37.06 -2.60 38.32
CA GLY H 283 -36.45 -1.82 39.39
C GLY H 283 -37.43 -1.48 40.50
N LYS H 284 -38.67 -1.16 40.13
CA LYS H 284 -39.71 -0.87 41.11
C LYS H 284 -40.42 -2.11 41.62
N GLY H 285 -40.13 -3.28 41.06
CA GLY H 285 -40.73 -4.51 41.52
C GLY H 285 -42.18 -4.72 41.12
N GLU H 286 -42.65 -3.99 40.12
CA GLU H 286 -44.03 -4.09 39.66
C GLU H 286 -44.06 -4.68 38.25
N ARG H 287 -45.27 -4.84 37.72
CA ARG H 287 -45.47 -5.36 36.39
C ARG H 287 -45.63 -4.23 35.38
N VAL H 288 -45.27 -4.50 34.13
CA VAL H 288 -45.39 -3.51 33.07
C VAL H 288 -46.85 -3.26 32.76
N ASN H 289 -47.25 -1.99 32.72
CA ASN H 289 -48.63 -1.61 32.45
C ASN H 289 -48.60 -0.38 31.53
N GLU H 290 -49.76 0.26 31.40
CA GLU H 290 -49.86 1.43 30.52
C GLU H 290 -49.05 2.61 31.04
N ASP H 291 -48.93 2.75 32.36
CA ASP H 291 -48.22 3.90 32.92
C ASP H 291 -46.73 3.85 32.57
N TYR H 292 -46.10 2.68 32.69
CA TYR H 292 -44.68 2.57 32.38
C TYR H 292 -44.41 2.78 30.89
N LEU H 293 -45.27 2.22 30.04
CA LEU H 293 -45.13 2.44 28.60
C LEU H 293 -45.30 3.91 28.25
N ARG H 294 -46.27 4.58 28.88
CA ARG H 294 -46.48 6.00 28.62
C ARG H 294 -45.27 6.82 29.07
N GLN H 295 -44.71 6.50 30.24
CA GLN H 295 -43.52 7.20 30.71
C GLN H 295 -42.35 7.00 29.76
N ALA H 296 -42.15 5.75 29.30
CA ALA H 296 -41.05 5.48 28.37
C ALA H 296 -41.25 6.22 27.05
N PHE H 297 -42.49 6.28 26.56
CA PHE H 297 -42.74 6.96 25.29
C PHE H 297 -42.60 8.47 25.42
N ARG H 298 -43.02 9.03 26.56
CA ARG H 298 -42.78 10.44 26.81
C ARG H 298 -41.30 10.74 26.97
N GLU H 299 -40.52 9.75 27.41
CA GLU H 299 -39.07 9.84 27.34
C GLU H 299 -38.63 9.71 25.88
N LEU H 300 -37.31 9.71 25.69
CA LEU H 300 -36.67 9.65 24.38
C LEU H 300 -36.81 10.97 23.63
N ASP H 301 -37.61 11.88 24.18
CA ASP H 301 -37.73 13.25 23.67
C ASP H 301 -38.00 13.28 22.18
N LEU H 302 -38.89 12.40 21.72
CA LEU H 302 -39.23 12.36 20.30
C LEU H 302 -39.92 13.63 19.85
N ASP H 303 -40.82 14.17 20.68
CA ASP H 303 -41.58 15.36 20.36
C ASP H 303 -40.86 16.65 20.72
N VAL H 304 -39.54 16.61 20.85
CA VAL H 304 -38.75 17.78 21.22
C VAL H 304 -38.20 18.39 19.94
N ASP H 305 -38.67 19.60 19.61
CA ASP H 305 -38.12 20.37 18.50
C ASP H 305 -36.87 21.09 19.01
N ILE H 306 -35.78 20.33 19.10
CA ILE H 306 -34.57 20.78 19.79
C ILE H 306 -33.86 21.83 18.94
N SER H 307 -34.28 21.99 17.69
CA SER H 307 -33.78 23.08 16.85
C SER H 307 -34.47 24.40 17.14
N THR H 308 -35.59 24.38 17.86
CA THR H 308 -36.28 25.60 18.27
C THR H 308 -36.15 25.87 19.76
N LEU H 309 -35.80 24.87 20.57
CA LEU H 309 -35.56 25.12 21.99
C LEU H 309 -34.36 26.04 22.18
N LEU H 310 -33.31 25.86 21.39
CA LEU H 310 -32.12 26.70 21.51
C LEU H 310 -32.39 28.11 21.02
N ARG H 311 -33.18 28.25 19.95
CA ARG H 311 -33.52 29.58 19.45
C ARG H 311 -34.30 30.37 20.49
N ASN H 312 -35.29 29.74 21.13
CA ASN H 312 -36.14 30.44 22.09
C ASN H 312 -35.58 30.30 23.51
N LEU I 67 -7.16 32.90 47.12
CA LEU I 67 -6.03 32.12 47.62
C LEU I 67 -6.07 30.64 47.21
N PRO I 68 -7.20 29.94 47.40
CA PRO I 68 -7.26 28.55 46.97
C PRO I 68 -7.17 28.42 45.46
N GLU I 69 -6.62 27.29 45.02
CA GLU I 69 -6.48 27.03 43.60
C GLU I 69 -7.86 26.85 42.94
N PRO I 70 -8.00 27.28 41.69
CA PRO I 70 -9.29 27.14 41.01
C PRO I 70 -9.67 25.68 40.84
N PRO I 71 -10.96 25.36 40.94
CA PRO I 71 -11.39 23.98 40.70
C PRO I 71 -11.33 23.64 39.22
N ARG I 72 -10.82 22.44 38.92
CA ARG I 72 -10.71 22.02 37.53
C ARG I 72 -12.06 21.67 36.93
N PHE I 73 -12.99 21.17 37.75
CA PHE I 73 -14.30 20.77 37.26
C PHE I 73 -15.27 20.73 38.42
N VAL I 74 -16.52 21.11 38.16
CA VAL I 74 -17.59 21.09 39.16
C VAL I 74 -18.79 20.36 38.56
N GLU I 75 -19.39 19.47 39.35
CA GLU I 75 -20.52 18.66 38.90
C GLU I 75 -21.79 19.49 39.01
N THR I 76 -22.20 20.06 37.88
CA THR I 76 -23.34 20.96 37.84
C THR I 76 -24.60 20.21 37.40
N GLN I 77 -25.73 20.93 37.42
CA GLN I 77 -26.99 20.35 36.98
C GLN I 77 -26.96 20.04 35.49
N THR I 78 -26.42 20.94 34.68
CA THR I 78 -26.26 20.67 33.26
C THR I 78 -25.31 19.50 33.03
N VAL I 79 -24.22 19.45 33.81
CA VAL I 79 -23.29 18.33 33.72
C VAL I 79 -23.99 17.03 34.10
N LYS I 80 -24.82 17.07 35.14
CA LYS I 80 -25.56 15.88 35.55
C LYS I 80 -26.52 15.41 34.46
N GLN I 81 -27.23 16.36 33.82
CA GLN I 81 -28.13 15.99 32.74
C GLN I 81 -27.39 15.40 31.56
N ILE I 82 -26.24 15.99 31.20
CA ILE I 82 -25.45 15.47 30.09
C ILE I 82 -24.93 14.07 30.42
N TRP I 83 -24.49 13.86 31.68
CA TRP I 83 -24.01 12.54 32.09
C TRP I 83 -25.14 11.52 32.07
N THR I 84 -26.35 11.93 32.45
CA THR I 84 -27.50 11.04 32.35
C THR I 84 -27.76 10.66 30.90
N SER I 85 -27.67 11.63 29.99
CA SER I 85 -27.85 11.33 28.57
C SER I 85 -26.77 10.36 28.07
N MET I 86 -25.52 10.56 28.50
CA MET I 86 -24.43 9.68 28.07
C MET I 86 -24.62 8.27 28.61
N ARG I 87 -25.04 8.14 29.88
CA ARG I 87 -25.32 6.83 30.45
C ARG I 87 -26.46 6.16 29.72
N PHE I 88 -27.50 6.91 29.38
CA PHE I 88 -28.62 6.35 28.62
C PHE I 88 -28.17 5.88 27.24
N ALA I 89 -27.29 6.64 26.59
CA ALA I 89 -26.76 6.22 25.30
C ALA I 89 -25.92 4.96 25.42
N SER I 90 -25.11 4.87 26.47
CA SER I 90 -24.25 3.70 26.64
C SER I 90 -25.05 2.46 27.05
N LEU I 91 -26.21 2.66 27.69
CA LEU I 91 -27.02 1.54 28.15
C LEU I 91 -28.00 1.06 27.07
N THR I 92 -28.80 1.97 26.53
CA THR I 92 -29.79 1.63 25.51
C THR I 92 -29.13 1.23 24.19
N GLU I 93 -27.83 1.46 24.03
CA GLU I 93 -27.08 1.08 22.83
C GLU I 93 -27.62 1.81 21.60
N SER I 94 -28.02 3.06 21.79
CA SER I 94 -28.59 3.85 20.71
C SER I 94 -27.99 5.25 20.74
N ILE I 95 -28.07 5.93 19.60
CA ILE I 95 -27.45 7.24 19.43
C ILE I 95 -28.17 8.27 20.28
N ALA I 96 -27.41 9.14 20.93
CA ALA I 96 -27.94 10.26 21.69
C ALA I 96 -27.34 11.57 21.19
N VAL I 97 -28.14 12.63 21.21
CA VAL I 97 -27.72 13.94 20.73
C VAL I 97 -27.68 14.89 21.90
N VAL I 98 -26.53 15.52 22.11
CA VAL I 98 -26.34 16.53 23.16
C VAL I 98 -25.89 17.80 22.45
N CYS I 99 -26.85 18.64 22.08
CA CYS I 99 -26.57 19.89 21.38
C CYS I 99 -27.16 21.07 22.15
N GLY I 100 -26.40 22.15 22.22
CA GLY I 100 -26.83 23.35 22.91
C GLY I 100 -26.10 24.56 22.40
N ASN I 101 -26.40 25.71 23.02
CA ASN I 101 -25.74 26.95 22.68
C ASN I 101 -24.27 26.88 23.05
N PRO I 102 -23.42 27.69 22.40
CA PRO I 102 -21.99 27.65 22.71
C PRO I 102 -21.70 28.02 24.15
N GLY I 103 -20.71 27.35 24.73
CA GLY I 103 -20.28 27.65 26.08
C GLY I 103 -21.30 27.40 27.17
N VAL I 104 -21.94 26.24 27.15
CA VAL I 104 -22.92 25.87 28.17
C VAL I 104 -22.46 24.69 29.01
N GLY I 105 -21.20 24.29 28.90
CA GLY I 105 -20.68 23.20 29.70
C GLY I 105 -20.80 21.83 29.09
N LYS I 106 -20.83 21.73 27.76
CA LYS I 106 -21.01 20.43 27.11
C LYS I 106 -19.68 19.71 26.92
N THR I 107 -18.71 20.38 26.29
CA THR I 107 -17.44 19.72 25.96
C THR I 107 -16.70 19.28 27.21
N GLU I 108 -16.67 20.14 28.24
CA GLU I 108 -15.98 19.76 29.47
C GLU I 108 -16.71 18.66 30.21
N ALA I 109 -18.04 18.64 30.17
CA ALA I 109 -18.78 17.53 30.75
C ALA I 109 -18.45 16.22 30.05
N ALA I 110 -18.37 16.25 28.71
CA ALA I 110 -18.01 15.05 27.97
C ALA I 110 -16.59 14.61 28.29
N ARG I 111 -15.66 15.56 28.39
CA ARG I 111 -14.28 15.22 28.73
C ARG I 111 -14.18 14.61 30.13
N GLU I 112 -14.90 15.18 31.09
CA GLU I 112 -14.88 14.65 32.45
C GLU I 112 -15.49 13.26 32.50
N TYR I 113 -16.58 13.04 31.75
CA TYR I 113 -17.18 11.72 31.68
C TYR I 113 -16.21 10.70 31.09
N ARG I 114 -15.48 11.10 30.04
CA ARG I 114 -14.47 10.21 29.47
C ARG I 114 -13.37 9.92 30.48
N ARG I 115 -12.95 10.92 31.24
CA ARG I 115 -11.89 10.72 32.22
C ARG I 115 -12.32 9.78 33.33
N THR I 116 -13.55 9.91 33.81
CA THR I 116 -14.02 9.17 34.98
C THR I 116 -14.73 7.88 34.63
N ASN I 117 -14.79 7.49 33.36
CA ASN I 117 -15.46 6.26 32.96
C ASN I 117 -14.56 5.45 32.04
N ASN I 118 -14.54 4.14 32.25
CA ASN I 118 -13.79 3.24 31.41
C ASN I 118 -14.58 2.90 30.15
N ASN I 119 -13.85 2.51 29.10
CA ASN I 119 -14.44 2.15 27.81
C ASN I 119 -15.31 3.28 27.27
N VAL I 120 -14.84 4.52 27.40
CA VAL I 120 -15.51 5.68 26.85
C VAL I 120 -14.49 6.46 26.04
N TRP I 121 -14.79 6.69 24.76
CA TRP I 121 -13.86 7.33 23.84
C TRP I 121 -14.50 8.58 23.26
N MET I 122 -13.75 9.69 23.28
CA MET I 122 -14.22 10.99 22.85
C MET I 122 -13.33 11.52 21.74
N ILE I 123 -13.95 11.97 20.65
CA ILE I 123 -13.24 12.65 19.58
C ILE I 123 -14.00 13.92 19.22
N THR I 124 -13.28 14.88 18.66
CA THR I 124 -13.85 16.11 18.16
C THR I 124 -13.77 16.13 16.64
N ILE I 125 -14.77 16.72 16.01
CA ILE I 125 -14.88 16.75 14.56
C ILE I 125 -14.63 18.17 14.09
N THR I 126 -13.50 18.38 13.44
CA THR I 126 -13.12 19.63 12.81
C THR I 126 -13.23 19.51 11.30
N PRO I 127 -13.35 20.62 10.57
CA PRO I 127 -13.47 20.52 9.11
C PRO I 127 -12.31 19.81 8.44
N SER I 128 -11.14 19.76 9.08
CA SER I 128 -10.03 18.99 8.52
C SER I 128 -10.31 17.50 8.59
N CYS I 129 -10.93 17.04 9.68
CA CYS I 129 -11.22 15.62 9.89
C CYS I 129 -12.73 15.35 9.81
N ALA I 130 -13.41 16.00 8.88
CA ALA I 130 -14.85 15.86 8.72
C ALA I 130 -15.24 14.86 7.64
N SER I 131 -14.28 14.14 7.09
CA SER I 131 -14.54 13.08 6.12
C SER I 131 -14.48 11.72 6.78
N VAL I 132 -14.93 10.70 6.05
CA VAL I 132 -15.04 9.36 6.63
C VAL I 132 -13.69 8.84 7.07
N LEU I 133 -12.69 8.91 6.18
CA LEU I 133 -11.38 8.34 6.49
C LEU I 133 -10.73 9.07 7.66
N GLU I 134 -10.77 10.41 7.66
CA GLU I 134 -10.12 11.16 8.73
C GLU I 134 -10.87 11.02 10.05
N CYS I 135 -12.20 10.99 10.01
CA CYS I 135 -12.96 10.79 11.24
C CYS I 135 -12.69 9.42 11.84
N LEU I 136 -12.65 8.39 10.99
CA LEU I 136 -12.33 7.05 11.48
C LEU I 136 -10.90 7.00 12.02
N THR I 137 -9.97 7.72 11.38
CA THR I 137 -8.61 7.80 11.89
C THR I 137 -8.57 8.45 13.27
N GLU I 138 -9.31 9.54 13.45
CA GLU I 138 -9.34 10.19 14.76
C GLU I 138 -9.94 9.28 15.82
N LEU I 139 -11.00 8.56 15.46
CA LEU I 139 -11.60 7.61 16.41
C LEU I 139 -10.61 6.50 16.77
N ALA I 140 -9.87 6.00 15.78
CA ALA I 140 -8.88 4.96 16.05
C ALA I 140 -7.76 5.49 16.94
N PHE I 141 -7.30 6.72 16.69
CA PHE I 141 -6.25 7.31 17.51
C PHE I 141 -6.73 7.51 18.94
N GLU I 142 -8.01 7.86 19.12
CA GLU I 142 -8.57 7.90 20.47
C GLU I 142 -8.59 6.51 21.09
N LEU I 143 -8.83 5.48 20.29
CA LEU I 143 -8.83 4.11 20.77
C LEU I 143 -7.44 3.62 21.17
N GLY I 144 -6.39 4.35 20.82
CA GLY I 144 -5.03 3.91 21.03
C GLY I 144 -4.44 3.13 19.89
N MET I 145 -5.19 2.91 18.81
CA MET I 145 -4.70 2.17 17.64
C MET I 145 -3.87 3.12 16.78
N ASN I 146 -2.66 3.42 17.26
CA ASN I 146 -1.77 4.32 16.54
C ASN I 146 -1.24 3.71 15.24
N ASP I 147 -1.43 2.41 15.02
CA ASP I 147 -1.02 1.74 13.80
C ASP I 147 -2.22 1.31 12.96
N ALA I 148 -3.28 2.12 12.95
CA ALA I 148 -4.48 1.77 12.23
C ALA I 148 -4.25 1.82 10.72
N PRO I 149 -5.00 1.03 9.96
CA PRO I 149 -4.86 1.06 8.50
C PRO I 149 -5.30 2.40 7.92
N ARG I 150 -4.71 2.75 6.77
CA ARG I 150 -4.92 4.03 6.13
C ARG I 150 -6.03 4.02 5.08
N ARG I 151 -6.68 2.89 4.86
CA ARG I 151 -7.79 2.82 3.91
C ARG I 151 -9.12 2.85 4.66
N LYS I 152 -10.18 3.19 3.93
CA LYS I 152 -11.50 3.30 4.54
C LYS I 152 -11.97 1.95 5.09
N GLY I 153 -11.93 0.91 4.26
CA GLY I 153 -12.46 -0.39 4.62
C GLY I 153 -11.71 -1.09 5.73
N PRO I 154 -10.38 -1.25 5.57
CA PRO I 154 -9.60 -1.86 6.65
C PRO I 154 -9.69 -1.09 7.97
N LEU I 155 -9.71 0.23 7.92
CA LEU I 155 -9.84 1.00 9.15
C LEU I 155 -11.22 0.79 9.79
N SER I 156 -12.27 0.75 8.97
CA SER I 156 -13.61 0.50 9.50
C SER I 156 -13.68 -0.89 10.14
N ARG I 157 -13.07 -1.89 9.50
CA ARG I 157 -13.09 -3.24 10.06
C ARG I 157 -12.28 -3.31 11.35
N ALA I 158 -11.14 -2.61 11.40
CA ALA I 158 -10.35 -2.58 12.62
C ALA I 158 -11.13 -1.92 13.75
N LEU I 159 -11.85 -0.83 13.45
CA LEU I 159 -12.68 -0.19 14.46
C LEU I 159 -13.80 -1.11 14.91
N ARG I 160 -14.42 -1.83 13.98
CA ARG I 160 -15.47 -2.77 14.35
C ARG I 160 -14.94 -3.86 15.26
N ARG I 161 -13.74 -4.38 14.97
CA ARG I 161 -13.16 -5.42 15.81
C ARG I 161 -12.77 -4.88 17.19
N ARG I 162 -12.21 -3.67 17.24
CA ARG I 162 -11.71 -3.14 18.50
C ARG I 162 -12.85 -2.71 19.42
N LEU I 163 -13.86 -2.03 18.88
CA LEU I 163 -14.95 -1.51 19.69
C LEU I 163 -15.99 -2.56 20.05
N GLU I 164 -15.99 -3.72 19.38
CA GLU I 164 -17.02 -4.71 19.61
C GLU I 164 -16.81 -5.41 20.95
N GLY I 165 -17.88 -5.54 21.72
CA GLY I 165 -17.83 -6.21 23.00
C GLY I 165 -17.32 -5.37 24.15
N THR I 166 -16.93 -4.12 23.90
CA THR I 166 -16.43 -3.24 24.94
C THR I 166 -17.54 -2.45 25.62
N GLN I 167 -18.76 -2.52 25.11
CA GLN I 167 -19.90 -1.79 25.67
C GLN I 167 -19.59 -0.30 25.78
N GLY I 168 -18.92 0.23 24.76
CA GLY I 168 -18.35 1.56 24.82
C GLY I 168 -19.35 2.67 24.62
N LEU I 169 -18.80 3.89 24.55
CA LEU I 169 -19.61 5.10 24.36
C LEU I 169 -18.76 6.10 23.60
N VAL I 170 -18.96 6.17 22.29
CA VAL I 170 -18.20 7.08 21.43
C VAL I 170 -18.91 8.43 21.43
N ILE I 171 -18.23 9.46 21.92
CA ILE I 171 -18.76 10.81 22.00
C ILE I 171 -18.16 11.62 20.86
N ILE I 172 -19.00 12.07 19.95
CA ILE I 172 -18.55 12.80 18.76
C ILE I 172 -18.77 14.27 19.06
N ASP I 173 -17.74 14.92 19.60
CA ASP I 173 -17.83 16.34 19.93
C ASP I 173 -17.86 17.17 18.66
N GLU I 174 -18.70 18.21 18.66
CA GLU I 174 -18.92 19.08 17.51
C GLU I 174 -19.28 18.25 16.28
N ALA I 175 -20.37 17.49 16.42
CA ALA I 175 -20.81 16.60 15.34
C ALA I 175 -21.56 17.34 14.24
N ASP I 176 -21.82 18.64 14.41
CA ASP I 176 -22.47 19.41 13.36
C ASP I 176 -21.61 19.51 12.10
N HIS I 177 -20.30 19.33 12.23
CA HIS I 177 -19.41 19.38 11.07
C HIS I 177 -19.46 18.11 10.24
N LEU I 178 -20.06 17.04 10.76
CA LEU I 178 -20.14 15.80 10.01
C LEU I 178 -21.10 15.94 8.83
N GLY I 179 -20.72 15.33 7.71
CA GLY I 179 -21.58 15.26 6.55
C GLY I 179 -22.56 14.11 6.63
N ALA I 180 -23.26 13.88 5.51
CA ALA I 180 -24.19 12.76 5.45
C ALA I 180 -23.45 11.44 5.40
N GLU I 181 -22.37 11.36 4.62
CA GLU I 181 -21.63 10.12 4.47
C GLU I 181 -20.99 9.71 5.79
N VAL I 182 -20.36 10.65 6.49
CA VAL I 182 -19.65 10.31 7.73
C VAL I 182 -20.65 9.97 8.82
N LEU I 183 -21.76 10.71 8.90
CA LEU I 183 -22.78 10.39 9.89
C LEU I 183 -23.38 9.01 9.63
N GLU I 184 -23.61 8.68 8.36
CA GLU I 184 -24.10 7.36 8.02
C GLU I 184 -23.11 6.27 8.41
N GLU I 185 -21.82 6.51 8.16
CA GLU I 185 -20.80 5.54 8.53
C GLU I 185 -20.76 5.34 10.04
N LEU I 186 -20.82 6.44 10.80
CA LEU I 186 -20.81 6.32 12.27
C LEU I 186 -22.05 5.60 12.78
N ARG I 187 -23.21 5.87 12.17
CA ARG I 187 -24.43 5.19 12.57
C ARG I 187 -24.33 3.69 12.32
N LEU I 188 -23.81 3.30 11.16
CA LEU I 188 -23.66 1.88 10.87
C LEU I 188 -22.61 1.23 11.76
N LEU I 189 -21.55 1.97 12.10
CA LEU I 189 -20.56 1.46 13.03
C LEU I 189 -21.17 1.20 14.40
N GLN I 190 -22.00 2.13 14.88
CA GLN I 190 -22.68 1.92 16.15
C GLN I 190 -23.65 0.75 16.08
N GLU I 191 -24.37 0.63 14.96
CA GLU I 191 -25.34 -0.45 14.82
C GLU I 191 -24.66 -1.82 14.82
N SER I 192 -23.57 -1.95 14.07
CA SER I 192 -22.86 -3.22 13.98
C SER I 192 -21.88 -3.44 15.12
N THR I 193 -21.72 -2.46 16.02
CA THR I 193 -20.82 -2.60 17.14
C THR I 193 -21.52 -2.61 18.50
N ARG I 194 -22.77 -2.14 18.56
CA ARG I 194 -23.54 -2.11 19.81
C ARG I 194 -22.84 -1.26 20.87
N ILE I 195 -22.62 0.01 20.53
CA ILE I 195 -22.03 0.99 21.42
C ILE I 195 -22.97 2.20 21.49
N GLY I 196 -22.56 3.21 22.25
CA GLY I 196 -23.32 4.43 22.36
C GLY I 196 -22.68 5.60 21.65
N LEU I 197 -23.30 6.07 20.58
CA LEU I 197 -22.79 7.20 19.81
C LEU I 197 -23.47 8.47 20.30
N VAL I 198 -22.69 9.39 20.85
CA VAL I 198 -23.22 10.63 21.40
C VAL I 198 -22.81 11.76 20.47
N LEU I 199 -23.72 12.15 19.58
CA LEU I 199 -23.50 13.34 18.77
C LEU I 199 -23.54 14.57 19.65
N MET I 200 -22.78 15.59 19.26
CA MET I 200 -22.55 16.74 20.12
C MET I 200 -22.36 17.99 19.26
N GLY I 201 -22.60 19.14 19.87
CA GLY I 201 -22.41 20.40 19.18
C GLY I 201 -23.50 21.42 19.43
N ASN I 202 -24.02 22.01 18.36
CA ASN I 202 -25.03 23.05 18.43
C ASN I 202 -26.30 22.59 17.70
N HIS I 203 -27.23 23.52 17.50
CA HIS I 203 -28.52 23.20 16.90
C HIS I 203 -28.37 22.61 15.50
N ARG I 204 -27.24 22.84 14.83
CA ARG I 204 -27.03 22.29 13.49
C ARG I 204 -27.01 20.76 13.50
N VAL I 205 -26.70 20.14 14.64
CA VAL I 205 -26.68 18.68 14.71
C VAL I 205 -28.06 18.11 14.38
N TYR I 206 -29.11 18.71 14.92
CA TYR I 206 -30.47 18.31 14.60
C TYR I 206 -30.97 18.95 13.31
N SER I 207 -30.64 20.23 13.08
CA SER I 207 -31.12 20.92 11.90
C SER I 207 -30.60 20.29 10.61
N ASN I 208 -29.49 19.56 10.68
CA ASN I 208 -29.00 18.82 9.51
C ASN I 208 -29.88 17.63 9.17
N MET I 209 -30.69 17.17 10.13
CA MET I 209 -31.48 15.96 9.97
C MET I 209 -32.96 16.26 9.71
N THR I 210 -33.30 17.50 9.42
CA THR I 210 -34.69 17.90 9.24
C THR I 210 -34.75 19.13 8.35
N GLY I 211 -35.84 19.25 7.58
CA GLY I 211 -36.02 20.42 6.74
C GLY I 211 -36.25 20.14 5.28
N GLY I 212 -36.78 18.97 4.95
CA GLY I 212 -37.09 18.65 3.57
C GLY I 212 -36.46 17.37 3.08
N ASN I 213 -35.53 17.48 2.11
CA ASN I 213 -34.81 16.31 1.64
C ASN I 213 -33.88 15.74 2.71
N ARG I 214 -33.57 16.52 3.75
CA ARG I 214 -32.66 16.04 4.78
C ARG I 214 -33.33 15.08 5.74
N THR I 215 -34.66 15.10 5.84
CA THR I 215 -35.34 14.20 6.77
C THR I 215 -35.68 12.85 6.17
N VAL I 216 -35.46 12.67 4.86
CA VAL I 216 -35.68 11.36 4.23
C VAL I 216 -34.33 10.72 3.97
N GLU I 217 -33.29 11.55 3.76
CA GLU I 217 -31.94 11.03 3.63
C GLU I 217 -31.40 10.60 4.99
N PHE I 218 -31.66 11.39 6.03
CA PHE I 218 -31.24 11.08 7.39
C PHE I 218 -32.31 10.34 8.18
N ALA I 219 -33.21 9.63 7.50
CA ALA I 219 -34.32 8.99 8.20
C ALA I 219 -33.83 7.92 9.17
N ARG I 220 -32.90 7.07 8.70
CA ARG I 220 -32.38 6.01 9.56
C ARG I 220 -31.62 6.58 10.75
N LEU I 221 -30.79 7.60 10.51
CA LEU I 221 -30.03 8.21 11.59
C LEU I 221 -30.95 8.89 12.60
N PHE I 222 -31.99 9.57 12.11
CA PHE I 222 -32.98 10.17 13.01
C PHE I 222 -33.69 9.11 13.83
N SER I 223 -34.03 7.98 13.21
CA SER I 223 -34.66 6.88 13.93
C SER I 223 -33.73 6.31 14.99
N ARG I 224 -32.43 6.29 14.71
CA ARG I 224 -31.46 5.74 15.66
C ARG I 224 -31.35 6.60 16.92
N ILE I 225 -31.67 7.89 16.83
CA ILE I 225 -31.49 8.82 17.93
C ILE I 225 -32.47 8.45 19.04
N ALA I 226 -31.95 7.96 20.17
CA ALA I 226 -32.81 7.58 21.29
C ALA I 226 -33.20 8.79 22.13
N LYS I 227 -32.22 9.44 22.76
CA LYS I 227 -32.46 10.56 23.65
C LYS I 227 -31.71 11.78 23.16
N ARG I 228 -32.39 12.92 23.14
CA ARG I 228 -31.82 14.18 22.70
C ARG I 228 -31.96 15.20 23.82
N THR I 229 -30.87 15.92 24.12
CA THR I 229 -30.83 16.84 25.23
C THR I 229 -30.51 18.25 24.73
N ALA I 230 -31.30 19.22 25.17
CA ALA I 230 -31.13 20.61 24.78
C ALA I 230 -30.59 21.41 25.95
N ILE I 231 -29.53 22.17 25.71
CA ILE I 231 -28.97 23.09 26.70
C ILE I 231 -29.08 24.49 26.11
N ASN I 232 -30.18 25.17 26.43
CA ASN I 232 -30.40 26.50 25.89
C ASN I 232 -29.42 27.51 26.48
N LYS I 233 -29.40 27.62 27.81
CA LYS I 233 -28.51 28.53 28.50
C LYS I 233 -28.13 27.93 29.85
N THR I 234 -27.04 28.45 30.42
CA THR I 234 -26.61 28.00 31.74
C THR I 234 -27.67 28.32 32.78
N LYS I 235 -28.01 27.33 33.60
CA LYS I 235 -29.09 27.49 34.57
C LYS I 235 -28.56 28.12 35.86
N LYS I 236 -29.51 28.52 36.72
CA LYS I 236 -29.16 29.12 38.00
C LYS I 236 -28.44 28.13 38.91
N ALA I 237 -28.87 26.87 38.93
CA ALA I 237 -28.19 25.87 39.75
C ALA I 237 -26.76 25.66 39.27
N ASP I 238 -26.53 25.76 37.96
CA ASP I 238 -25.19 25.60 37.42
C ASP I 238 -24.24 26.66 37.96
N VAL I 239 -24.62 27.93 37.85
CA VAL I 239 -23.76 29.00 38.35
C VAL I 239 -23.68 28.97 39.87
N LYS I 240 -24.75 28.51 40.54
CA LYS I 240 -24.69 28.37 41.99
C LYS I 240 -23.64 27.35 42.39
N ALA I 241 -23.61 26.19 41.71
CA ALA I 241 -22.61 25.18 42.00
C ALA I 241 -21.21 25.68 41.68
N ILE I 242 -21.06 26.42 40.57
CA ILE I 242 -19.76 26.99 40.22
C ILE I 242 -19.28 27.95 41.29
N ALA I 243 -20.18 28.82 41.77
CA ALA I 243 -19.80 29.75 42.82
C ALA I 243 -19.45 29.02 44.11
N ASP I 244 -20.20 27.98 44.44
CA ASP I 244 -19.89 27.19 45.64
C ASP I 244 -18.52 26.55 45.53
N ALA I 245 -18.18 26.01 44.36
CA ALA I 245 -16.84 25.47 44.14
C ALA I 245 -15.78 26.55 44.13
N TRP I 246 -16.15 27.79 43.80
CA TRP I 246 -15.22 28.92 43.78
C TRP I 246 -15.19 29.68 45.09
N GLN I 247 -15.93 29.22 46.11
CA GLN I 247 -16.00 29.87 47.42
C GLN I 247 -16.47 31.33 47.28
N ILE I 248 -17.68 31.49 46.77
CA ILE I 248 -18.32 32.79 46.63
C ILE I 248 -19.64 32.74 47.38
N ASN I 249 -19.83 33.69 48.30
CA ASN I 249 -21.01 33.74 49.14
C ASN I 249 -21.84 35.01 48.99
N GLY I 250 -21.24 36.12 48.56
CA GLY I 250 -21.94 37.37 48.43
C GLY I 250 -23.12 37.32 47.47
N GLU I 251 -24.26 37.87 47.89
CA GLU I 251 -25.44 37.89 47.02
C GLU I 251 -25.19 38.74 45.79
N LYS I 252 -24.51 39.88 45.95
CA LYS I 252 -24.17 40.70 44.80
C LYS I 252 -23.26 39.96 43.83
N GLU I 253 -22.29 39.22 44.37
CA GLU I 253 -21.42 38.41 43.51
C GLU I 253 -22.20 37.35 42.78
N LEU I 254 -23.15 36.71 43.46
CA LEU I 254 -23.99 35.70 42.81
C LEU I 254 -24.82 36.32 41.69
N GLU I 255 -25.40 37.50 41.94
CA GLU I 255 -26.18 38.18 40.91
C GLU I 255 -25.29 38.55 39.72
N LEU I 256 -24.08 39.02 39.99
CA LEU I 256 -23.16 39.36 38.90
C LEU I 256 -22.79 38.13 38.08
N LEU I 257 -22.54 37.00 38.74
CA LEU I 257 -22.24 35.77 38.02
C LEU I 257 -23.44 35.32 37.18
N GLN I 258 -24.64 35.44 37.74
CA GLN I 258 -25.84 35.08 36.99
C GLN I 258 -26.01 35.96 35.75
N GLN I 259 -25.76 37.27 35.90
CA GLN I 259 -25.84 38.17 34.76
C GLN I 259 -24.78 37.83 33.71
N ILE I 260 -23.57 37.46 34.16
CA ILE I 260 -22.51 37.07 33.25
C ILE I 260 -22.92 35.80 32.48
N ALA I 261 -23.62 34.89 33.15
CA ALA I 261 -23.98 33.62 32.53
C ALA I 261 -24.86 33.82 31.30
N GLN I 262 -25.83 34.74 31.40
CA GLN I 262 -26.77 34.92 30.28
C GLN I 262 -26.11 35.51 29.05
N LYS I 263 -24.88 36.01 29.15
CA LYS I 263 -24.18 36.55 28.00
C LYS I 263 -23.82 35.42 27.02
N PRO I 264 -23.63 35.76 25.75
CA PRO I 264 -23.22 34.73 24.77
C PRO I 264 -21.89 34.10 25.16
N GLY I 265 -21.74 32.82 24.83
CA GLY I 265 -20.61 32.06 25.30
C GLY I 265 -20.66 31.92 26.80
N ALA I 266 -21.82 31.52 27.31
CA ALA I 266 -22.18 31.59 28.73
C ALA I 266 -21.09 31.14 29.68
N LEU I 267 -20.74 29.86 29.63
CA LEU I 267 -19.83 29.33 30.63
C LEU I 267 -18.37 29.64 30.29
N ARG I 268 -18.05 29.79 29.01
CA ARG I 268 -16.72 30.26 28.64
C ARG I 268 -16.47 31.66 29.22
N ILE I 269 -17.43 32.56 29.05
CA ILE I 269 -17.30 33.91 29.59
C ILE I 269 -17.28 33.88 31.11
N LEU I 270 -18.12 33.06 31.73
CA LEU I 270 -18.14 32.98 33.18
C LEU I 270 -16.81 32.50 33.73
N ASN I 271 -16.25 31.45 33.12
CA ASN I 271 -14.95 30.93 33.56
C ASN I 271 -13.84 31.96 33.35
N HIS I 272 -13.85 32.64 32.20
CA HIS I 272 -12.84 33.66 31.95
C HIS I 272 -12.91 34.77 32.99
N SER I 273 -14.12 35.25 33.28
CA SER I 273 -14.27 36.31 34.27
C SER I 273 -13.83 35.86 35.65
N LEU I 274 -14.22 34.64 36.05
CA LEU I 274 -13.82 34.14 37.37
C LEU I 274 -12.32 33.99 37.48
N ARG I 275 -11.67 33.44 36.44
CA ARG I 275 -10.23 33.25 36.49
C ARG I 275 -9.49 34.57 36.50
N LEU I 276 -9.94 35.55 35.69
CA LEU I 276 -9.29 36.85 35.70
C LEU I 276 -9.45 37.55 37.05
N ALA I 277 -10.66 37.47 37.64
CA ALA I 277 -10.86 38.08 38.94
C ALA I 277 -10.00 37.41 40.01
N ALA I 278 -9.90 36.08 39.97
CA ALA I 278 -9.06 35.38 40.95
C ALA I 278 -7.59 35.74 40.78
N MET I 279 -7.12 35.83 39.52
CA MET I 279 -5.73 36.20 39.28
C MET I 279 -5.45 37.62 39.77
N THR I 280 -6.37 38.55 39.51
CA THR I 280 -6.18 39.92 39.98
C THR I 280 -6.18 39.99 41.50
N ALA I 281 -7.07 39.25 42.14
CA ALA I 281 -7.12 39.24 43.60
C ALA I 281 -5.85 38.65 44.19
N HIS I 282 -5.34 37.56 43.59
CA HIS I 282 -4.10 36.97 44.07
C HIS I 282 -2.92 37.92 43.87
N GLY I 283 -2.90 38.63 42.75
CA GLY I 283 -1.86 39.63 42.54
C GLY I 283 -1.92 40.76 43.56
N LYS I 284 -3.13 41.20 43.90
CA LYS I 284 -3.31 42.23 44.91
C LYS I 284 -3.39 41.67 46.32
N GLY I 285 -3.42 40.35 46.49
CA GLY I 285 -3.43 39.76 47.81
C GLY I 285 -4.73 39.90 48.57
N GLU I 286 -5.84 40.13 47.87
CA GLU I 286 -7.15 40.29 48.50
C GLU I 286 -8.07 39.16 48.07
N ARG I 287 -9.27 39.15 48.65
CA ARG I 287 -10.27 38.15 48.34
C ARG I 287 -11.14 38.60 47.17
N VAL I 288 -11.64 37.62 46.41
CA VAL I 288 -12.49 37.92 45.26
C VAL I 288 -13.85 38.40 45.76
N ASN I 289 -14.30 39.53 45.23
CA ASN I 289 -15.59 40.10 45.60
C ASN I 289 -16.25 40.64 44.33
N GLU I 290 -17.30 41.43 44.51
CA GLU I 290 -18.05 41.96 43.37
C GLU I 290 -17.20 42.89 42.51
N ASP I 291 -16.27 43.63 43.12
CA ASP I 291 -15.46 44.58 42.37
C ASP I 291 -14.58 43.86 41.34
N TYR I 292 -13.91 42.79 41.76
CA TYR I 292 -13.03 42.06 40.85
C TYR I 292 -13.83 41.39 39.73
N LEU I 293 -14.97 40.79 40.07
CA LEU I 293 -15.81 40.18 39.04
C LEU I 293 -16.31 41.21 38.04
N ARG I 294 -16.73 42.38 38.53
CA ARG I 294 -17.18 43.44 37.63
C ARG I 294 -16.05 43.92 36.73
N GLN I 295 -14.85 44.09 37.29
CA GLN I 295 -13.71 44.50 36.48
C GLN I 295 -13.38 43.47 35.42
N ALA I 296 -13.39 42.19 35.78
CA ALA I 296 -13.13 41.14 34.80
C ALA I 296 -14.19 41.12 33.71
N PHE I 297 -15.47 41.31 34.08
CA PHE I 297 -16.53 41.30 33.08
C PHE I 297 -16.42 42.49 32.14
N ARG I 298 -16.10 43.67 32.69
CA ARG I 298 -15.87 44.83 31.83
C ARG I 298 -14.65 44.64 30.95
N GLU I 299 -13.71 43.80 31.39
CA GLU I 299 -12.60 43.40 30.53
C GLU I 299 -13.11 42.40 29.50
N LEU I 300 -12.18 41.81 28.74
CA LEU I 300 -12.44 40.85 27.66
C LEU I 300 -13.10 41.50 26.44
N ASP I 301 -13.44 42.79 26.51
CA ASP I 301 -14.01 43.52 25.38
C ASP I 301 -15.25 42.82 24.82
N LEU I 302 -16.09 42.30 25.72
CA LEU I 302 -17.30 41.61 25.28
C LEU I 302 -18.30 42.58 24.67
N ASP I 303 -18.39 43.81 25.20
CA ASP I 303 -19.34 44.80 24.72
C ASP I 303 -18.71 45.77 23.73
N VAL I 304 -17.48 45.53 23.32
CA VAL I 304 -16.78 46.39 22.39
C VAL I 304 -17.15 45.97 20.97
N ASP I 305 -17.82 46.87 20.23
CA ASP I 305 -18.27 46.59 18.87
C ASP I 305 -17.15 46.96 17.91
N ILE I 306 -16.35 45.96 17.54
CA ILE I 306 -15.25 46.18 16.61
C ILE I 306 -15.75 46.71 15.27
N SER I 307 -17.00 46.35 14.90
CA SER I 307 -17.52 46.76 13.60
C SER I 307 -17.68 48.28 13.50
N THR I 308 -18.16 48.92 14.57
CA THR I 308 -18.46 50.34 14.49
C THR I 308 -17.27 51.24 14.85
N LEU I 309 -16.31 50.75 15.63
CA LEU I 309 -15.19 51.59 16.02
C LEU I 309 -14.20 51.79 14.86
N LEU I 310 -13.97 50.75 14.05
CA LEU I 310 -13.01 50.86 12.97
C LEU I 310 -13.52 51.76 11.85
N ARG I 311 -14.77 51.57 11.43
CA ARG I 311 -15.32 52.39 10.36
C ARG I 311 -15.46 53.85 10.78
N ASN I 312 -15.88 54.09 12.01
CA ASN I 312 -16.05 55.46 12.50
C ASN I 312 -14.74 55.99 13.10
#